data_2HVZ
#
_entry.id   2HVZ
#
_entity_poly.entity_id   1
_entity_poly.type   'polypeptide(L)'
_entity_poly.pdbx_seq_one_letter_code
;MKVYVGNLGTGAGKGELERAFSYYGPLRTVWIARNPPGFAFVEFEDPRDAEDAVRGLDGKVICGSRVRVELSTGMPRRSR
FDRPPARRKLLEVLFNGPLEH
;
_entity_poly.pdbx_strand_id   A
#
# COMPACT_ATOMS: atom_id res chain seq x y z
N MET A 1 1.54 0.49 -9.10
CA MET A 1 0.93 0.22 -7.81
C MET A 1 0.36 1.50 -7.20
N LYS A 2 -0.71 1.36 -6.42
CA LYS A 2 -1.34 2.50 -5.77
C LYS A 2 -1.18 2.44 -4.26
N VAL A 3 -0.89 3.58 -3.65
CA VAL A 3 -0.71 3.66 -2.21
C VAL A 3 -1.51 4.81 -1.61
N TYR A 4 -2.01 4.60 -0.39
CA TYR A 4 -2.80 5.62 0.29
C TYR A 4 -2.21 5.92 1.68
N VAL A 5 -1.54 7.06 1.79
CA VAL A 5 -0.94 7.48 3.05
C VAL A 5 -1.62 8.73 3.60
N GLY A 6 -2.46 8.54 4.61
CA GLY A 6 -3.17 9.65 5.21
C GLY A 6 -2.87 9.81 6.69
N ASN A 7 -3.79 10.41 7.42
CA ASN A 7 -3.62 10.62 8.85
C ASN A 7 -2.43 11.54 9.13
N LEU A 8 -2.53 12.79 8.67
CA LEU A 8 -1.47 13.77 8.87
C LEU A 8 -1.88 14.81 9.90
N GLY A 9 -1.72 14.47 11.18
CA GLY A 9 -2.07 15.40 12.24
C GLY A 9 -1.19 15.23 13.46
N THR A 10 0.12 15.29 13.26
CA THR A 10 1.08 15.14 14.35
C THR A 10 2.51 15.34 13.87
N GLY A 11 2.68 16.27 12.92
CA GLY A 11 4.00 16.53 12.40
C GLY A 11 4.43 15.51 11.36
N ALA A 12 3.46 14.84 10.76
CA ALA A 12 3.75 13.82 9.75
C ALA A 12 2.93 14.06 8.48
N GLY A 13 3.59 14.56 7.44
CA GLY A 13 2.91 14.83 6.19
C GLY A 13 3.68 14.33 4.99
N LYS A 14 3.93 15.22 4.03
CA LYS A 14 4.66 14.87 2.82
C LYS A 14 6.09 14.48 3.16
N GLY A 15 6.76 15.30 3.97
CA GLY A 15 8.13 15.01 4.35
C GLY A 15 8.26 13.71 5.10
N GLU A 16 7.33 13.45 6.01
CA GLU A 16 7.35 12.23 6.80
C GLU A 16 7.18 11.01 5.90
N LEU A 17 6.07 10.98 5.16
CA LEU A 17 5.78 9.86 4.26
C LEU A 17 6.87 9.73 3.20
N GLU A 18 7.46 10.85 2.83
CA GLU A 18 8.51 10.86 1.81
C GLU A 18 9.76 10.13 2.32
N ARG A 19 10.20 10.49 3.52
CA ARG A 19 11.38 9.88 4.11
C ARG A 19 11.15 8.38 4.35
N ALA A 20 9.97 8.04 4.84
CA ALA A 20 9.64 6.64 5.11
C ALA A 20 9.64 5.83 3.83
N PHE A 21 8.77 6.17 2.90
CA PHE A 21 8.66 5.46 1.63
C PHE A 21 10.03 5.36 0.96
N SER A 22 10.76 6.46 0.92
CA SER A 22 12.08 6.50 0.31
C SER A 22 13.04 5.58 1.05
N TYR A 23 12.99 5.62 2.38
CA TYR A 23 13.86 4.80 3.21
C TYR A 23 13.68 3.31 2.88
N TYR A 24 12.42 2.91 2.68
CA TYR A 24 12.12 1.52 2.36
C TYR A 24 12.53 1.19 0.93
N GLY A 25 12.34 2.14 0.03
CA GLY A 25 12.69 1.94 -1.36
C GLY A 25 12.21 3.06 -2.26
N PRO A 26 12.82 3.16 -3.46
CA PRO A 26 12.46 4.19 -4.43
C PRO A 26 11.08 3.97 -5.03
N LEU A 27 10.14 4.87 -4.73
CA LEU A 27 8.79 4.77 -5.25
C LEU A 27 8.68 5.42 -6.63
N ARG A 28 7.46 5.49 -7.14
CA ARG A 28 7.22 6.09 -8.45
C ARG A 28 7.00 7.60 -8.33
N THR A 29 6.13 7.99 -7.40
CA THR A 29 5.82 9.40 -7.19
C THR A 29 5.00 9.59 -5.91
N VAL A 30 5.11 10.78 -5.32
CA VAL A 30 4.39 11.09 -4.10
C VAL A 30 3.49 12.31 -4.30
N TRP A 31 2.33 12.29 -3.65
CA TRP A 31 1.38 13.40 -3.75
C TRP A 31 0.59 13.55 -2.45
N ILE A 32 0.11 14.77 -2.20
CA ILE A 32 -0.66 15.05 -1.00
C ILE A 32 -2.04 15.61 -1.34
N ALA A 33 -3.01 15.34 -0.48
CA ALA A 33 -4.37 15.82 -0.68
C ALA A 33 -4.71 16.95 0.26
N ARG A 34 -4.74 18.18 -0.25
CA ARG A 34 -5.06 19.34 0.55
C ARG A 34 -6.54 19.40 0.87
N ASN A 35 -7.35 18.80 0.01
CA ASN A 35 -8.80 18.79 0.20
C ASN A 35 -9.16 18.33 1.61
N PRO A 36 -8.77 17.09 1.95
CA PRO A 36 -9.05 16.51 3.27
C PRO A 36 -8.23 17.17 4.37
N PRO A 37 -8.57 16.87 5.62
CA PRO A 37 -7.88 17.42 6.79
C PRO A 37 -6.47 16.85 6.96
N GLY A 38 -6.27 15.65 6.45
CA GLY A 38 -4.96 15.02 6.54
C GLY A 38 -4.89 13.70 5.79
N PHE A 39 -4.81 13.79 4.46
CA PHE A 39 -4.73 12.59 3.63
C PHE A 39 -3.79 12.80 2.45
N ALA A 40 -2.98 11.79 2.16
CA ALA A 40 -2.03 11.87 1.06
C ALA A 40 -2.01 10.56 0.26
N PHE A 41 -1.58 10.66 -0.99
CA PHE A 41 -1.51 9.50 -1.86
C PHE A 41 -0.10 9.30 -2.41
N VAL A 42 0.30 8.05 -2.58
CA VAL A 42 1.63 7.73 -3.10
C VAL A 42 1.56 6.61 -4.14
N GLU A 43 2.44 6.68 -5.13
CA GLU A 43 2.48 5.67 -6.18
C GLU A 43 3.80 4.91 -6.15
N PHE A 44 3.70 3.59 -6.04
CA PHE A 44 4.89 2.74 -6.00
C PHE A 44 5.09 2.01 -7.33
N GLU A 45 6.22 2.27 -7.97
CA GLU A 45 6.54 1.64 -9.25
C GLU A 45 6.37 0.13 -9.17
N ASP A 46 6.66 -0.43 -8.00
CA ASP A 46 6.54 -1.87 -7.80
C ASP A 46 5.69 -2.18 -6.57
N PRO A 47 5.00 -3.32 -6.59
CA PRO A 47 4.14 -3.75 -5.49
C PRO A 47 4.94 -4.15 -4.25
N ARG A 48 6.03 -4.89 -4.47
CA ARG A 48 6.87 -5.34 -3.37
C ARG A 48 7.24 -4.18 -2.46
N ASP A 49 7.69 -3.08 -3.05
CA ASP A 49 8.07 -1.89 -2.28
C ASP A 49 6.88 -1.36 -1.49
N ALA A 50 5.69 -1.46 -2.07
CA ALA A 50 4.47 -0.98 -1.41
C ALA A 50 4.09 -1.90 -0.24
N GLU A 51 4.20 -3.21 -0.47
CA GLU A 51 3.87 -4.18 0.56
C GLU A 51 4.76 -4.02 1.79
N ASP A 52 6.06 -3.90 1.55
CA ASP A 52 7.01 -3.73 2.63
C ASP A 52 6.85 -2.38 3.31
N ALA A 53 6.67 -1.34 2.50
CA ALA A 53 6.49 0.02 3.02
C ALA A 53 5.22 0.12 3.85
N VAL A 54 4.09 -0.21 3.24
CA VAL A 54 2.80 -0.14 3.93
C VAL A 54 2.82 -0.99 5.21
N ARG A 55 3.21 -2.25 5.07
CA ARG A 55 3.27 -3.15 6.21
C ARG A 55 4.19 -2.59 7.30
N GLY A 56 5.30 -1.98 6.87
CA GLY A 56 6.24 -1.42 7.82
C GLY A 56 5.70 -0.18 8.51
N LEU A 57 5.46 0.86 7.73
CA LEU A 57 4.94 2.11 8.28
C LEU A 57 3.67 1.87 9.09
N ASP A 58 2.69 1.22 8.47
CA ASP A 58 1.43 0.93 9.13
C ASP A 58 1.65 -0.03 10.30
N GLY A 59 2.56 -0.99 10.11
CA GLY A 59 2.85 -1.95 11.15
C GLY A 59 3.61 -1.35 12.31
N LYS A 60 4.20 -0.19 12.08
CA LYS A 60 4.97 0.50 13.12
C LYS A 60 5.23 1.95 12.74
N VAL A 61 4.85 2.86 13.62
CA VAL A 61 5.03 4.29 13.37
C VAL A 61 6.46 4.58 12.88
N ILE A 62 6.64 5.75 12.30
CA ILE A 62 7.96 6.15 11.79
C ILE A 62 8.43 7.44 12.46
N CYS A 63 9.52 7.32 13.22
CA CYS A 63 10.09 8.48 13.91
C CYS A 63 9.01 9.22 14.70
N GLY A 64 8.14 8.46 15.37
CA GLY A 64 7.08 9.06 16.14
C GLY A 64 5.95 9.59 15.28
N SER A 65 5.72 8.94 14.14
CA SER A 65 4.66 9.35 13.22
C SER A 65 3.76 8.18 12.88
N ARG A 66 2.63 8.08 13.60
CA ARG A 66 1.67 7.01 13.37
C ARG A 66 0.81 7.29 12.14
N VAL A 67 1.46 7.35 10.98
CA VAL A 67 0.75 7.62 9.73
C VAL A 67 -0.13 6.44 9.34
N ARG A 68 -1.13 6.71 8.50
CA ARG A 68 -2.05 5.67 8.05
C ARG A 68 -1.78 5.30 6.59
N VAL A 69 -1.19 4.13 6.38
CA VAL A 69 -0.88 3.66 5.04
C VAL A 69 -1.80 2.51 4.64
N GLU A 70 -2.21 2.51 3.37
CA GLU A 70 -3.10 1.46 2.86
C GLU A 70 -2.77 1.14 1.41
N LEU A 71 -3.28 0.01 0.93
CA LEU A 71 -3.05 -0.40 -0.45
C LEU A 71 -4.35 -0.40 -1.25
N SER A 72 -4.36 0.36 -2.34
CA SER A 72 -5.55 0.45 -3.18
C SER A 72 -5.73 -0.82 -4.01
N THR A 73 -4.62 -1.38 -4.48
CA THR A 73 -4.66 -2.60 -5.29
C THR A 73 -3.40 -3.43 -5.08
N GLY A 74 -3.57 -4.74 -5.04
CA GLY A 74 -2.43 -5.63 -4.85
C GLY A 74 -2.25 -6.05 -3.40
N MET A 75 -3.33 -6.00 -2.64
CA MET A 75 -3.29 -6.37 -1.23
C MET A 75 -4.42 -7.33 -0.88
N PRO A 76 -4.16 -8.64 -1.09
CA PRO A 76 -5.15 -9.69 -0.82
C PRO A 76 -5.40 -9.87 0.68
N ARG A 77 -6.65 -9.68 1.10
CA ARG A 77 -7.02 -9.81 2.50
C ARG A 77 -8.14 -10.84 2.67
N ARG A 78 -8.35 -11.27 3.91
CA ARG A 78 -9.39 -12.26 4.20
C ARG A 78 -10.70 -11.57 4.56
N SER A 79 -10.65 -10.26 4.73
CA SER A 79 -11.84 -9.48 5.07
C SER A 79 -12.83 -9.46 3.91
N ARG A 80 -13.87 -8.65 4.05
CA ARG A 80 -14.90 -8.54 3.01
C ARG A 80 -14.43 -7.61 1.90
N PHE A 81 -13.24 -7.85 1.38
CA PHE A 81 -12.68 -7.03 0.31
C PHE A 81 -13.50 -7.19 -0.97
N ASP A 82 -14.01 -6.07 -1.48
CA ASP A 82 -14.80 -6.08 -2.70
C ASP A 82 -13.92 -5.91 -3.93
N ARG A 83 -12.98 -4.98 -3.85
CA ARG A 83 -12.07 -4.70 -4.95
C ARG A 83 -11.07 -5.85 -5.13
N PRO A 84 -11.00 -6.39 -6.35
CA PRO A 84 -10.09 -7.48 -6.68
C PRO A 84 -8.63 -7.06 -6.68
N PRO A 85 -7.86 -7.56 -5.70
CA PRO A 85 -6.43 -7.23 -5.57
C PRO A 85 -5.60 -7.85 -6.69
N ALA A 86 -4.47 -7.22 -6.98
CA ALA A 86 -3.57 -7.71 -8.03
C ALA A 86 -2.42 -8.51 -7.44
N ARG A 87 -2.64 -9.80 -7.25
CA ARG A 87 -1.62 -10.68 -6.69
C ARG A 87 -0.84 -11.39 -7.79
N ARG A 88 -1.56 -12.09 -8.66
CA ARG A 88 -0.94 -12.82 -9.77
C ARG A 88 -1.84 -12.81 -11.00
N LYS A 89 -1.48 -13.61 -11.99
CA LYS A 89 -2.26 -13.70 -13.22
C LYS A 89 -3.24 -14.86 -13.16
N LEU A 90 -2.72 -16.08 -13.31
CA LEU A 90 -3.57 -17.28 -13.26
C LEU A 90 -4.62 -17.24 -14.36
N LEU A 91 -4.33 -17.92 -15.46
CA LEU A 91 -5.27 -17.97 -16.59
C LEU A 91 -4.89 -19.07 -17.56
N GLU A 92 -3.58 -19.24 -17.79
CA GLU A 92 -3.08 -20.27 -18.70
C GLU A 92 -3.20 -21.65 -18.07
N VAL A 93 -2.98 -21.72 -16.76
CA VAL A 93 -3.06 -22.99 -16.04
C VAL A 93 -4.37 -23.10 -15.28
N LEU A 94 -4.83 -24.33 -15.08
CA LEU A 94 -6.08 -24.58 -14.37
C LEU A 94 -6.15 -26.02 -13.88
N PHE A 95 -6.62 -26.20 -12.65
CA PHE A 95 -6.74 -27.53 -12.06
C PHE A 95 -7.84 -27.57 -11.01
N ASN A 96 -8.84 -28.40 -11.24
CA ASN A 96 -9.95 -28.53 -10.30
C ASN A 96 -10.29 -29.99 -10.04
N GLY A 97 -9.29 -30.86 -10.20
CA GLY A 97 -9.50 -32.28 -9.98
C GLY A 97 -10.24 -32.94 -11.13
N PRO A 98 -9.56 -33.07 -12.28
CA PRO A 98 -10.15 -33.68 -13.47
C PRO A 98 -10.36 -35.18 -13.32
N LEU A 99 -9.66 -35.76 -12.34
CA LEU A 99 -9.76 -37.20 -12.08
C LEU A 99 -11.10 -37.54 -11.44
N GLU A 100 -11.77 -38.56 -11.97
CA GLU A 100 -13.05 -38.99 -11.45
C GLU A 100 -12.87 -40.04 -10.35
N HIS A 101 -11.62 -40.25 -9.94
CA HIS A 101 -11.31 -41.23 -8.91
C HIS A 101 -11.69 -42.63 -9.35
N MET A 1 0.99 -0.26 -8.85
CA MET A 1 0.21 -0.36 -7.63
C MET A 1 -0.17 1.03 -7.12
N LYS A 2 -1.26 1.10 -6.36
CA LYS A 2 -1.73 2.36 -5.80
C LYS A 2 -1.58 2.38 -4.28
N VAL A 3 -1.14 3.51 -3.75
CA VAL A 3 -0.95 3.67 -2.30
C VAL A 3 -1.51 4.98 -1.82
N TYR A 4 -1.99 4.99 -0.58
CA TYR A 4 -2.57 6.19 0.02
C TYR A 4 -2.08 6.38 1.46
N VAL A 5 -1.38 7.49 1.70
CA VAL A 5 -0.85 7.79 3.02
C VAL A 5 -1.55 9.01 3.63
N GLY A 6 -2.46 8.75 4.57
CA GLY A 6 -3.18 9.83 5.20
C GLY A 6 -2.74 10.06 6.64
N ASN A 7 -3.45 10.94 7.34
CA ASN A 7 -3.12 11.25 8.73
C ASN A 7 -1.73 11.87 8.84
N LEU A 8 -1.62 13.13 8.41
CA LEU A 8 -0.34 13.83 8.46
C LEU A 8 -0.53 15.23 9.05
N GLY A 9 -0.04 15.42 10.28
CA GLY A 9 -0.17 16.70 10.93
C GLY A 9 0.59 16.75 12.25
N THR A 10 1.91 16.61 12.17
CA THR A 10 2.76 16.64 13.37
C THR A 10 4.22 16.56 13.00
N GLY A 11 4.60 17.21 11.91
CA GLY A 11 5.98 17.19 11.47
C GLY A 11 6.31 15.98 10.60
N ALA A 12 5.26 15.29 10.15
CA ALA A 12 5.44 14.11 9.31
C ALA A 12 4.59 14.20 8.05
N GLY A 13 5.22 14.48 6.92
CA GLY A 13 4.50 14.60 5.66
C GLY A 13 5.32 14.12 4.48
N LYS A 14 5.52 15.00 3.50
CA LYS A 14 6.29 14.67 2.31
C LYS A 14 7.63 14.04 2.69
N GLY A 15 8.38 14.74 3.53
CA GLY A 15 9.68 14.24 3.95
C GLY A 15 9.58 12.93 4.71
N GLU A 16 8.57 12.83 5.57
CA GLU A 16 8.36 11.62 6.36
C GLU A 16 8.08 10.42 5.46
N LEU A 17 7.05 10.53 4.64
CA LEU A 17 6.67 9.46 3.73
C LEU A 17 7.77 9.22 2.70
N GLU A 18 8.52 10.26 2.38
CA GLU A 18 9.60 10.16 1.41
C GLU A 18 10.71 9.24 1.92
N ARG A 19 11.19 9.51 3.13
CA ARG A 19 12.25 8.72 3.73
C ARG A 19 11.78 7.29 3.98
N ALA A 20 10.53 7.15 4.44
CA ALA A 20 9.96 5.85 4.72
C ALA A 20 9.84 5.01 3.45
N PHE A 21 8.99 5.46 2.53
CA PHE A 21 8.79 4.76 1.27
C PHE A 21 10.13 4.46 0.59
N SER A 22 10.99 5.46 0.52
CA SER A 22 12.29 5.31 -0.11
C SER A 22 13.11 4.24 0.60
N TYR A 23 13.07 4.27 1.93
CA TYR A 23 13.82 3.30 2.74
C TYR A 23 13.40 1.87 2.40
N TYR A 24 12.10 1.67 2.24
CA TYR A 24 11.57 0.35 1.91
C TYR A 24 11.88 -0.02 0.46
N GLY A 25 11.87 0.98 -0.42
CA GLY A 25 12.15 0.74 -1.82
C GLY A 25 11.74 1.90 -2.70
N PRO A 26 12.32 1.98 -3.91
CA PRO A 26 12.02 3.04 -4.86
C PRO A 26 10.61 2.92 -5.45
N LEU A 27 9.75 3.87 -5.12
CA LEU A 27 8.37 3.87 -5.60
C LEU A 27 8.28 4.56 -6.96
N ARG A 28 7.07 4.65 -7.49
CA ARG A 28 6.83 5.28 -8.78
C ARG A 28 6.79 6.80 -8.64
N THR A 29 5.96 7.28 -7.72
CA THR A 29 5.82 8.72 -7.48
C THR A 29 5.11 9.00 -6.17
N VAL A 30 5.34 10.18 -5.62
CA VAL A 30 4.72 10.57 -4.35
C VAL A 30 3.89 11.84 -4.52
N TRP A 31 2.78 11.91 -3.78
CA TRP A 31 1.90 13.07 -3.85
C TRP A 31 1.24 13.33 -2.49
N ILE A 32 0.92 14.59 -2.23
CA ILE A 32 0.28 14.96 -0.98
C ILE A 32 -0.82 15.99 -1.20
N ALA A 33 -1.90 15.87 -0.43
CA ALA A 33 -3.02 16.79 -0.55
C ALA A 33 -3.05 17.77 0.62
N ARG A 34 -2.71 19.03 0.34
CA ARG A 34 -2.70 20.06 1.36
C ARG A 34 -4.11 20.52 1.69
N ASN A 35 -5.01 20.39 0.72
CA ASN A 35 -6.40 20.79 0.90
C ASN A 35 -6.97 20.24 2.21
N PRO A 36 -6.95 18.90 2.33
CA PRO A 36 -7.45 18.22 3.53
C PRO A 36 -6.56 18.43 4.74
N PRO A 37 -7.04 18.01 5.92
CA PRO A 37 -6.30 18.15 7.17
C PRO A 37 -5.08 17.22 7.23
N GLY A 38 -5.14 16.14 6.47
CA GLY A 38 -4.05 15.18 6.45
C GLY A 38 -4.33 13.99 5.57
N PHE A 39 -4.12 14.16 4.26
CA PHE A 39 -4.37 13.08 3.30
C PHE A 39 -3.39 13.17 2.14
N ALA A 40 -2.60 12.11 1.94
CA ALA A 40 -1.63 12.06 0.87
C ALA A 40 -1.77 10.78 0.05
N PHE A 41 -1.29 10.82 -1.18
CA PHE A 41 -1.37 9.66 -2.06
C PHE A 41 0.00 9.32 -2.64
N VAL A 42 0.26 8.03 -2.83
CA VAL A 42 1.54 7.58 -3.37
C VAL A 42 1.33 6.44 -4.37
N GLU A 43 2.24 6.34 -5.34
CA GLU A 43 2.16 5.30 -6.35
C GLU A 43 3.43 4.46 -6.37
N PHE A 44 3.26 3.15 -6.27
CA PHE A 44 4.39 2.22 -6.27
C PHE A 44 4.45 1.44 -7.58
N GLU A 45 5.58 1.56 -8.29
CA GLU A 45 5.77 0.87 -9.56
C GLU A 45 5.45 -0.62 -9.41
N ASP A 46 5.77 -1.17 -8.25
CA ASP A 46 5.52 -2.59 -7.99
C ASP A 46 4.57 -2.77 -6.81
N PRO A 47 3.72 -3.80 -6.88
CA PRO A 47 2.75 -4.10 -5.83
C PRO A 47 3.40 -4.60 -4.55
N ARG A 48 4.30 -5.57 -4.69
CA ARG A 48 5.01 -6.13 -3.55
C ARG A 48 5.63 -5.03 -2.69
N ASP A 49 6.20 -4.03 -3.36
CA ASP A 49 6.83 -2.91 -2.66
C ASP A 49 5.78 -2.05 -1.97
N ALA A 50 4.63 -1.90 -2.60
CA ALA A 50 3.54 -1.10 -2.04
C ALA A 50 2.93 -1.78 -0.82
N GLU A 51 2.68 -3.08 -0.92
CA GLU A 51 2.09 -3.84 0.17
C GLU A 51 3.06 -3.92 1.35
N ASP A 52 4.33 -4.12 1.05
CA ASP A 52 5.35 -4.22 2.09
C ASP A 52 5.53 -2.89 2.81
N ALA A 53 5.66 -1.81 2.03
CA ALA A 53 5.83 -0.49 2.59
C ALA A 53 4.66 -0.11 3.49
N VAL A 54 3.45 -0.21 2.94
CA VAL A 54 2.24 0.10 3.70
C VAL A 54 2.15 -0.72 4.97
N ARG A 55 2.20 -2.03 4.82
CA ARG A 55 2.12 -2.94 5.96
C ARG A 55 3.13 -2.56 7.03
N GLY A 56 4.33 -2.17 6.59
CA GLY A 56 5.38 -1.78 7.52
C GLY A 56 5.09 -0.47 8.21
N LEU A 57 4.88 0.57 7.42
CA LEU A 57 4.59 1.90 7.96
C LEU A 57 3.37 1.87 8.86
N ASP A 58 2.27 1.34 8.35
CA ASP A 58 1.03 1.23 9.11
C ASP A 58 1.19 0.26 10.28
N GLY A 59 2.01 -0.78 10.07
CA GLY A 59 2.22 -1.77 11.11
C GLY A 59 3.17 -1.27 12.18
N LYS A 60 3.91 -0.22 11.89
CA LYS A 60 4.85 0.35 12.84
C LYS A 60 5.21 1.79 12.46
N VAL A 61 4.98 2.71 13.39
CA VAL A 61 5.29 4.12 13.16
C VAL A 61 6.68 4.29 12.58
N ILE A 62 6.89 5.40 11.88
CA ILE A 62 8.19 5.68 11.26
C ILE A 62 8.77 6.99 11.79
N CYS A 63 9.90 6.89 12.47
CA CYS A 63 10.56 8.08 13.03
C CYS A 63 9.57 8.93 13.81
N GLY A 64 8.75 8.28 14.63
CA GLY A 64 7.76 8.99 15.43
C GLY A 64 6.60 9.49 14.59
N SER A 65 6.26 8.75 13.54
CA SER A 65 5.16 9.12 12.66
C SER A 65 4.15 7.98 12.53
N ARG A 66 3.10 8.03 13.33
CA ARG A 66 2.06 7.00 13.29
C ARG A 66 1.01 7.33 12.24
N VAL A 67 1.46 7.62 11.02
CA VAL A 67 0.55 7.94 9.93
C VAL A 67 -0.34 6.75 9.58
N ARG A 68 -1.38 7.01 8.81
CA ARG A 68 -2.31 5.96 8.40
C ARG A 68 -2.25 5.74 6.89
N VAL A 69 -1.60 4.65 6.49
CA VAL A 69 -1.48 4.33 5.07
C VAL A 69 -2.32 3.11 4.70
N GLU A 70 -2.91 3.15 3.51
CA GLU A 70 -3.75 2.05 3.04
C GLU A 70 -3.58 1.84 1.54
N LEU A 71 -4.06 0.70 1.05
CA LEU A 71 -3.96 0.37 -0.36
C LEU A 71 -5.32 0.46 -1.04
N SER A 72 -5.44 1.36 -2.01
CA SER A 72 -6.69 1.55 -2.73
C SER A 72 -6.94 0.39 -3.69
N THR A 73 -5.86 -0.26 -4.12
CA THR A 73 -5.97 -1.39 -5.03
C THR A 73 -4.83 -2.38 -4.82
N GLY A 74 -5.17 -3.67 -4.78
CA GLY A 74 -4.16 -4.69 -4.58
C GLY A 74 -4.04 -5.12 -3.13
N MET A 75 -5.12 -4.94 -2.37
CA MET A 75 -5.14 -5.31 -0.97
C MET A 75 -6.36 -6.15 -0.63
N PRO A 76 -6.24 -7.47 -0.84
CA PRO A 76 -7.33 -8.42 -0.58
C PRO A 76 -7.61 -8.57 0.91
N ARG A 77 -8.84 -8.27 1.32
CA ARG A 77 -9.23 -8.37 2.72
C ARG A 77 -10.46 -9.27 2.87
N ARG A 78 -10.86 -9.49 4.11
CA ARG A 78 -12.02 -10.34 4.39
C ARG A 78 -13.30 -9.51 4.38
N SER A 79 -13.16 -8.20 4.32
CA SER A 79 -14.31 -7.29 4.31
C SER A 79 -15.09 -7.44 3.00
N ARG A 80 -16.30 -6.90 2.99
CA ARG A 80 -17.15 -6.96 1.81
C ARG A 80 -16.75 -5.90 0.79
N PHE A 81 -15.47 -5.88 0.44
CA PHE A 81 -14.95 -4.92 -0.53
C PHE A 81 -15.59 -5.13 -1.90
N ASP A 82 -16.01 -4.03 -2.53
CA ASP A 82 -16.63 -4.10 -3.85
C ASP A 82 -15.59 -3.92 -4.94
N ARG A 83 -14.62 -3.05 -4.71
CA ARG A 83 -13.56 -2.80 -5.68
C ARG A 83 -12.62 -3.99 -5.79
N PRO A 84 -12.43 -4.49 -7.02
CA PRO A 84 -11.56 -5.63 -7.29
C PRO A 84 -10.08 -5.29 -7.09
N PRO A 85 -9.46 -5.89 -6.06
CA PRO A 85 -8.05 -5.67 -5.74
C PRO A 85 -7.12 -6.29 -6.78
N ALA A 86 -6.00 -5.61 -7.03
CA ALA A 86 -5.03 -6.09 -8.01
C ALA A 86 -4.27 -7.31 -7.47
N ARG A 87 -4.91 -8.47 -7.51
CA ARG A 87 -4.30 -9.69 -7.03
C ARG A 87 -4.27 -10.75 -8.13
N ARG A 88 -5.45 -11.07 -8.66
CA ARG A 88 -5.56 -12.07 -9.72
C ARG A 88 -4.90 -13.37 -9.30
N LYS A 89 -5.65 -14.21 -8.60
CA LYS A 89 -5.14 -15.51 -8.13
C LYS A 89 -5.54 -16.62 -9.09
N LEU A 90 -5.30 -17.86 -8.68
CA LEU A 90 -5.63 -19.02 -9.50
C LEU A 90 -5.49 -20.31 -8.70
N LEU A 91 -6.58 -20.73 -8.07
CA LEU A 91 -6.58 -21.95 -7.27
C LEU A 91 -7.56 -22.97 -7.83
N GLU A 92 -8.69 -22.48 -8.34
CA GLU A 92 -9.71 -23.35 -8.91
C GLU A 92 -9.22 -23.98 -10.21
N VAL A 93 -8.32 -23.29 -10.89
CA VAL A 93 -7.77 -23.78 -12.15
C VAL A 93 -6.44 -24.48 -11.94
N LEU A 94 -6.13 -25.44 -12.80
CA LEU A 94 -4.88 -26.19 -12.71
C LEU A 94 -4.71 -27.11 -13.91
N PHE A 95 -3.52 -27.08 -14.50
CA PHE A 95 -3.22 -27.92 -15.66
C PHE A 95 -1.72 -28.17 -15.78
N ASN A 96 -1.26 -29.23 -15.12
CA ASN A 96 0.16 -29.58 -15.15
C ASN A 96 0.36 -31.06 -14.86
N GLY A 97 -0.46 -31.90 -15.50
CA GLY A 97 -0.36 -33.33 -15.32
C GLY A 97 -0.92 -33.78 -13.98
N PRO A 98 -2.25 -33.66 -13.83
CA PRO A 98 -2.94 -34.04 -12.60
C PRO A 98 -2.97 -35.55 -12.39
N LEU A 99 -2.95 -36.30 -13.49
CA LEU A 99 -2.96 -37.76 -13.43
C LEU A 99 -1.54 -38.31 -13.38
N GLU A 100 -1.36 -39.41 -12.64
CA GLU A 100 -0.05 -40.03 -12.50
C GLU A 100 0.12 -41.14 -13.54
N HIS A 101 -0.82 -41.23 -14.47
CA HIS A 101 -0.77 -42.24 -15.52
C HIS A 101 -0.73 -43.64 -14.92
N MET A 1 2.90 -0.86 -7.44
CA MET A 1 1.45 -0.76 -7.44
C MET A 1 1.00 0.53 -6.77
N LYS A 2 -0.31 0.63 -6.51
CA LYS A 2 -0.87 1.82 -5.88
C LYS A 2 -0.80 1.71 -4.36
N VAL A 3 -0.58 2.84 -3.70
CA VAL A 3 -0.49 2.87 -2.24
C VAL A 3 -1.34 4.01 -1.67
N TYR A 4 -1.88 3.79 -0.48
CA TYR A 4 -2.71 4.79 0.18
C TYR A 4 -2.27 5.00 1.62
N VAL A 5 -1.84 6.21 1.94
CA VAL A 5 -1.39 6.55 3.28
C VAL A 5 -2.28 7.62 3.91
N GLY A 6 -3.16 7.20 4.82
CA GLY A 6 -4.05 8.13 5.48
C GLY A 6 -3.68 8.36 6.93
N ASN A 7 -4.57 9.02 7.67
CA ASN A 7 -4.33 9.29 9.08
C ASN A 7 -3.11 10.21 9.25
N LEU A 8 -3.25 11.46 8.83
CA LEU A 8 -2.17 12.43 8.94
C LEU A 8 -2.60 13.63 9.77
N GLY A 9 -2.10 13.71 11.00
CA GLY A 9 -2.44 14.82 11.87
C GLY A 9 -1.68 14.78 13.18
N THR A 10 -0.35 14.66 13.09
CA THR A 10 0.50 14.62 14.28
C THR A 10 1.96 14.82 13.91
N GLY A 11 2.21 15.67 12.93
CA GLY A 11 3.56 15.95 12.50
C GLY A 11 4.06 14.97 11.46
N ALA A 12 3.12 14.28 10.82
CA ALA A 12 3.46 13.30 9.79
C ALA A 12 2.66 13.54 8.52
N GLY A 13 3.32 14.09 7.50
CA GLY A 13 2.66 14.36 6.24
C GLY A 13 3.46 13.90 5.04
N LYS A 14 3.67 14.80 4.08
CA LYS A 14 4.43 14.47 2.88
C LYS A 14 5.85 14.07 3.23
N GLY A 15 6.49 14.85 4.10
CA GLY A 15 7.85 14.56 4.50
C GLY A 15 7.98 13.21 5.18
N GLU A 16 7.03 12.89 6.04
CA GLU A 16 7.03 11.62 6.75
C GLU A 16 6.90 10.44 5.78
N LEU A 17 5.81 10.45 5.02
CA LEU A 17 5.56 9.38 4.05
C LEU A 17 6.67 9.33 2.99
N GLU A 18 7.27 10.48 2.72
CA GLU A 18 8.34 10.57 1.74
C GLU A 18 9.59 9.83 2.24
N ARG A 19 10.08 10.23 3.41
CA ARG A 19 11.26 9.62 4.00
C ARG A 19 11.08 8.11 4.13
N ALA A 20 9.91 7.70 4.61
CA ALA A 20 9.61 6.29 4.79
C ALA A 20 9.61 5.55 3.46
N PHE A 21 8.67 5.90 2.59
CA PHE A 21 8.56 5.28 1.28
C PHE A 21 9.91 5.29 0.55
N SER A 22 10.50 6.48 0.44
CA SER A 22 11.78 6.64 -0.23
C SER A 22 12.81 5.68 0.34
N TYR A 23 12.89 5.62 1.66
CA TYR A 23 13.85 4.74 2.33
C TYR A 23 13.63 3.28 1.92
N TYR A 24 12.36 2.89 1.79
CA TYR A 24 12.03 1.53 1.40
C TYR A 24 12.33 1.30 -0.08
N GLY A 25 12.03 2.31 -0.90
CA GLY A 25 12.27 2.19 -2.33
C GLY A 25 12.04 3.50 -3.06
N PRO A 26 12.35 3.51 -4.37
CA PRO A 26 12.19 4.70 -5.21
C PRO A 26 10.72 5.05 -5.44
N LEU A 27 10.31 6.22 -4.98
CA LEU A 27 8.93 6.67 -5.14
C LEU A 27 8.68 7.15 -6.56
N ARG A 28 7.58 6.67 -7.15
CA ARG A 28 7.22 7.05 -8.51
C ARG A 28 6.46 8.37 -8.52
N THR A 29 5.39 8.45 -7.74
CA THR A 29 4.57 9.65 -7.65
C THR A 29 3.71 9.64 -6.40
N VAL A 30 3.96 10.60 -5.51
CA VAL A 30 3.20 10.71 -4.27
C VAL A 30 2.42 12.01 -4.21
N TRP A 31 1.40 12.05 -3.36
CA TRP A 31 0.58 13.25 -3.21
C TRP A 31 -0.33 13.13 -1.99
N ILE A 32 -0.46 14.22 -1.25
CA ILE A 32 -1.31 14.24 -0.06
C ILE A 32 -2.57 15.07 -0.29
N ALA A 33 -3.66 14.67 0.35
CA ALA A 33 -4.92 15.38 0.22
C ALA A 33 -5.22 16.21 1.46
N ARG A 34 -5.10 17.53 1.32
CA ARG A 34 -5.35 18.44 2.43
C ARG A 34 -6.85 18.60 2.68
N ASN A 35 -7.65 18.38 1.63
CA ASN A 35 -9.09 18.50 1.73
C ASN A 35 -9.62 17.76 2.96
N PRO A 36 -9.36 16.45 3.01
CA PRO A 36 -9.80 15.60 4.12
C PRO A 36 -9.04 15.90 5.41
N PRO A 37 -9.52 15.32 6.53
CA PRO A 37 -8.90 15.51 7.84
C PRO A 37 -7.54 14.82 7.95
N GLY A 38 -7.28 13.87 7.04
CA GLY A 38 -6.02 13.16 7.06
C GLY A 38 -6.02 11.98 6.11
N PHE A 39 -5.80 12.25 4.83
CA PHE A 39 -5.77 11.20 3.82
C PHE A 39 -4.78 11.53 2.70
N ALA A 40 -3.82 10.64 2.48
CA ALA A 40 -2.82 10.84 1.45
C ALA A 40 -2.70 9.61 0.54
N PHE A 41 -2.25 9.83 -0.68
CA PHE A 41 -2.09 8.73 -1.63
C PHE A 41 -0.67 8.69 -2.18
N VAL A 42 -0.18 7.48 -2.45
CA VAL A 42 1.17 7.30 -2.98
C VAL A 42 1.19 6.27 -4.11
N GLU A 43 2.07 6.48 -5.08
CA GLU A 43 2.19 5.57 -6.21
C GLU A 43 3.61 5.04 -6.33
N PHE A 44 3.76 3.72 -6.30
CA PHE A 44 5.07 3.09 -6.41
C PHE A 44 5.26 2.45 -7.77
N GLU A 45 6.34 2.82 -8.46
CA GLU A 45 6.63 2.29 -9.78
C GLU A 45 6.53 0.76 -9.78
N ASP A 46 6.94 0.15 -8.68
CA ASP A 46 6.91 -1.30 -8.55
C ASP A 46 6.05 -1.73 -7.37
N PRO A 47 5.42 -2.90 -7.49
CA PRO A 47 4.55 -3.45 -6.43
C PRO A 47 5.34 -3.88 -5.21
N ARG A 48 6.47 -4.54 -5.44
CA ARG A 48 7.32 -5.01 -4.35
C ARG A 48 7.61 -3.89 -3.36
N ASP A 49 8.00 -2.74 -3.88
CA ASP A 49 8.32 -1.58 -3.04
C ASP A 49 7.07 -1.09 -2.30
N ALA A 50 5.92 -1.17 -2.97
CA ALA A 50 4.66 -0.75 -2.38
C ALA A 50 4.24 -1.68 -1.25
N GLU A 51 4.42 -2.98 -1.47
CA GLU A 51 4.05 -3.97 -0.46
C GLU A 51 4.94 -3.85 0.78
N ASP A 52 6.24 -3.73 0.55
CA ASP A 52 7.20 -3.60 1.65
C ASP A 52 7.00 -2.28 2.38
N ALA A 53 6.69 -1.23 1.62
CA ALA A 53 6.48 0.09 2.20
C ALA A 53 5.26 0.11 3.11
N VAL A 54 4.16 -0.47 2.63
CA VAL A 54 2.92 -0.52 3.40
C VAL A 54 3.09 -1.37 4.65
N ARG A 55 3.49 -2.63 4.46
CA ARG A 55 3.69 -3.55 5.58
C ARG A 55 4.70 -2.98 6.57
N GLY A 56 5.73 -2.33 6.04
CA GLY A 56 6.76 -1.76 6.90
C GLY A 56 6.24 -0.62 7.75
N LEU A 57 5.76 0.44 7.09
CA LEU A 57 5.23 1.60 7.78
C LEU A 57 4.04 1.22 8.66
N ASP A 58 3.06 0.57 8.06
CA ASP A 58 1.87 0.15 8.80
C ASP A 58 2.24 -0.80 9.93
N GLY A 59 3.26 -1.63 9.70
CA GLY A 59 3.69 -2.58 10.72
C GLY A 59 4.59 -1.93 11.75
N LYS A 60 5.13 -0.76 11.42
CA LYS A 60 6.02 -0.04 12.32
C LYS A 60 5.96 1.46 12.06
N VAL A 61 5.51 2.22 13.05
CA VAL A 61 5.41 3.67 12.92
C VAL A 61 6.71 4.26 12.40
N ILE A 62 6.63 5.46 11.85
CA ILE A 62 7.80 6.14 11.31
C ILE A 62 8.04 7.48 12.00
N CYS A 63 9.16 7.58 12.72
CA CYS A 63 9.50 8.81 13.43
C CYS A 63 8.34 9.27 14.29
N GLY A 64 7.70 8.33 14.97
CA GLY A 64 6.56 8.67 15.83
C GLY A 64 5.31 8.97 15.03
N SER A 65 5.16 8.32 13.88
CA SER A 65 3.99 8.52 13.03
C SER A 65 3.32 7.19 12.70
N ARG A 66 2.28 6.86 13.46
CA ARG A 66 1.54 5.62 13.25
C ARG A 66 0.46 5.80 12.18
N VAL A 67 0.85 6.35 11.04
CA VAL A 67 -0.09 6.57 9.95
C VAL A 67 -0.73 5.26 9.51
N ARG A 68 -1.76 5.37 8.66
CA ARG A 68 -2.47 4.20 8.16
C ARG A 68 -2.16 3.97 6.68
N VAL A 69 -1.39 2.91 6.41
CA VAL A 69 -1.02 2.58 5.04
C VAL A 69 -1.74 1.32 4.57
N GLU A 70 -2.16 1.32 3.31
CA GLU A 70 -2.88 0.19 2.73
C GLU A 70 -2.73 0.16 1.21
N LEU A 71 -3.06 -0.97 0.60
CA LEU A 71 -2.97 -1.13 -0.84
C LEU A 71 -4.36 -1.16 -1.48
N SER A 72 -4.68 -0.10 -2.23
CA SER A 72 -5.98 -0.02 -2.89
C SER A 72 -6.04 -0.96 -4.09
N THR A 73 -4.88 -1.27 -4.65
CA THR A 73 -4.80 -2.16 -5.81
C THR A 73 -3.48 -2.92 -5.83
N GLY A 74 -3.55 -4.21 -6.12
CA GLY A 74 -2.36 -5.03 -6.18
C GLY A 74 -2.12 -5.79 -4.88
N MET A 75 -3.19 -6.04 -4.14
CA MET A 75 -3.09 -6.76 -2.87
C MET A 75 -3.98 -7.99 -2.88
N PRO A 76 -3.45 -9.12 -3.39
CA PRO A 76 -4.18 -10.38 -3.48
C PRO A 76 -4.41 -11.01 -2.10
N ARG A 77 -5.67 -11.19 -1.74
CA ARG A 77 -6.03 -11.78 -0.46
C ARG A 77 -6.78 -13.09 -0.65
N ARG A 78 -7.05 -13.78 0.45
CA ARG A 78 -7.76 -15.05 0.41
C ARG A 78 -9.26 -14.83 0.58
N SER A 79 -9.65 -13.61 0.94
CA SER A 79 -11.05 -13.27 1.14
C SER A 79 -11.80 -13.31 -0.18
N ARG A 80 -13.10 -12.99 -0.12
CA ARG A 80 -13.94 -12.98 -1.32
C ARG A 80 -13.78 -11.67 -2.08
N PHE A 81 -12.54 -11.27 -2.32
CA PHE A 81 -12.26 -10.03 -3.04
C PHE A 81 -12.74 -10.11 -4.48
N ASP A 82 -13.68 -9.26 -4.84
CA ASP A 82 -14.23 -9.23 -6.19
C ASP A 82 -13.41 -8.31 -7.09
N ARG A 83 -12.80 -7.29 -6.49
CA ARG A 83 -11.99 -6.34 -7.24
C ARG A 83 -10.68 -6.97 -7.69
N PRO A 84 -10.41 -6.90 -9.01
CA PRO A 84 -9.19 -7.47 -9.60
C PRO A 84 -7.95 -6.70 -9.20
N PRO A 85 -7.09 -7.34 -8.40
CA PRO A 85 -5.84 -6.74 -7.93
C PRO A 85 -4.82 -6.57 -9.05
N ALA A 86 -3.95 -5.56 -8.91
CA ALA A 86 -2.93 -5.29 -9.90
C ALA A 86 -1.77 -6.28 -9.79
N ARG A 87 -2.08 -7.56 -9.95
CA ARG A 87 -1.06 -8.60 -9.85
C ARG A 87 -0.82 -9.24 -11.22
N ARG A 88 -1.90 -9.40 -11.99
CA ARG A 88 -1.81 -10.00 -13.32
C ARG A 88 -1.21 -11.40 -13.23
N LYS A 89 -1.06 -12.04 -14.39
CA LYS A 89 -0.51 -13.39 -14.44
C LYS A 89 -1.41 -14.39 -13.71
N LEU A 90 -1.24 -15.67 -14.02
CA LEU A 90 -2.04 -16.72 -13.40
C LEU A 90 -1.45 -18.09 -13.68
N LEU A 91 -0.38 -18.42 -12.96
CA LEU A 91 0.28 -19.71 -13.13
C LEU A 91 0.37 -20.45 -11.80
N GLU A 92 0.85 -19.76 -10.77
CA GLU A 92 0.98 -20.36 -9.44
C GLU A 92 -0.39 -20.74 -8.89
N VAL A 93 -1.39 -19.90 -9.15
CA VAL A 93 -2.74 -20.15 -8.67
C VAL A 93 -3.58 -20.86 -9.73
N LEU A 94 -4.55 -21.64 -9.28
CA LEU A 94 -5.42 -22.37 -10.19
C LEU A 94 -6.66 -22.91 -9.45
N PHE A 95 -7.83 -22.68 -10.03
CA PHE A 95 -9.07 -23.13 -9.44
C PHE A 95 -9.87 -23.98 -10.43
N ASN A 96 -10.11 -25.24 -10.05
CA ASN A 96 -10.86 -26.15 -10.90
C ASN A 96 -11.57 -27.21 -10.08
N GLY A 97 -11.86 -26.88 -8.82
CA GLY A 97 -12.53 -27.82 -7.94
C GLY A 97 -11.59 -28.85 -7.37
N PRO A 98 -10.71 -28.42 -6.45
CA PRO A 98 -9.74 -29.30 -5.81
C PRO A 98 -10.39 -30.30 -4.85
N LEU A 99 -11.56 -29.93 -4.34
CA LEU A 99 -12.29 -30.80 -3.41
C LEU A 99 -13.06 -31.87 -4.17
N GLU A 100 -13.39 -32.96 -3.47
CA GLU A 100 -14.13 -34.06 -4.08
C GLU A 100 -15.63 -33.92 -3.81
N HIS A 101 -16.01 -32.79 -3.25
CA HIS A 101 -17.42 -32.52 -2.95
C HIS A 101 -17.94 -33.52 -1.91
N MET A 1 1.25 -2.76 -7.02
CA MET A 1 0.70 -2.66 -5.67
C MET A 1 0.33 -1.22 -5.35
N LYS A 2 -0.94 -1.01 -5.00
CA LYS A 2 -1.43 0.33 -4.67
C LYS A 2 -1.21 0.63 -3.19
N VAL A 3 -0.86 1.87 -2.89
CA VAL A 3 -0.62 2.28 -1.51
C VAL A 3 -1.43 3.53 -1.16
N TYR A 4 -1.95 3.57 0.05
CA TYR A 4 -2.75 4.70 0.50
C TYR A 4 -2.24 5.24 1.84
N VAL A 5 -1.74 6.46 1.82
CA VAL A 5 -1.22 7.10 3.03
C VAL A 5 -2.06 8.29 3.44
N GLY A 6 -2.88 8.10 4.48
CA GLY A 6 -3.74 9.17 4.95
C GLY A 6 -3.27 9.73 6.28
N ASN A 7 -4.06 10.65 6.85
CA ASN A 7 -3.71 11.27 8.12
C ASN A 7 -2.45 12.11 7.99
N LEU A 8 -2.57 13.26 7.34
CA LEU A 8 -1.44 14.16 7.15
C LEU A 8 -1.65 15.47 7.88
N GLY A 9 -2.28 15.41 9.05
CA GLY A 9 -2.54 16.59 9.83
C GLY A 9 -1.49 16.83 10.89
N THR A 10 -0.63 15.84 11.10
CA THR A 10 0.43 15.94 12.10
C THR A 10 1.73 16.46 11.48
N GLY A 11 1.61 17.42 10.58
CA GLY A 11 2.77 17.98 9.94
C GLY A 11 3.53 16.95 9.12
N ALA A 12 2.83 15.91 8.68
CA ALA A 12 3.44 14.85 7.88
C ALA A 12 2.64 14.59 6.62
N GLY A 13 3.16 15.04 5.48
CA GLY A 13 2.48 14.85 4.21
C GLY A 13 3.39 14.27 3.15
N LYS A 14 3.46 14.93 2.00
CA LYS A 14 4.29 14.47 0.90
C LYS A 14 5.72 14.22 1.38
N GLY A 15 6.26 15.16 2.15
CA GLY A 15 7.62 15.02 2.66
C GLY A 15 7.76 13.83 3.59
N GLU A 16 6.80 13.69 4.51
CA GLU A 16 6.84 12.59 5.46
C GLU A 16 6.87 11.23 4.74
N LEU A 17 5.85 10.98 3.94
CA LEU A 17 5.75 9.73 3.20
C LEU A 17 6.94 9.57 2.25
N GLU A 18 7.42 10.69 1.71
CA GLU A 18 8.55 10.67 0.80
C GLU A 18 9.78 10.05 1.45
N ARG A 19 10.14 10.57 2.63
CA ARG A 19 11.29 10.07 3.36
C ARG A 19 11.08 8.62 3.79
N ALA A 20 9.88 8.34 4.30
CA ALA A 20 9.55 7.00 4.76
C ALA A 20 9.63 5.99 3.60
N PHE A 21 8.74 6.14 2.63
CA PHE A 21 8.71 5.26 1.48
C PHE A 21 10.10 5.10 0.87
N SER A 22 10.76 6.24 0.61
CA SER A 22 12.09 6.23 0.03
C SER A 22 13.06 5.44 0.91
N TYR A 23 13.00 5.68 2.21
CA TYR A 23 13.88 5.00 3.16
C TYR A 23 13.75 3.48 3.02
N TYR A 24 12.52 3.01 2.86
CA TYR A 24 12.26 1.59 2.73
C TYR A 24 12.68 1.08 1.35
N GLY A 25 12.43 1.91 0.33
CA GLY A 25 12.79 1.53 -1.02
C GLY A 25 12.17 2.45 -2.06
N PRO A 26 12.73 2.43 -3.28
CA PRO A 26 12.24 3.26 -4.39
C PRO A 26 10.88 2.82 -4.89
N LEU A 27 9.88 3.68 -4.70
CA LEU A 27 8.52 3.37 -5.14
C LEU A 27 8.32 3.79 -6.60
N ARG A 28 7.09 3.59 -7.09
CA ARG A 28 6.77 3.96 -8.47
C ARG A 28 6.50 5.46 -8.59
N THR A 29 5.59 5.96 -7.75
CA THR A 29 5.24 7.37 -7.78
C THR A 29 4.50 7.77 -6.50
N VAL A 30 4.43 9.07 -6.25
CA VAL A 30 3.76 9.59 -5.06
C VAL A 30 2.66 10.59 -5.44
N TRP A 31 1.60 10.60 -4.64
CA TRP A 31 0.49 11.51 -4.90
C TRP A 31 -0.14 11.98 -3.58
N ILE A 32 -0.66 13.21 -3.59
CA ILE A 32 -1.29 13.77 -2.41
C ILE A 32 -2.65 14.37 -2.73
N ALA A 33 -3.58 14.24 -1.79
CA ALA A 33 -4.93 14.77 -1.98
C ALA A 33 -5.15 16.02 -1.13
N ARG A 34 -5.14 17.18 -1.78
CA ARG A 34 -5.34 18.45 -1.09
C ARG A 34 -6.82 18.66 -0.76
N ASN A 35 -7.69 18.12 -1.59
CA ASN A 35 -9.13 18.25 -1.39
C ASN A 35 -9.51 17.92 0.04
N PRO A 36 -9.20 16.69 0.48
CA PRO A 36 -9.50 16.23 1.84
C PRO A 36 -8.63 16.91 2.89
N PRO A 37 -8.97 16.70 4.16
CA PRO A 37 -8.23 17.29 5.29
C PRO A 37 -6.84 16.68 5.45
N GLY A 38 -6.73 15.38 5.18
CA GLY A 38 -5.46 14.70 5.29
C GLY A 38 -5.48 13.32 4.68
N PHE A 39 -5.31 13.26 3.37
CA PHE A 39 -5.31 11.98 2.66
C PHE A 39 -4.36 12.02 1.47
N ALA A 40 -3.52 10.99 1.35
CA ALA A 40 -2.56 10.91 0.25
C ALA A 40 -2.50 9.50 -0.31
N PHE A 41 -2.06 9.39 -1.56
CA PHE A 41 -1.95 8.08 -2.22
C PHE A 41 -0.54 7.87 -2.78
N VAL A 42 -0.09 6.62 -2.75
CA VAL A 42 1.23 6.28 -3.25
C VAL A 42 1.20 4.98 -4.04
N GLU A 43 2.08 4.88 -5.04
CA GLU A 43 2.16 3.69 -5.88
C GLU A 43 3.53 3.04 -5.78
N PHE A 44 3.56 1.78 -5.38
CA PHE A 44 4.82 1.05 -5.24
C PHE A 44 5.02 0.10 -6.41
N GLU A 45 6.11 0.29 -7.14
CA GLU A 45 6.42 -0.55 -8.29
C GLU A 45 6.42 -2.03 -7.90
N ASP A 46 6.79 -2.31 -6.66
CA ASP A 46 6.84 -3.67 -6.16
C ASP A 46 5.92 -3.84 -4.95
N PRO A 47 5.32 -5.03 -4.84
CA PRO A 47 4.41 -5.36 -3.73
C PRO A 47 5.13 -5.48 -2.40
N ARG A 48 6.22 -6.24 -2.38
CA ARG A 48 7.00 -6.43 -1.17
C ARG A 48 7.35 -5.09 -0.53
N ASP A 49 7.73 -4.12 -1.36
CA ASP A 49 8.09 -2.80 -0.86
C ASP A 49 6.89 -2.11 -0.23
N ALA A 50 5.70 -2.36 -0.78
CA ALA A 50 4.48 -1.76 -0.27
C ALA A 50 4.06 -2.42 1.05
N GLU A 51 4.18 -3.74 1.10
CA GLU A 51 3.81 -4.49 2.29
C GLU A 51 4.68 -4.10 3.48
N ASP A 52 5.99 -4.05 3.24
CA ASP A 52 6.95 -3.68 4.29
C ASP A 52 6.80 -2.21 4.68
N ALA A 53 6.82 -1.34 3.67
CA ALA A 53 6.69 0.09 3.90
C ALA A 53 5.42 0.41 4.71
N VAL A 54 4.28 -0.05 4.19
CA VAL A 54 3.01 0.18 4.86
C VAL A 54 3.00 -0.41 6.27
N ARG A 55 3.38 -1.68 6.37
CA ARG A 55 3.42 -2.36 7.66
C ARG A 55 4.22 -1.55 8.68
N GLY A 56 5.30 -0.94 8.22
CA GLY A 56 6.13 -0.14 9.10
C GLY A 56 5.54 1.21 9.40
N LEU A 57 5.26 1.98 8.35
CA LEU A 57 4.68 3.31 8.50
C LEU A 57 3.44 3.26 9.38
N ASP A 58 2.61 2.23 9.18
CA ASP A 58 1.39 2.07 9.96
C ASP A 58 1.70 1.47 11.33
N GLY A 59 2.64 0.53 11.36
CA GLY A 59 3.01 -0.12 12.60
C GLY A 59 3.38 0.88 13.68
N LYS A 60 4.27 1.82 13.35
CA LYS A 60 4.70 2.83 14.30
C LYS A 60 4.67 4.22 13.66
N VAL A 61 5.45 5.14 14.22
CA VAL A 61 5.52 6.50 13.70
C VAL A 61 6.77 6.71 12.86
N ILE A 62 6.70 7.65 11.93
CA ILE A 62 7.83 7.94 11.05
C ILE A 62 8.39 9.34 11.33
N CYS A 63 9.43 9.40 12.16
CA CYS A 63 10.06 10.67 12.51
C CYS A 63 9.09 11.56 13.27
N GLY A 64 8.22 10.95 14.06
CA GLY A 64 7.25 11.71 14.83
C GLY A 64 5.95 11.93 14.07
N SER A 65 5.68 11.05 13.11
CA SER A 65 4.47 11.16 12.30
C SER A 65 3.69 9.85 12.32
N ARG A 66 2.70 9.76 13.21
CA ARG A 66 1.89 8.56 13.34
C ARG A 66 0.77 8.56 12.30
N VAL A 67 1.13 8.70 11.03
CA VAL A 67 0.15 8.73 9.96
C VAL A 67 -0.58 7.39 9.86
N ARG A 68 -1.55 7.32 8.94
CA ARG A 68 -2.32 6.11 8.75
C ARG A 68 -2.22 5.63 7.31
N VAL A 69 -1.43 4.57 7.10
CA VAL A 69 -1.24 4.00 5.77
C VAL A 69 -1.90 2.64 5.66
N GLU A 70 -2.47 2.35 4.49
CA GLU A 70 -3.13 1.08 4.24
C GLU A 70 -3.11 0.72 2.76
N LEU A 71 -3.43 -0.53 2.46
CA LEU A 71 -3.45 -0.99 1.08
C LEU A 71 -4.87 -1.22 0.59
N SER A 72 -5.36 -0.31 -0.25
CA SER A 72 -6.71 -0.40 -0.78
C SER A 72 -6.81 -1.49 -1.84
N THR A 73 -5.68 -1.80 -2.47
CA THR A 73 -5.63 -2.83 -3.50
C THR A 73 -4.30 -3.57 -3.47
N GLY A 74 -4.34 -4.85 -3.81
CA GLY A 74 -3.12 -5.65 -3.82
C GLY A 74 -2.94 -6.43 -2.54
N MET A 75 -4.04 -6.71 -1.84
CA MET A 75 -3.99 -7.46 -0.60
C MET A 75 -4.80 -8.75 -0.70
N PRO A 76 -4.15 -9.82 -1.18
CA PRO A 76 -4.79 -11.13 -1.33
C PRO A 76 -5.09 -11.79 0.00
N ARG A 77 -6.37 -12.06 0.25
CA ARG A 77 -6.80 -12.69 1.49
C ARG A 77 -7.96 -13.66 1.24
N ARG A 78 -8.39 -14.34 2.29
CA ARG A 78 -9.48 -15.30 2.19
C ARG A 78 -10.83 -14.62 2.43
N SER A 79 -10.88 -13.78 3.47
CA SER A 79 -12.11 -13.07 3.81
C SER A 79 -11.86 -11.56 3.90
N ARG A 80 -12.89 -10.83 4.32
CA ARG A 80 -12.79 -9.38 4.45
C ARG A 80 -12.50 -8.73 3.10
N PHE A 81 -12.75 -9.48 2.03
CA PHE A 81 -12.52 -8.97 0.67
C PHE A 81 -13.67 -9.35 -0.24
N ASP A 82 -14.33 -8.35 -0.82
CA ASP A 82 -15.44 -8.58 -1.72
C ASP A 82 -14.96 -8.69 -3.17
N ARG A 83 -14.06 -7.80 -3.56
CA ARG A 83 -13.52 -7.80 -4.91
C ARG A 83 -12.11 -8.38 -4.94
N PRO A 84 -11.67 -8.81 -6.13
CA PRO A 84 -10.34 -9.39 -6.31
C PRO A 84 -9.23 -8.36 -6.16
N PRO A 85 -8.11 -8.78 -5.54
CA PRO A 85 -6.95 -7.90 -5.32
C PRO A 85 -6.22 -7.57 -6.62
N ALA A 86 -5.51 -6.45 -6.62
CA ALA A 86 -4.76 -6.03 -7.79
C ALA A 86 -3.42 -6.76 -7.89
N ARG A 87 -3.49 -8.09 -7.92
CA ARG A 87 -2.29 -8.91 -8.01
C ARG A 87 -2.17 -9.53 -9.40
N ARG A 88 -2.93 -9.01 -10.35
CA ARG A 88 -2.90 -9.52 -11.72
C ARG A 88 -3.22 -11.00 -11.75
N LYS A 89 -3.19 -11.58 -12.95
CA LYS A 89 -3.48 -13.00 -13.12
C LYS A 89 -2.34 -13.71 -13.85
N LEU A 90 -2.56 -14.97 -14.19
CA LEU A 90 -1.54 -15.75 -14.90
C LEU A 90 -0.29 -15.91 -14.05
N LEU A 91 -0.48 -16.24 -12.78
CA LEU A 91 0.64 -16.44 -11.86
C LEU A 91 0.18 -17.15 -10.60
N GLU A 92 -0.84 -16.61 -9.95
CA GLU A 92 -1.37 -17.21 -8.73
C GLU A 92 -2.50 -18.19 -9.04
N VAL A 93 -3.20 -17.94 -10.14
CA VAL A 93 -4.30 -18.80 -10.55
C VAL A 93 -3.87 -19.73 -11.68
N LEU A 94 -4.51 -20.89 -11.74
CA LEU A 94 -4.20 -21.89 -12.78
C LEU A 94 -5.35 -22.87 -12.96
N PHE A 95 -5.28 -23.67 -14.02
CA PHE A 95 -6.32 -24.66 -14.30
C PHE A 95 -5.83 -25.68 -15.32
N ASN A 96 -6.00 -26.95 -15.00
CA ASN A 96 -5.57 -28.02 -15.89
C ASN A 96 -6.61 -29.16 -15.91
N GLY A 97 -7.86 -28.80 -15.66
CA GLY A 97 -8.92 -29.79 -15.66
C GLY A 97 -8.89 -30.67 -14.42
N PRO A 98 -9.24 -30.10 -13.27
CA PRO A 98 -9.24 -30.82 -11.99
C PRO A 98 -10.37 -31.86 -11.92
N LEU A 99 -11.42 -31.63 -12.71
CA LEU A 99 -12.55 -32.55 -12.74
C LEU A 99 -12.47 -33.49 -13.94
N GLU A 100 -12.89 -34.73 -13.75
CA GLU A 100 -12.86 -35.73 -14.81
C GLU A 100 -14.17 -35.73 -15.59
N HIS A 101 -15.03 -34.74 -15.30
CA HIS A 101 -16.31 -34.63 -15.97
C HIS A 101 -17.14 -35.89 -15.78
N MET A 1 2.70 -0.36 -8.00
CA MET A 1 1.26 -0.15 -7.83
C MET A 1 0.99 1.16 -7.08
N LYS A 2 -0.27 1.40 -6.80
CA LYS A 2 -0.68 2.61 -6.09
C LYS A 2 -0.65 2.40 -4.58
N VAL A 3 -0.28 3.44 -3.84
CA VAL A 3 -0.20 3.37 -2.39
C VAL A 3 -1.00 4.49 -1.74
N TYR A 4 -1.64 4.19 -0.62
CA TYR A 4 -2.44 5.18 0.10
C TYR A 4 -2.00 5.27 1.56
N VAL A 5 -1.56 6.46 1.97
CA VAL A 5 -1.12 6.69 3.34
C VAL A 5 -1.96 7.76 4.01
N GLY A 6 -2.87 7.33 4.88
CA GLY A 6 -3.73 8.26 5.59
C GLY A 6 -3.37 8.38 7.06
N ASN A 7 -4.23 9.05 7.82
CA ASN A 7 -3.99 9.24 9.25
C ASN A 7 -2.72 10.03 9.49
N LEU A 8 -2.74 11.31 9.10
CA LEU A 8 -1.59 12.18 9.27
C LEU A 8 -1.89 13.28 10.28
N GLY A 9 -1.39 13.12 11.50
CA GLY A 9 -1.61 14.11 12.53
C GLY A 9 -0.80 15.37 12.32
N THR A 10 0.23 15.55 13.14
CA THR A 10 1.09 16.72 13.04
C THR A 10 2.57 16.34 13.17
N GLY A 11 2.84 15.04 13.20
CA GLY A 11 4.19 14.57 13.33
C GLY A 11 4.59 13.62 12.21
N ALA A 12 3.60 13.08 11.52
CA ALA A 12 3.84 12.16 10.41
C ALA A 12 3.06 12.57 9.17
N GLY A 13 3.76 13.12 8.19
CA GLY A 13 3.12 13.55 6.96
C GLY A 13 3.95 13.24 5.74
N LYS A 14 4.23 14.27 4.93
CA LYS A 14 5.01 14.09 3.71
C LYS A 14 6.41 13.60 4.05
N GLY A 15 7.05 14.24 5.03
CA GLY A 15 8.39 13.85 5.42
C GLY A 15 8.44 12.44 5.97
N GLU A 16 7.46 12.08 6.78
CA GLU A 16 7.41 10.76 7.38
C GLU A 16 7.28 9.68 6.31
N LEU A 17 6.25 9.80 5.47
CA LEU A 17 6.02 8.84 4.40
C LEU A 17 7.17 8.86 3.40
N GLU A 18 7.79 10.02 3.23
CA GLU A 18 8.91 10.17 2.30
C GLU A 18 10.10 9.32 2.74
N ARG A 19 10.50 9.50 4.00
CA ARG A 19 11.64 8.76 4.54
C ARG A 19 11.32 7.25 4.58
N ALA A 20 10.12 6.92 5.00
CA ALA A 20 9.70 5.52 5.08
C ALA A 20 9.71 4.86 3.72
N PHE A 21 8.85 5.33 2.83
CA PHE A 21 8.76 4.78 1.48
C PHE A 21 10.14 4.71 0.83
N SER A 22 10.88 5.82 0.91
CA SER A 22 12.22 5.89 0.33
C SER A 22 13.14 4.85 0.95
N TYR A 23 13.07 4.73 2.27
CA TYR A 23 13.90 3.78 3.00
C TYR A 23 13.69 2.36 2.47
N TYR A 24 12.43 2.00 2.24
CA TYR A 24 12.09 0.68 1.74
C TYR A 24 12.49 0.53 0.27
N GLY A 25 12.41 1.63 -0.47
CA GLY A 25 12.77 1.61 -1.88
C GLY A 25 12.30 2.85 -2.61
N PRO A 26 12.94 3.12 -3.77
CA PRO A 26 12.61 4.28 -4.60
C PRO A 26 11.23 4.16 -5.25
N LEU A 27 10.29 4.99 -4.80
CA LEU A 27 8.94 4.98 -5.34
C LEU A 27 8.84 5.87 -6.59
N ARG A 28 7.63 5.96 -7.14
CA ARG A 28 7.40 6.78 -8.32
C ARG A 28 7.24 8.25 -7.94
N THR A 29 6.33 8.52 -7.02
CA THR A 29 6.08 9.88 -6.57
C THR A 29 5.22 9.90 -5.31
N VAL A 30 5.18 11.05 -4.64
CA VAL A 30 4.41 11.19 -3.42
C VAL A 30 3.40 12.34 -3.53
N TRP A 31 2.33 12.25 -2.76
CA TRP A 31 1.30 13.28 -2.78
C TRP A 31 0.57 13.35 -1.44
N ILE A 32 0.09 14.54 -1.09
CA ILE A 32 -0.61 14.73 0.17
C ILE A 32 -1.94 15.47 -0.06
N ALA A 33 -2.95 15.09 0.71
CA ALA A 33 -4.27 15.71 0.60
C ALA A 33 -4.54 16.63 1.78
N ARG A 34 -4.46 17.93 1.55
CA ARG A 34 -4.69 18.92 2.59
C ARG A 34 -6.19 19.07 2.88
N ASN A 35 -7.00 18.77 1.87
CA ASN A 35 -8.45 18.86 2.02
C ASN A 35 -8.93 18.16 3.29
N PRO A 36 -8.67 16.85 3.37
CA PRO A 36 -9.05 16.02 4.52
C PRO A 36 -8.25 16.36 5.77
N PRO A 37 -8.68 15.84 6.92
CA PRO A 37 -8.01 16.06 8.20
C PRO A 37 -6.65 15.38 8.28
N GLY A 38 -6.47 14.33 7.47
CA GLY A 38 -5.23 13.61 7.46
C GLY A 38 -5.23 12.45 6.48
N PHE A 39 -5.07 12.77 5.20
CA PHE A 39 -5.06 11.75 4.15
C PHE A 39 -4.01 12.07 3.10
N ALA A 40 -3.17 11.08 2.80
CA ALA A 40 -2.12 11.25 1.81
C ALA A 40 -2.07 10.07 0.85
N PHE A 41 -1.54 10.29 -0.35
CA PHE A 41 -1.44 9.25 -1.35
C PHE A 41 -0.01 9.17 -1.90
N VAL A 42 0.42 7.95 -2.24
CA VAL A 42 1.75 7.74 -2.78
C VAL A 42 1.71 6.78 -3.97
N GLU A 43 2.64 6.97 -4.90
CA GLU A 43 2.72 6.12 -6.09
C GLU A 43 4.06 5.38 -6.14
N PHE A 44 3.99 4.06 -6.31
CA PHE A 44 5.19 3.23 -6.38
C PHE A 44 5.41 2.72 -7.79
N GLU A 45 6.60 3.01 -8.34
CA GLU A 45 6.93 2.58 -9.69
C GLU A 45 6.62 1.09 -9.88
N ASP A 46 6.86 0.31 -8.83
CA ASP A 46 6.61 -1.13 -8.88
C ASP A 46 5.67 -1.55 -7.76
N PRO A 47 4.87 -2.61 -8.02
CA PRO A 47 3.92 -3.13 -7.03
C PRO A 47 4.60 -3.82 -5.86
N ARG A 48 5.62 -4.62 -6.16
CA ARG A 48 6.36 -5.33 -5.13
C ARG A 48 6.87 -4.36 -4.06
N ASP A 49 7.51 -3.29 -4.50
CA ASP A 49 8.05 -2.29 -3.59
C ASP A 49 6.94 -1.69 -2.73
N ALA A 50 5.77 -1.48 -3.33
CA ALA A 50 4.64 -0.92 -2.62
C ALA A 50 4.07 -1.92 -1.62
N GLU A 51 4.00 -3.18 -2.02
CA GLU A 51 3.47 -4.23 -1.15
C GLU A 51 4.31 -4.36 0.11
N ASP A 52 5.63 -4.36 -0.05
CA ASP A 52 6.55 -4.48 1.06
C ASP A 52 6.52 -3.22 1.93
N ALA A 53 6.54 -2.06 1.28
CA ALA A 53 6.51 -0.79 1.99
C ALA A 53 5.27 -0.66 2.85
N VAL A 54 4.12 -0.99 2.27
CA VAL A 54 2.85 -0.92 2.99
C VAL A 54 2.80 -1.93 4.12
N ARG A 55 3.06 -3.20 3.79
CA ARG A 55 3.05 -4.26 4.78
C ARG A 55 3.91 -3.90 5.98
N GLY A 56 5.07 -3.30 5.72
CA GLY A 56 5.97 -2.91 6.79
C GLY A 56 5.49 -1.69 7.54
N LEU A 57 5.21 -0.62 6.82
CA LEU A 57 4.73 0.62 7.43
C LEU A 57 3.49 0.36 8.27
N ASP A 58 2.48 -0.25 7.67
CA ASP A 58 1.23 -0.55 8.37
C ASP A 58 1.44 -1.67 9.38
N GLY A 59 2.25 -2.66 9.00
CA GLY A 59 2.51 -3.78 9.89
C GLY A 59 3.32 -3.38 11.10
N LYS A 60 3.95 -2.22 11.03
CA LYS A 60 4.76 -1.72 12.13
C LYS A 60 4.98 -0.21 12.02
N VAL A 61 4.56 0.52 13.04
CA VAL A 61 4.71 1.97 13.05
C VAL A 61 6.13 2.38 12.66
N ILE A 62 6.26 3.57 12.09
CA ILE A 62 7.57 4.08 11.68
C ILE A 62 7.93 5.34 12.45
N CYS A 63 9.08 5.31 13.11
CA CYS A 63 9.54 6.45 13.90
C CYS A 63 8.42 7.00 14.77
N GLY A 64 7.66 6.11 15.38
CA GLY A 64 6.57 6.52 16.24
C GLY A 64 5.39 7.07 15.46
N SER A 65 5.18 6.53 14.26
CA SER A 65 4.08 6.97 13.41
C SER A 65 3.23 5.79 12.96
N ARG A 66 2.09 5.59 13.63
CA ARG A 66 1.19 4.50 13.32
C ARG A 66 0.20 4.92 12.22
N VAL A 67 0.73 5.50 11.14
CA VAL A 67 -0.11 5.94 10.04
C VAL A 67 -0.87 4.77 9.42
N ARG A 68 -1.77 5.09 8.49
CA ARG A 68 -2.56 4.06 7.83
C ARG A 68 -2.13 3.88 6.38
N VAL A 69 -1.42 2.78 6.12
CA VAL A 69 -0.93 2.49 4.77
C VAL A 69 -1.69 1.32 4.16
N GLU A 70 -2.08 1.47 2.89
CA GLU A 70 -2.81 0.43 2.19
C GLU A 70 -2.71 0.61 0.68
N LEU A 71 -3.09 -0.43 -0.05
CA LEU A 71 -3.04 -0.38 -1.52
C LEU A 71 -4.44 -0.28 -2.12
N SER A 72 -4.71 0.83 -2.78
CA SER A 72 -6.02 1.05 -3.40
C SER A 72 -6.19 0.19 -4.65
N THR A 73 -5.06 -0.17 -5.27
CA THR A 73 -5.08 -0.98 -6.47
C THR A 73 -3.93 -1.98 -6.47
N GLY A 74 -4.23 -3.23 -6.83
CA GLY A 74 -3.21 -4.26 -6.87
C GLY A 74 -3.18 -5.09 -5.60
N MET A 75 -4.27 -5.04 -4.84
CA MET A 75 -4.36 -5.80 -3.59
C MET A 75 -5.67 -6.59 -3.53
N PRO A 76 -5.66 -7.80 -4.11
CA PRO A 76 -6.84 -8.67 -4.13
C PRO A 76 -7.18 -9.21 -2.75
N ARG A 77 -8.39 -8.90 -2.27
CA ARG A 77 -8.82 -9.37 -0.96
C ARG A 77 -10.23 -9.98 -1.05
N ARG A 78 -10.72 -10.48 0.08
CA ARG A 78 -12.04 -11.10 0.13
C ARG A 78 -13.13 -10.03 0.15
N SER A 79 -12.72 -8.78 0.33
CA SER A 79 -13.68 -7.67 0.37
C SER A 79 -14.33 -7.46 -0.99
N ARG A 80 -15.52 -6.89 -0.99
CA ARG A 80 -16.26 -6.64 -2.22
C ARG A 80 -15.81 -5.34 -2.87
N PHE A 81 -14.49 -5.20 -3.04
CA PHE A 81 -13.92 -3.99 -3.64
C PHE A 81 -14.36 -3.86 -5.09
N ASP A 82 -15.16 -2.83 -5.38
CA ASP A 82 -15.64 -2.59 -6.73
C ASP A 82 -14.49 -2.28 -7.68
N ARG A 83 -13.45 -1.65 -7.14
CA ARG A 83 -12.28 -1.29 -7.95
C ARG A 83 -11.47 -2.53 -8.30
N PRO A 84 -11.22 -2.72 -9.61
CA PRO A 84 -10.46 -3.87 -10.11
C PRO A 84 -8.98 -3.78 -9.75
N PRO A 85 -8.53 -4.69 -8.86
CA PRO A 85 -7.15 -4.73 -8.42
C PRO A 85 -6.19 -5.19 -9.52
N ALA A 86 -4.99 -4.63 -9.53
CA ALA A 86 -3.99 -4.98 -10.54
C ALA A 86 -3.18 -6.19 -10.09
N ARG A 87 -3.54 -7.36 -10.59
CA ARG A 87 -2.85 -8.58 -10.24
C ARG A 87 -3.12 -9.68 -11.28
N ARG A 88 -3.46 -9.26 -12.50
CA ARG A 88 -3.75 -10.20 -13.58
C ARG A 88 -4.85 -11.17 -13.17
N LYS A 89 -5.15 -12.12 -14.05
CA LYS A 89 -6.18 -13.12 -13.78
C LYS A 89 -5.90 -13.85 -12.47
N LEU A 90 -4.93 -14.76 -12.50
CA LEU A 90 -4.56 -15.53 -11.32
C LEU A 90 -5.79 -16.19 -10.69
N LEU A 91 -6.12 -17.38 -11.16
CA LEU A 91 -7.27 -18.11 -10.65
C LEU A 91 -7.39 -19.48 -11.33
N GLU A 92 -7.05 -19.53 -12.61
CA GLU A 92 -7.13 -20.77 -13.38
C GLU A 92 -6.16 -21.80 -12.83
N VAL A 93 -5.10 -21.33 -12.17
CA VAL A 93 -4.10 -22.22 -11.59
C VAL A 93 -4.32 -22.39 -10.10
N LEU A 94 -3.92 -23.55 -9.58
CA LEU A 94 -4.07 -23.84 -8.15
C LEU A 94 -3.53 -25.22 -7.81
N PHE A 95 -2.81 -25.31 -6.70
CA PHE A 95 -2.24 -26.58 -6.26
C PHE A 95 -2.63 -26.89 -4.82
N ASN A 96 -3.34 -28.00 -4.62
CA ASN A 96 -3.77 -28.40 -3.29
C ASN A 96 -4.16 -29.87 -3.27
N GLY A 97 -3.58 -30.65 -4.19
CA GLY A 97 -3.89 -32.06 -4.26
C GLY A 97 -5.26 -32.34 -4.85
N PRO A 98 -5.38 -32.13 -6.17
CA PRO A 98 -6.64 -32.35 -6.89
C PRO A 98 -7.01 -33.82 -6.98
N LEU A 99 -6.02 -34.68 -6.76
CA LEU A 99 -6.24 -36.13 -6.82
C LEU A 99 -6.04 -36.77 -5.45
N GLU A 100 -7.11 -37.35 -4.91
CA GLU A 100 -7.05 -37.99 -3.60
C GLU A 100 -6.72 -39.48 -3.75
N HIS A 101 -6.39 -39.89 -4.97
CA HIS A 101 -6.06 -41.28 -5.24
C HIS A 101 -7.22 -42.20 -4.88
N MET A 1 -0.17 -1.72 -8.65
CA MET A 1 -0.90 -1.88 -7.39
C MET A 1 -1.43 -0.53 -6.90
N LYS A 2 -2.31 -0.58 -5.90
CA LYS A 2 -2.91 0.62 -5.34
C LYS A 2 -2.62 0.72 -3.85
N VAL A 3 -2.22 1.91 -3.41
CA VAL A 3 -1.92 2.14 -2.00
C VAL A 3 -2.47 3.48 -1.53
N TYR A 4 -2.86 3.54 -0.25
CA TYR A 4 -3.41 4.76 0.32
C TYR A 4 -2.73 5.10 1.64
N VAL A 5 -2.04 6.24 1.68
CA VAL A 5 -1.33 6.67 2.88
C VAL A 5 -1.94 7.96 3.43
N GLY A 6 -2.72 7.83 4.50
CA GLY A 6 -3.35 8.99 5.11
C GLY A 6 -2.72 9.36 6.43
N ASN A 7 -3.36 10.28 7.16
CA ASN A 7 -2.87 10.71 8.46
C ASN A 7 -1.51 11.40 8.31
N LEU A 8 -1.51 12.58 7.72
CA LEU A 8 -0.27 13.34 7.53
C LEU A 8 -0.29 14.63 8.34
N GLY A 9 -0.25 14.49 9.66
CA GLY A 9 -0.26 15.66 10.53
C GLY A 9 0.71 15.53 11.69
N THR A 10 1.96 15.20 11.37
CA THR A 10 2.99 15.05 12.38
C THR A 10 4.39 15.14 11.77
N GLY A 11 4.48 15.82 10.63
CA GLY A 11 5.76 15.98 9.97
C GLY A 11 6.03 14.87 8.96
N ALA A 12 4.96 14.20 8.54
CA ALA A 12 5.09 13.11 7.57
C ALA A 12 4.13 13.29 6.40
N GLY A 13 4.67 13.70 5.25
CA GLY A 13 3.84 13.91 4.08
C GLY A 13 4.40 13.22 2.85
N LYS A 14 4.55 13.98 1.77
CA LYS A 14 5.08 13.43 0.52
C LYS A 14 6.51 12.95 0.70
N GLY A 15 7.35 13.81 1.26
CA GLY A 15 8.75 13.46 1.47
C GLY A 15 8.90 12.26 2.38
N GLU A 16 8.14 12.24 3.47
CA GLU A 16 8.20 11.14 4.42
C GLU A 16 7.81 9.83 3.77
N LEU A 17 6.62 9.78 3.20
CA LEU A 17 6.12 8.58 2.53
C LEU A 17 7.01 8.22 1.35
N GLU A 18 7.63 9.23 0.74
CA GLU A 18 8.51 9.02 -0.40
C GLU A 18 9.74 8.20 -0.01
N ARG A 19 10.45 8.68 1.00
CA ARG A 19 11.65 8.00 1.48
C ARG A 19 11.30 6.61 2.04
N ALA A 20 10.18 6.54 2.74
CA ALA A 20 9.73 5.27 3.33
C ALA A 20 9.43 4.24 2.25
N PHE A 21 8.40 4.52 1.45
CA PHE A 21 8.00 3.62 0.37
C PHE A 21 9.19 3.26 -0.51
N SER A 22 9.95 4.27 -0.91
CA SER A 22 11.12 4.06 -1.76
C SER A 22 12.11 3.10 -1.10
N TYR A 23 12.34 3.30 0.19
CA TYR A 23 13.26 2.46 0.94
C TYR A 23 12.79 1.01 0.95
N TYR A 24 11.48 0.83 1.10
CA TYR A 24 10.90 -0.52 1.13
C TYR A 24 10.90 -1.14 -0.26
N GLY A 25 10.66 -0.31 -1.27
CA GLY A 25 10.64 -0.80 -2.64
C GLY A 25 10.48 0.31 -3.65
N PRO A 26 10.56 -0.03 -4.95
CA PRO A 26 10.44 0.93 -6.04
C PRO A 26 9.02 1.47 -6.18
N LEU A 27 8.88 2.79 -6.06
CA LEU A 27 7.56 3.43 -6.18
C LEU A 27 7.20 3.66 -7.64
N ARG A 28 5.91 3.54 -7.95
CA ARG A 28 5.43 3.73 -9.31
C ARG A 28 4.84 5.13 -9.48
N THR A 29 3.97 5.52 -8.56
CA THR A 29 3.33 6.83 -8.61
C THR A 29 2.99 7.33 -7.22
N VAL A 30 3.36 8.58 -6.93
CA VAL A 30 3.08 9.18 -5.63
C VAL A 30 2.24 10.44 -5.77
N TRP A 31 1.18 10.53 -4.97
CA TRP A 31 0.30 11.68 -5.01
C TRP A 31 -0.19 12.05 -3.61
N ILE A 32 -0.47 13.33 -3.40
CA ILE A 32 -0.94 13.80 -2.10
C ILE A 32 -2.22 14.61 -2.24
N ALA A 33 -3.09 14.53 -1.23
CA ALA A 33 -4.34 15.26 -1.24
C ALA A 33 -4.31 16.43 -0.27
N ARG A 34 -4.17 17.64 -0.81
CA ARG A 34 -4.13 18.84 0.01
C ARG A 34 -5.52 19.23 0.49
N ASN A 35 -6.54 18.89 -0.30
CA ASN A 35 -7.91 19.20 0.05
C ASN A 35 -8.22 18.79 1.48
N PRO A 36 -8.07 17.49 1.77
CA PRO A 36 -8.33 16.94 3.10
C PRO A 36 -7.29 17.38 4.13
N PRO A 37 -7.56 17.09 5.41
CA PRO A 37 -6.65 17.46 6.50
C PRO A 37 -5.37 16.65 6.49
N GLY A 38 -5.46 15.39 6.07
CA GLY A 38 -4.30 14.53 6.02
C GLY A 38 -4.57 13.22 5.29
N PHE A 39 -4.50 13.26 3.97
CA PHE A 39 -4.75 12.08 3.15
C PHE A 39 -3.89 12.09 1.89
N ALA A 40 -3.15 11.00 1.67
CA ALA A 40 -2.28 10.89 0.51
C ALA A 40 -2.47 9.55 -0.19
N PHE A 41 -2.21 9.52 -1.49
CA PHE A 41 -2.36 8.30 -2.28
C PHE A 41 -1.01 7.85 -2.81
N VAL A 42 -0.84 6.53 -2.92
CA VAL A 42 0.40 5.96 -3.43
C VAL A 42 0.14 4.78 -4.36
N GLU A 43 1.05 4.55 -5.29
CA GLU A 43 0.91 3.46 -6.25
C GLU A 43 2.21 2.67 -6.36
N PHE A 44 2.15 1.38 -6.02
CA PHE A 44 3.32 0.52 -6.07
C PHE A 44 3.26 -0.39 -7.30
N GLU A 45 4.24 -0.26 -8.18
CA GLU A 45 4.30 -1.07 -9.39
C GLU A 45 4.28 -2.56 -9.06
N ASP A 46 4.79 -2.90 -7.87
CA ASP A 46 4.82 -4.30 -7.43
C ASP A 46 4.07 -4.47 -6.12
N PRO A 47 3.42 -5.62 -5.96
CA PRO A 47 2.64 -5.94 -4.75
C PRO A 47 3.53 -6.15 -3.53
N ARG A 48 4.62 -6.89 -3.73
CA ARG A 48 5.55 -7.18 -2.64
C ARG A 48 5.96 -5.89 -1.92
N ASP A 49 6.23 -4.84 -2.70
CA ASP A 49 6.62 -3.56 -2.14
C ASP A 49 5.47 -2.90 -1.39
N ALA A 50 4.25 -3.10 -1.91
CA ALA A 50 3.06 -2.53 -1.29
C ALA A 50 2.74 -3.23 0.04
N GLU A 51 2.86 -4.55 0.04
CA GLU A 51 2.58 -5.34 1.24
C GLU A 51 3.61 -5.06 2.32
N ASP A 52 4.89 -5.10 1.94
CA ASP A 52 5.98 -4.84 2.88
C ASP A 52 5.92 -3.42 3.40
N ALA A 53 5.63 -2.47 2.52
CA ALA A 53 5.54 -1.07 2.89
C ALA A 53 4.41 -0.83 3.89
N VAL A 54 3.21 -1.26 3.52
CA VAL A 54 2.04 -1.10 4.38
C VAL A 54 2.24 -1.82 5.72
N ARG A 55 2.39 -3.14 5.65
CA ARG A 55 2.58 -3.93 6.86
C ARG A 55 3.72 -3.37 7.71
N GLY A 56 4.78 -2.94 7.05
CA GLY A 56 5.92 -2.38 7.76
C GLY A 56 5.60 -1.04 8.40
N LEU A 57 5.43 -0.02 7.57
CA LEU A 57 5.13 1.32 8.07
C LEU A 57 3.96 1.29 9.05
N ASP A 58 2.84 0.74 8.61
CA ASP A 58 1.65 0.64 9.45
C ASP A 58 1.92 -0.22 10.68
N GLY A 59 2.71 -1.28 10.49
CA GLY A 59 3.04 -2.16 11.59
C GLY A 59 3.99 -1.51 12.60
N LYS A 60 4.67 -0.45 12.16
CA LYS A 60 5.61 0.25 13.03
C LYS A 60 5.90 1.64 12.48
N VAL A 61 5.60 2.67 13.29
CA VAL A 61 5.83 4.04 12.89
C VAL A 61 7.24 4.23 12.33
N ILE A 62 7.39 5.20 11.44
CA ILE A 62 8.69 5.47 10.83
C ILE A 62 9.19 6.86 11.21
N CYS A 63 10.39 6.92 11.79
CA CYS A 63 10.98 8.19 12.19
C CYS A 63 9.97 9.03 12.97
N GLY A 64 9.21 8.38 13.85
CA GLY A 64 8.21 9.10 14.63
C GLY A 64 7.01 9.52 13.80
N SER A 65 6.67 8.71 12.80
CA SER A 65 5.55 9.01 11.93
C SER A 65 4.59 7.82 11.85
N ARG A 66 3.52 7.89 12.61
CA ARG A 66 2.53 6.81 12.64
C ARG A 66 1.53 6.98 11.49
N VAL A 67 2.05 7.06 10.27
CA VAL A 67 1.21 7.21 9.09
C VAL A 67 0.24 6.05 8.95
N ARG A 68 -0.86 6.28 8.25
CA ARG A 68 -1.88 5.25 8.04
C ARG A 68 -1.85 4.75 6.60
N VAL A 69 -1.30 3.55 6.41
CA VAL A 69 -1.21 2.96 5.08
C VAL A 69 -2.18 1.79 4.93
N GLU A 70 -2.85 1.72 3.79
CA GLU A 70 -3.81 0.65 3.53
C GLU A 70 -3.92 0.38 2.03
N LEU A 71 -4.44 -0.80 1.69
CA LEU A 71 -4.61 -1.18 0.30
C LEU A 71 -6.08 -1.19 -0.10
N SER A 72 -6.47 -0.21 -0.90
CA SER A 72 -7.86 -0.11 -1.36
C SER A 72 -8.18 -1.17 -2.40
N THR A 73 -7.14 -1.62 -3.10
CA THR A 73 -7.30 -2.63 -4.14
C THR A 73 -6.05 -3.48 -4.29
N GLY A 74 -6.23 -4.79 -4.39
CA GLY A 74 -5.10 -5.69 -4.53
C GLY A 74 -4.66 -6.29 -3.21
N MET A 75 -5.59 -6.36 -2.26
CA MET A 75 -5.30 -6.92 -0.94
C MET A 75 -6.35 -7.95 -0.55
N PRO A 76 -6.15 -9.20 -0.98
CA PRO A 76 -7.07 -10.30 -0.68
C PRO A 76 -7.03 -10.71 0.79
N ARG A 77 -8.18 -10.60 1.45
CA ARG A 77 -8.28 -10.95 2.87
C ARG A 77 -9.33 -12.04 3.08
N ARG A 78 -9.46 -12.48 4.33
CA ARG A 78 -10.42 -13.52 4.67
C ARG A 78 -11.78 -12.92 5.01
N SER A 79 -11.81 -11.60 5.15
CA SER A 79 -13.05 -10.89 5.48
C SER A 79 -14.05 -10.97 4.34
N ARG A 80 -15.30 -10.60 4.62
CA ARG A 80 -16.34 -10.64 3.62
C ARG A 80 -16.28 -9.41 2.71
N PHE A 81 -15.09 -9.18 2.14
CA PHE A 81 -14.90 -8.03 1.25
C PHE A 81 -15.75 -8.15 0.00
N ASP A 82 -16.40 -7.06 -0.38
CA ASP A 82 -17.26 -7.04 -1.55
C ASP A 82 -16.47 -6.59 -2.78
N ARG A 83 -15.59 -5.62 -2.60
CA ARG A 83 -14.77 -5.11 -3.70
C ARG A 83 -13.72 -6.13 -4.13
N PRO A 84 -13.71 -6.47 -5.42
CA PRO A 84 -12.76 -7.43 -5.98
C PRO A 84 -11.33 -6.90 -6.00
N PRO A 85 -10.46 -7.51 -5.18
CA PRO A 85 -9.05 -7.10 -5.08
C PRO A 85 -8.26 -7.46 -6.34
N ALA A 86 -7.30 -6.61 -6.69
CA ALA A 86 -6.47 -6.84 -7.87
C ALA A 86 -5.54 -8.03 -7.65
N ARG A 87 -6.05 -9.23 -7.90
CA ARG A 87 -5.26 -10.44 -7.73
C ARG A 87 -5.48 -11.40 -8.90
N ARG A 88 -5.86 -10.85 -10.05
CA ARG A 88 -6.10 -11.65 -11.24
C ARG A 88 -4.84 -11.80 -12.07
N LYS A 89 -3.92 -12.63 -11.59
CA LYS A 89 -2.65 -12.87 -12.28
C LYS A 89 -2.04 -14.20 -11.86
N LEU A 90 -1.04 -14.64 -12.60
CA LEU A 90 -0.36 -15.90 -12.30
C LEU A 90 1.07 -15.89 -12.84
N LEU A 91 2.01 -15.49 -11.98
CA LEU A 91 3.42 -15.44 -12.36
C LEU A 91 4.32 -15.49 -11.13
N GLU A 92 4.10 -14.56 -10.20
CA GLU A 92 4.89 -14.50 -8.98
C GLU A 92 4.34 -15.46 -7.93
N VAL A 93 3.04 -15.70 -7.99
CA VAL A 93 2.38 -16.60 -7.04
C VAL A 93 2.06 -17.94 -7.69
N LEU A 94 1.99 -18.98 -6.87
CA LEU A 94 1.70 -20.32 -7.37
C LEU A 94 0.79 -21.08 -6.39
N PHE A 95 0.31 -22.23 -6.82
CA PHE A 95 -0.56 -23.05 -5.98
C PHE A 95 -1.87 -22.33 -5.68
N ASN A 96 -2.44 -21.70 -6.71
CA ASN A 96 -3.69 -20.96 -6.55
C ASN A 96 -4.78 -21.58 -7.42
N GLY A 97 -4.62 -22.85 -7.77
CA GLY A 97 -5.59 -23.53 -8.59
C GLY A 97 -5.61 -23.03 -10.02
N PRO A 98 -4.52 -23.29 -10.76
CA PRO A 98 -4.38 -22.87 -12.16
C PRO A 98 -5.32 -23.63 -13.09
N LEU A 99 -5.73 -24.82 -12.67
CA LEU A 99 -6.63 -25.65 -13.47
C LEU A 99 -8.04 -25.63 -12.88
N GLU A 100 -8.98 -25.05 -13.62
CA GLU A 100 -10.37 -24.97 -13.19
C GLU A 100 -11.16 -26.18 -13.69
N HIS A 101 -10.47 -27.14 -14.28
CA HIS A 101 -11.11 -28.33 -14.81
C HIS A 101 -12.16 -27.97 -15.86
N MET A 1 2.63 1.81 -9.80
CA MET A 1 1.83 1.15 -8.76
C MET A 1 1.07 2.18 -7.93
N LYS A 2 -0.20 1.90 -7.67
CA LYS A 2 -1.04 2.80 -6.88
C LYS A 2 -0.93 2.49 -5.40
N VAL A 3 -0.51 3.47 -4.62
CA VAL A 3 -0.37 3.30 -3.17
C VAL A 3 -1.30 4.24 -2.42
N TYR A 4 -1.99 3.71 -1.42
CA TYR A 4 -2.91 4.50 -0.62
C TYR A 4 -2.45 4.56 0.84
N VAL A 5 -1.89 5.68 1.24
CA VAL A 5 -1.41 5.87 2.60
C VAL A 5 -2.17 6.98 3.31
N GLY A 6 -3.12 6.60 4.17
CA GLY A 6 -3.90 7.58 4.89
C GLY A 6 -3.82 7.40 6.39
N ASN A 7 -4.86 7.81 7.10
CA ASN A 7 -4.90 7.70 8.55
C ASN A 7 -3.79 8.54 9.19
N LEU A 8 -3.79 9.82 8.90
CA LEU A 8 -2.79 10.73 9.43
C LEU A 8 -3.39 11.63 10.52
N GLY A 9 -3.03 11.36 11.78
CA GLY A 9 -3.54 12.14 12.88
C GLY A 9 -2.87 13.50 12.98
N THR A 10 -1.85 13.61 13.83
CA THR A 10 -1.14 14.85 14.03
C THR A 10 0.32 14.60 14.39
N GLY A 11 1.11 14.22 13.39
CA GLY A 11 2.52 13.95 13.62
C GLY A 11 3.16 13.18 12.48
N ALA A 12 2.34 12.47 11.73
CA ALA A 12 2.83 11.68 10.60
C ALA A 12 2.05 11.99 9.32
N GLY A 13 2.68 12.75 8.42
CA GLY A 13 2.03 13.11 7.17
C GLY A 13 2.89 12.79 5.96
N LYS A 14 3.09 13.79 5.11
CA LYS A 14 3.90 13.60 3.91
C LYS A 14 5.34 13.26 4.26
N GLY A 15 5.93 14.05 5.16
CA GLY A 15 7.30 13.80 5.58
C GLY A 15 7.49 12.44 6.20
N GLU A 16 6.55 12.04 7.05
CA GLU A 16 6.62 10.74 7.71
C GLU A 16 6.53 9.60 6.70
N LEU A 17 5.44 9.58 5.93
CA LEU A 17 5.24 8.55 4.93
C LEU A 17 6.36 8.57 3.89
N GLU A 18 6.92 9.75 3.65
CA GLU A 18 8.01 9.89 2.69
C GLU A 18 9.28 9.20 3.19
N ARG A 19 9.63 9.48 4.45
CA ARG A 19 10.82 8.88 5.05
C ARG A 19 10.71 7.36 5.10
N ALA A 20 9.54 6.88 5.53
CA ALA A 20 9.30 5.45 5.63
C ALA A 20 9.38 4.78 4.26
N PHE A 21 8.52 5.22 3.34
CA PHE A 21 8.49 4.65 1.99
C PHE A 21 9.89 4.63 1.39
N SER A 22 10.57 5.77 1.44
CA SER A 22 11.92 5.88 0.89
C SER A 22 12.86 4.89 1.57
N TYR A 23 12.77 4.81 2.89
CA TYR A 23 13.62 3.90 3.66
C TYR A 23 13.47 2.47 3.16
N TYR A 24 12.24 2.07 2.85
CA TYR A 24 11.98 0.73 2.36
C TYR A 24 12.45 0.57 0.92
N GLY A 25 12.33 1.64 0.13
CA GLY A 25 12.75 1.59 -1.26
C GLY A 25 12.40 2.87 -2.00
N PRO A 26 13.13 3.12 -3.10
CA PRO A 26 12.92 4.32 -3.92
C PRO A 26 11.60 4.27 -4.68
N LEU A 27 10.66 5.12 -4.28
CA LEU A 27 9.36 5.18 -4.92
C LEU A 27 9.38 6.11 -6.13
N ARG A 28 8.24 6.28 -6.78
CA ARG A 28 8.13 7.13 -7.95
C ARG A 28 7.81 8.57 -7.55
N THR A 29 6.64 8.75 -6.93
CA THR A 29 6.21 10.07 -6.50
C THR A 29 5.20 9.97 -5.35
N VAL A 30 5.37 10.84 -4.35
CA VAL A 30 4.47 10.84 -3.20
C VAL A 30 3.56 12.07 -3.22
N TRP A 31 2.42 11.96 -2.54
CA TRP A 31 1.47 13.06 -2.48
C TRP A 31 0.56 12.92 -1.26
N ILE A 32 -0.02 14.04 -0.84
CA ILE A 32 -0.91 14.05 0.32
C ILE A 32 -2.23 14.74 -0.01
N ALA A 33 -3.30 14.30 0.65
CA ALA A 33 -4.62 14.88 0.43
C ALA A 33 -5.04 15.75 1.62
N ARG A 34 -4.99 17.06 1.42
CA ARG A 34 -5.37 17.99 2.47
C ARG A 34 -6.88 18.04 2.66
N ASN A 35 -7.61 17.69 1.59
CA ASN A 35 -9.06 17.69 1.63
C ASN A 35 -9.58 16.93 2.84
N PRO A 36 -9.24 15.63 2.90
CA PRO A 36 -9.66 14.75 4.00
C PRO A 36 -8.95 15.09 5.31
N PRO A 37 -9.44 14.52 6.42
CA PRO A 37 -8.86 14.74 7.75
C PRO A 37 -7.49 14.11 7.91
N GLY A 38 -7.20 13.13 7.05
CA GLY A 38 -5.91 12.45 7.11
C GLY A 38 -5.79 11.35 6.09
N PHE A 39 -5.50 11.73 4.84
CA PHE A 39 -5.36 10.75 3.76
C PHE A 39 -4.30 11.21 2.76
N ALA A 40 -3.42 10.29 2.38
CA ALA A 40 -2.37 10.59 1.43
C ALA A 40 -2.23 9.49 0.38
N PHE A 41 -1.67 9.84 -0.77
CA PHE A 41 -1.49 8.88 -1.85
C PHE A 41 -0.03 8.86 -2.33
N VAL A 42 0.44 7.68 -2.73
CA VAL A 42 1.80 7.53 -3.20
C VAL A 42 1.87 6.62 -4.43
N GLU A 43 2.86 6.85 -5.28
CA GLU A 43 3.02 6.05 -6.48
C GLU A 43 4.37 5.34 -6.49
N PHE A 44 4.35 4.02 -6.62
CA PHE A 44 5.57 3.23 -6.65
C PHE A 44 5.92 2.79 -8.07
N GLU A 45 7.08 3.20 -8.54
CA GLU A 45 7.53 2.85 -9.89
C GLU A 45 7.55 1.35 -10.08
N ASP A 46 7.78 0.62 -8.98
CA ASP A 46 7.84 -0.83 -9.03
C ASP A 46 6.89 -1.44 -8.00
N PRO A 47 6.33 -2.61 -8.32
CA PRO A 47 5.40 -3.32 -7.44
C PRO A 47 6.09 -3.89 -6.20
N ARG A 48 7.26 -4.51 -6.41
CA ARG A 48 8.01 -5.09 -5.31
C ARG A 48 8.17 -4.09 -4.17
N ASP A 49 8.51 -2.86 -4.51
CA ASP A 49 8.69 -1.81 -3.52
C ASP A 49 7.38 -1.49 -2.81
N ALA A 50 6.28 -1.56 -3.56
CA ALA A 50 4.96 -1.28 -3.01
C ALA A 50 4.51 -2.40 -2.07
N GLU A 51 4.78 -3.64 -2.47
CA GLU A 51 4.40 -4.79 -1.66
C GLU A 51 5.16 -4.82 -0.35
N ASP A 52 6.47 -4.61 -0.43
CA ASP A 52 7.32 -4.60 0.76
C ASP A 52 7.00 -3.40 1.65
N ALA A 53 6.99 -2.21 1.05
CA ALA A 53 6.70 -0.98 1.78
C ALA A 53 5.35 -1.07 2.48
N VAL A 54 4.34 -1.56 1.76
CA VAL A 54 3.00 -1.70 2.32
C VAL A 54 2.98 -2.67 3.50
N ARG A 55 3.44 -3.89 3.26
CA ARG A 55 3.49 -4.92 4.29
C ARG A 55 4.16 -4.37 5.55
N GLY A 56 5.23 -3.62 5.37
CA GLY A 56 5.95 -3.06 6.50
C GLY A 56 5.21 -1.89 7.12
N LEU A 57 5.04 -0.82 6.35
CA LEU A 57 4.35 0.37 6.83
C LEU A 57 3.03 0.01 7.49
N ASP A 58 2.22 -0.79 6.80
CA ASP A 58 0.93 -1.22 7.31
C ASP A 58 1.10 -2.28 8.40
N GLY A 59 2.11 -3.13 8.22
CA GLY A 59 2.36 -4.19 9.18
C GLY A 59 2.47 -3.67 10.60
N LYS A 60 3.33 -2.67 10.80
CA LYS A 60 3.53 -2.08 12.12
C LYS A 60 3.51 -0.55 12.04
N VAL A 61 4.15 0.09 13.01
CA VAL A 61 4.21 1.54 13.05
C VAL A 61 5.60 2.05 12.68
N ILE A 62 5.69 3.33 12.31
CA ILE A 62 6.96 3.93 11.94
C ILE A 62 7.26 5.15 12.80
N CYS A 63 8.30 5.04 13.63
CA CYS A 63 8.69 6.14 14.51
C CYS A 63 7.49 6.65 15.30
N GLY A 64 6.69 5.73 15.81
CA GLY A 64 5.52 6.11 16.58
C GLY A 64 4.39 6.63 15.72
N SER A 65 4.32 6.14 14.48
CA SER A 65 3.29 6.57 13.55
C SER A 65 2.56 5.37 12.96
N ARG A 66 1.42 5.02 13.55
CA ARG A 66 0.63 3.89 13.09
C ARG A 66 -0.21 4.27 11.88
N VAL A 67 0.46 4.75 10.83
CA VAL A 67 -0.24 5.15 9.61
C VAL A 67 -0.89 3.96 8.93
N ARG A 68 -1.84 4.24 8.04
CA ARG A 68 -2.55 3.19 7.33
C ARG A 68 -2.14 3.17 5.86
N VAL A 69 -1.57 2.04 5.43
CA VAL A 69 -1.14 1.87 4.05
C VAL A 69 -1.85 0.72 3.37
N GLU A 70 -2.27 0.93 2.13
CA GLU A 70 -2.97 -0.10 1.37
C GLU A 70 -2.75 0.08 -0.13
N LEU A 71 -3.09 -0.95 -0.90
CA LEU A 71 -2.93 -0.91 -2.34
C LEU A 71 -4.28 -0.78 -3.04
N SER A 72 -4.51 0.36 -3.68
CA SER A 72 -5.76 0.61 -4.38
C SER A 72 -5.91 -0.34 -5.57
N THR A 73 -4.78 -0.78 -6.12
CA THR A 73 -4.78 -1.69 -7.26
C THR A 73 -3.57 -2.61 -7.24
N GLY A 74 -3.80 -3.88 -7.53
CA GLY A 74 -2.71 -4.85 -7.54
C GLY A 74 -2.61 -5.61 -6.23
N MET A 75 -3.71 -5.64 -5.48
CA MET A 75 -3.74 -6.35 -4.21
C MET A 75 -4.85 -7.40 -4.20
N PRO A 76 -4.52 -8.61 -4.66
CA PRO A 76 -5.48 -9.72 -4.72
C PRO A 76 -5.85 -10.24 -3.32
N ARG A 77 -7.12 -10.15 -2.98
CA ARG A 77 -7.59 -10.62 -1.68
C ARG A 77 -8.98 -11.24 -1.80
N ARG A 78 -9.49 -11.76 -0.68
CA ARG A 78 -10.80 -12.39 -0.66
C ARG A 78 -11.90 -11.36 -0.42
N SER A 79 -11.67 -10.47 0.55
CA SER A 79 -12.63 -9.43 0.87
C SER A 79 -11.98 -8.06 0.86
N ARG A 80 -12.74 -7.04 1.26
CA ARG A 80 -12.24 -5.67 1.29
C ARG A 80 -11.91 -5.18 -0.11
N PHE A 81 -12.41 -5.90 -1.11
CA PHE A 81 -12.16 -5.54 -2.51
C PHE A 81 -13.44 -5.66 -3.34
N ASP A 82 -13.85 -4.55 -3.94
CA ASP A 82 -15.06 -4.54 -4.76
C ASP A 82 -14.72 -4.84 -6.22
N ARG A 83 -13.66 -4.22 -6.71
CA ARG A 83 -13.25 -4.42 -8.10
C ARG A 83 -12.03 -5.34 -8.17
N PRO A 84 -11.79 -5.93 -9.35
CA PRO A 84 -10.68 -6.84 -9.58
C PRO A 84 -9.33 -6.12 -9.56
N PRO A 85 -8.33 -6.75 -8.94
CA PRO A 85 -6.98 -6.19 -8.83
C PRO A 85 -6.25 -6.16 -10.18
N ALA A 86 -5.27 -5.27 -10.30
CA ALA A 86 -4.50 -5.16 -11.53
C ALA A 86 -3.33 -6.13 -11.55
N ARG A 87 -3.63 -7.40 -11.28
CA ARG A 87 -2.60 -8.44 -11.27
C ARG A 87 -2.44 -9.06 -12.65
N ARG A 88 -3.50 -9.00 -13.45
CA ARG A 88 -3.48 -9.56 -14.79
C ARG A 88 -3.15 -11.06 -14.74
N LYS A 89 -4.20 -11.88 -14.77
CA LYS A 89 -4.02 -13.33 -14.74
C LYS A 89 -3.38 -13.77 -13.43
N LEU A 90 -3.04 -15.05 -13.35
CA LEU A 90 -2.41 -15.60 -12.15
C LEU A 90 -3.35 -15.50 -10.94
N LEU A 91 -4.64 -15.48 -11.21
CA LEU A 91 -5.64 -15.39 -10.15
C LEU A 91 -6.76 -16.40 -10.37
N GLU A 92 -7.27 -16.47 -11.59
CA GLU A 92 -8.34 -17.40 -11.92
C GLU A 92 -7.87 -18.84 -11.77
N VAL A 93 -6.58 -19.06 -11.98
CA VAL A 93 -6.01 -20.40 -11.86
C VAL A 93 -5.42 -20.64 -10.48
N LEU A 94 -5.42 -21.89 -10.04
CA LEU A 94 -4.89 -22.25 -8.73
C LEU A 94 -4.89 -23.77 -8.55
N PHE A 95 -3.75 -24.29 -8.09
CA PHE A 95 -3.61 -25.72 -7.87
C PHE A 95 -2.54 -26.01 -6.82
N ASN A 96 -2.97 -26.28 -5.60
CA ASN A 96 -2.05 -26.57 -4.50
C ASN A 96 -2.80 -27.10 -3.29
N GLY A 97 -3.89 -27.80 -3.53
CA GLY A 97 -4.69 -28.35 -2.45
C GLY A 97 -5.76 -27.39 -1.96
N PRO A 98 -6.76 -27.14 -2.81
CA PRO A 98 -7.87 -26.24 -2.48
C PRO A 98 -8.78 -26.81 -1.41
N LEU A 99 -8.96 -28.13 -1.42
CA LEU A 99 -9.81 -28.80 -0.44
C LEU A 99 -8.98 -29.36 0.71
N GLU A 100 -9.44 -29.13 1.93
CA GLU A 100 -8.75 -29.62 3.11
C GLU A 100 -9.32 -30.95 3.57
N HIS A 101 -10.22 -31.51 2.76
CA HIS A 101 -10.84 -32.79 3.09
C HIS A 101 -11.68 -32.68 4.35
N MET A 1 3.48 -1.85 -7.80
CA MET A 1 2.77 -2.00 -6.54
C MET A 1 2.11 -0.70 -6.12
N LYS A 2 0.79 -0.76 -5.87
CA LYS A 2 0.04 0.41 -5.47
C LYS A 2 0.09 0.60 -3.96
N VAL A 3 0.36 1.82 -3.52
CA VAL A 3 0.43 2.14 -2.11
C VAL A 3 -0.57 3.22 -1.73
N TYR A 4 -1.25 3.02 -0.60
CA TYR A 4 -2.25 3.98 -0.13
C TYR A 4 -1.87 4.50 1.26
N VAL A 5 -1.63 5.81 1.33
CA VAL A 5 -1.26 6.45 2.60
C VAL A 5 -2.18 7.63 2.90
N GLY A 6 -3.10 7.44 3.82
CA GLY A 6 -4.02 8.50 4.19
C GLY A 6 -3.94 8.85 5.66
N ASN A 7 -5.03 9.41 6.19
CA ASN A 7 -5.08 9.79 7.60
C ASN A 7 -4.04 10.87 7.90
N LEU A 8 -4.21 12.04 7.31
CA LEU A 8 -3.30 13.16 7.51
C LEU A 8 -3.92 14.22 8.42
N GLY A 9 -3.85 13.97 9.72
CA GLY A 9 -4.41 14.91 10.69
C GLY A 9 -3.61 14.98 11.96
N THR A 10 -2.31 15.26 11.83
CA THR A 10 -1.42 15.36 12.98
C THR A 10 -0.02 15.78 12.56
N GLY A 11 0.06 16.61 11.52
CA GLY A 11 1.34 17.08 11.04
C GLY A 11 2.04 16.06 10.17
N ALA A 12 1.27 15.17 9.54
CA ALA A 12 1.83 14.14 8.69
C ALA A 12 1.12 14.12 7.33
N GLY A 13 1.79 14.64 6.31
CA GLY A 13 1.21 14.67 4.98
C GLY A 13 2.18 14.19 3.92
N LYS A 14 2.37 15.01 2.89
CA LYS A 14 3.28 14.67 1.80
C LYS A 14 4.72 14.57 2.29
N GLY A 15 5.16 15.58 3.04
CA GLY A 15 6.51 15.58 3.56
C GLY A 15 6.78 14.40 4.48
N GLU A 16 5.82 14.10 5.35
CA GLU A 16 5.95 12.99 6.29
C GLU A 16 6.06 11.66 5.54
N LEU A 17 5.06 11.37 4.72
CA LEU A 17 5.04 10.13 3.94
C LEU A 17 6.22 10.06 2.99
N GLU A 18 6.70 11.23 2.56
CA GLU A 18 7.83 11.29 1.65
C GLU A 18 9.11 10.85 2.34
N ARG A 19 9.36 11.39 3.53
CA ARG A 19 10.55 11.04 4.30
C ARG A 19 10.54 9.58 4.68
N ALA A 20 9.39 9.09 5.14
CA ALA A 20 9.25 7.70 5.54
C ALA A 20 9.50 6.76 4.38
N PHE A 21 8.69 6.89 3.33
CA PHE A 21 8.82 6.05 2.15
C PHE A 21 10.25 6.07 1.62
N SER A 22 10.78 7.28 1.39
CA SER A 22 12.13 7.42 0.89
C SER A 22 13.14 6.76 1.83
N TYR A 23 12.94 6.94 3.12
CA TYR A 23 13.84 6.36 4.12
C TYR A 23 13.93 4.85 3.94
N TYR A 24 12.79 4.20 3.77
CA TYR A 24 12.74 2.76 3.60
C TYR A 24 13.27 2.35 2.22
N GLY A 25 13.04 3.22 1.24
CA GLY A 25 13.51 2.94 -0.12
C GLY A 25 12.92 3.90 -1.14
N PRO A 26 13.58 4.01 -2.30
CA PRO A 26 13.14 4.89 -3.38
C PRO A 26 11.85 4.39 -4.05
N LEU A 27 10.77 5.16 -3.89
CA LEU A 27 9.49 4.79 -4.47
C LEU A 27 9.38 5.29 -5.91
N ARG A 28 8.45 4.73 -6.66
CA ARG A 28 8.25 5.11 -8.05
C ARG A 28 7.80 6.56 -8.16
N THR A 29 6.75 6.90 -7.42
CA THR A 29 6.21 8.26 -7.44
C THR A 29 5.26 8.48 -6.26
N VAL A 30 5.17 9.73 -5.81
CA VAL A 30 4.29 10.08 -4.70
C VAL A 30 3.10 10.90 -5.18
N TRP A 31 1.98 10.76 -4.47
CA TRP A 31 0.76 11.49 -4.82
C TRP A 31 -0.01 11.89 -3.58
N ILE A 32 -0.66 13.04 -3.63
CA ILE A 32 -1.45 13.53 -2.50
C ILE A 32 -2.85 13.93 -2.95
N ALA A 33 -3.84 13.62 -2.11
CA ALA A 33 -5.24 13.95 -2.41
C ALA A 33 -5.72 15.10 -1.54
N ARG A 34 -5.83 16.28 -2.15
CA ARG A 34 -6.29 17.47 -1.43
C ARG A 34 -7.80 17.47 -1.28
N ASN A 35 -8.48 16.84 -2.23
CA ASN A 35 -9.94 16.76 -2.21
C ASN A 35 -10.44 16.34 -0.83
N PRO A 36 -10.01 15.15 -0.39
CA PRO A 36 -10.40 14.61 0.92
C PRO A 36 -9.77 15.38 2.08
N PRO A 37 -10.24 15.08 3.30
CA PRO A 37 -9.73 15.73 4.51
C PRO A 37 -8.30 15.33 4.85
N GLY A 38 -7.93 14.11 4.44
CA GLY A 38 -6.59 13.62 4.71
C GLY A 38 -6.34 12.26 4.09
N PHE A 39 -6.01 12.25 2.81
CA PHE A 39 -5.75 11.00 2.09
C PHE A 39 -4.70 11.21 1.00
N ALA A 40 -3.76 10.27 0.91
CA ALA A 40 -2.70 10.36 -0.10
C ALA A 40 -2.40 8.98 -0.69
N PHE A 41 -1.80 8.97 -1.87
CA PHE A 41 -1.46 7.72 -2.55
C PHE A 41 -0.01 7.74 -3.01
N VAL A 42 0.62 6.56 -2.99
CA VAL A 42 2.01 6.43 -3.41
C VAL A 42 2.21 5.20 -4.28
N GLU A 43 3.15 5.28 -5.21
CA GLU A 43 3.44 4.17 -6.11
C GLU A 43 4.87 3.65 -5.90
N PHE A 44 4.98 2.36 -5.59
CA PHE A 44 6.29 1.75 -5.37
C PHE A 44 6.72 0.92 -6.57
N GLU A 45 7.84 1.28 -7.16
CA GLU A 45 8.36 0.56 -8.33
C GLU A 45 8.54 -0.91 -8.02
N ASP A 46 8.83 -1.22 -6.75
CA ASP A 46 9.03 -2.60 -6.33
C ASP A 46 8.06 -2.97 -5.21
N PRO A 47 7.63 -4.24 -5.19
CA PRO A 47 6.70 -4.75 -4.18
C PRO A 47 7.33 -4.83 -2.80
N ARG A 48 8.54 -5.40 -2.73
CA ARG A 48 9.24 -5.54 -1.47
C ARG A 48 9.29 -4.21 -0.72
N ASP A 49 9.57 -3.13 -1.45
CA ASP A 49 9.65 -1.80 -0.86
C ASP A 49 8.31 -1.39 -0.28
N ALA A 50 7.23 -1.80 -0.94
CA ALA A 50 5.88 -1.46 -0.48
C ALA A 50 5.50 -2.29 0.75
N GLU A 51 5.83 -3.58 0.71
CA GLU A 51 5.52 -4.47 1.82
C GLU A 51 6.21 -4.00 3.10
N ASP A 52 7.49 -3.70 3.00
CA ASP A 52 8.26 -3.23 4.16
C ASP A 52 7.81 -1.85 4.59
N ALA A 53 7.79 -0.91 3.64
CA ALA A 53 7.37 0.45 3.93
C ALA A 53 6.00 0.48 4.60
N VAL A 54 5.02 -0.12 3.94
CA VAL A 54 3.66 -0.16 4.47
C VAL A 54 3.63 -0.82 5.85
N ARG A 55 4.24 -1.99 5.95
CA ARG A 55 4.29 -2.73 7.21
C ARG A 55 4.83 -1.86 8.33
N GLY A 56 5.80 -1.00 8.00
CA GLY A 56 6.39 -0.13 8.99
C GLY A 56 5.51 1.06 9.29
N LEU A 57 5.30 1.93 8.30
CA LEU A 57 4.49 3.12 8.47
C LEU A 57 3.14 2.77 9.10
N ASP A 58 2.54 1.67 8.63
CA ASP A 58 1.26 1.23 9.15
C ASP A 58 1.44 0.49 10.47
N GLY A 59 2.49 -0.30 10.57
CA GLY A 59 2.76 -1.05 11.79
C GLY A 59 2.74 -0.17 13.02
N LYS A 60 3.50 0.92 12.98
CA LYS A 60 3.57 1.85 14.11
C LYS A 60 3.55 3.29 13.62
N VAL A 61 4.06 4.20 14.44
CA VAL A 61 4.10 5.62 14.10
C VAL A 61 5.45 6.01 13.52
N ILE A 62 5.43 6.90 12.54
CA ILE A 62 6.66 7.35 11.90
C ILE A 62 7.07 8.74 12.40
N CYS A 63 7.94 8.76 13.41
CA CYS A 63 8.41 10.02 13.98
C CYS A 63 7.26 10.78 14.62
N GLY A 64 6.30 10.04 15.18
CA GLY A 64 5.16 10.67 15.83
C GLY A 64 4.00 10.87 14.87
N SER A 65 3.98 10.09 13.79
CA SER A 65 2.91 10.20 12.79
C SER A 65 2.28 8.84 12.53
N ARG A 66 1.20 8.54 13.26
CA ARG A 66 0.50 7.27 13.10
C ARG A 66 -0.45 7.32 11.91
N VAL A 67 0.08 7.64 10.74
CA VAL A 67 -0.71 7.72 9.53
C VAL A 67 -1.31 6.36 9.17
N ARG A 68 -2.15 6.33 8.14
CA ARG A 68 -2.78 5.10 7.69
C ARG A 68 -2.21 4.65 6.36
N VAL A 69 -1.36 3.61 6.41
CA VAL A 69 -0.75 3.08 5.20
C VAL A 69 -1.22 1.66 4.93
N GLU A 70 -1.50 1.36 3.66
CA GLU A 70 -1.97 0.05 3.26
C GLU A 70 -1.87 -0.14 1.75
N LEU A 71 -1.99 -1.38 1.30
CA LEU A 71 -1.92 -1.69 -0.13
C LEU A 71 -3.30 -2.06 -0.67
N SER A 72 -3.84 -1.20 -1.53
CA SER A 72 -5.16 -1.44 -2.12
C SER A 72 -5.07 -2.54 -3.18
N THR A 73 -3.89 -2.70 -3.77
CA THR A 73 -3.69 -3.72 -4.80
C THR A 73 -2.33 -4.40 -4.64
N GLY A 74 -2.32 -5.72 -4.78
CA GLY A 74 -1.10 -6.47 -4.65
C GLY A 74 -0.92 -7.06 -3.27
N MET A 75 -2.03 -7.21 -2.55
CA MET A 75 -1.99 -7.76 -1.20
C MET A 75 -2.93 -8.96 -1.09
N PRO A 76 -2.40 -10.15 -1.39
CA PRO A 76 -3.18 -11.40 -1.33
C PRO A 76 -3.50 -11.80 0.10
N ARG A 77 -4.79 -11.88 0.42
CA ARG A 77 -5.23 -12.26 1.75
C ARG A 77 -6.49 -13.11 1.69
N ARG A 78 -6.95 -13.57 2.85
CA ARG A 78 -8.15 -14.40 2.92
C ARG A 78 -9.41 -13.53 3.02
N SER A 79 -9.34 -12.50 3.87
CA SER A 79 -10.47 -11.61 4.07
C SER A 79 -10.04 -10.16 3.89
N ARG A 80 -10.97 -9.23 4.15
CA ARG A 80 -10.68 -7.81 4.02
C ARG A 80 -10.38 -7.45 2.58
N PHE A 81 -10.72 -8.34 1.66
CA PHE A 81 -10.49 -8.12 0.23
C PHE A 81 -11.69 -8.55 -0.59
N ASP A 82 -12.26 -7.60 -1.34
CA ASP A 82 -13.42 -7.89 -2.17
C ASP A 82 -12.99 -8.31 -3.57
N ARG A 83 -12.02 -7.58 -4.13
CA ARG A 83 -11.52 -7.87 -5.46
C ARG A 83 -10.17 -8.58 -5.40
N PRO A 84 -9.80 -9.26 -6.49
CA PRO A 84 -8.54 -9.99 -6.59
C PRO A 84 -7.33 -9.06 -6.63
N PRO A 85 -6.26 -9.45 -5.93
CA PRO A 85 -5.02 -8.66 -5.88
C PRO A 85 -4.27 -8.66 -7.20
N ALA A 86 -3.44 -7.64 -7.41
CA ALA A 86 -2.67 -7.54 -8.64
C ALA A 86 -1.37 -8.32 -8.54
N ARG A 87 -1.49 -9.61 -8.19
CA ARG A 87 -0.32 -10.47 -8.07
C ARG A 87 -0.21 -11.40 -9.27
N ARG A 88 -1.22 -12.22 -9.49
CA ARG A 88 -1.23 -13.16 -10.60
C ARG A 88 -2.62 -13.22 -11.25
N LYS A 89 -2.78 -14.16 -12.17
CA LYS A 89 -4.05 -14.33 -12.87
C LYS A 89 -4.39 -13.08 -13.70
N LEU A 90 -5.29 -13.26 -14.67
CA LEU A 90 -5.69 -12.15 -15.54
C LEU A 90 -7.06 -12.41 -16.14
N LEU A 91 -7.89 -13.15 -15.42
CA LEU A 91 -9.24 -13.48 -15.88
C LEU A 91 -9.19 -14.57 -16.95
N GLU A 92 -7.98 -14.95 -17.36
CA GLU A 92 -7.82 -15.99 -18.36
C GLU A 92 -7.54 -17.34 -17.72
N VAL A 93 -6.74 -17.34 -16.65
CA VAL A 93 -6.40 -18.56 -15.93
C VAL A 93 -7.34 -18.78 -14.76
N LEU A 94 -7.56 -20.05 -14.41
CA LEU A 94 -8.43 -20.40 -13.30
C LEU A 94 -8.05 -21.76 -12.72
N PHE A 95 -8.63 -22.09 -11.57
CA PHE A 95 -8.36 -23.36 -10.91
C PHE A 95 -9.18 -23.49 -9.63
N ASN A 96 -10.34 -24.10 -9.75
CA ASN A 96 -11.22 -24.30 -8.59
C ASN A 96 -11.66 -25.76 -8.49
N GLY A 97 -10.82 -26.65 -8.99
CA GLY A 97 -11.13 -28.07 -8.93
C GLY A 97 -12.27 -28.46 -9.86
N PRO A 98 -11.99 -28.41 -11.17
CA PRO A 98 -12.98 -28.76 -12.20
C PRO A 98 -13.31 -30.24 -12.22
N LEU A 99 -12.38 -31.05 -11.71
CA LEU A 99 -12.57 -32.50 -11.67
C LEU A 99 -13.57 -32.88 -10.59
N GLU A 100 -14.19 -34.05 -10.75
CA GLU A 100 -15.17 -34.54 -9.78
C GLU A 100 -14.49 -35.37 -8.69
N HIS A 101 -13.16 -35.37 -8.70
CA HIS A 101 -12.39 -36.13 -7.71
C HIS A 101 -12.74 -37.61 -7.77
N MET A 1 -0.46 -0.99 -8.52
CA MET A 1 0.29 -0.78 -7.29
C MET A 1 0.23 0.69 -6.86
N LYS A 2 -0.71 1.01 -5.97
CA LYS A 2 -0.86 2.37 -5.49
C LYS A 2 -0.72 2.43 -3.97
N VAL A 3 -0.17 3.53 -3.47
CA VAL A 3 0.02 3.71 -2.04
C VAL A 3 -0.94 4.75 -1.49
N TYR A 4 -1.62 4.40 -0.39
CA TYR A 4 -2.57 5.31 0.24
C TYR A 4 -2.13 5.67 1.65
N VAL A 5 -1.75 6.93 1.85
CA VAL A 5 -1.31 7.40 3.16
C VAL A 5 -2.20 8.54 3.65
N GLY A 6 -3.09 8.22 4.59
CA GLY A 6 -3.98 9.23 5.14
C GLY A 6 -3.81 9.40 6.64
N ASN A 7 -4.82 9.97 7.28
CA ASN A 7 -4.78 10.19 8.72
C ASN A 7 -3.65 11.15 9.09
N LEU A 8 -3.82 12.43 8.76
CA LEU A 8 -2.82 13.45 9.06
C LEU A 8 -3.33 14.43 10.10
N GLY A 9 -2.64 15.54 10.24
CA GLY A 9 -3.04 16.57 11.20
C GLY A 9 -2.35 16.40 12.54
N THR A 10 -1.16 15.80 12.53
CA THR A 10 -0.40 15.58 13.75
C THR A 10 1.10 15.64 13.48
N GLY A 11 1.49 16.49 12.52
CA GLY A 11 2.89 16.63 12.19
C GLY A 11 3.35 15.60 11.18
N ALA A 12 2.40 15.02 10.45
CA ALA A 12 2.72 14.02 9.44
C ALA A 12 2.04 14.35 8.11
N GLY A 13 2.84 14.81 7.15
CA GLY A 13 2.31 15.17 5.85
C GLY A 13 3.24 14.77 4.72
N LYS A 14 3.59 15.74 3.89
CA LYS A 14 4.49 15.49 2.75
C LYS A 14 5.89 15.13 3.24
N GLY A 15 6.44 15.99 4.10
CA GLY A 15 7.78 15.75 4.62
C GLY A 15 7.88 14.43 5.37
N GLU A 16 6.85 14.13 6.16
CA GLU A 16 6.83 12.88 6.94
C GLU A 16 6.77 11.68 6.02
N LEU A 17 5.74 11.62 5.18
CA LEU A 17 5.58 10.51 4.25
C LEU A 17 6.75 10.42 3.28
N GLU A 18 7.38 11.56 3.02
CA GLU A 18 8.52 11.61 2.11
C GLU A 18 9.74 10.95 2.73
N ARG A 19 10.03 11.31 3.98
CA ARG A 19 11.18 10.75 4.69
C ARG A 19 11.02 9.25 4.88
N ALA A 20 9.81 8.82 5.23
CA ALA A 20 9.53 7.41 5.44
C ALA A 20 9.63 6.63 4.13
N PHE A 21 8.79 6.99 3.16
CA PHE A 21 8.80 6.31 1.86
C PHE A 21 10.20 6.27 1.27
N SER A 22 10.86 7.43 1.24
CA SER A 22 12.21 7.53 0.70
C SER A 22 13.17 6.63 1.46
N TYR A 23 13.06 6.64 2.78
CA TYR A 23 13.92 5.83 3.63
C TYR A 23 13.84 4.36 3.23
N TYR A 24 12.62 3.87 3.00
CA TYR A 24 12.41 2.48 2.61
C TYR A 24 12.87 2.25 1.17
N GLY A 25 12.75 3.27 0.34
CA GLY A 25 13.16 3.16 -1.05
C GLY A 25 12.66 4.30 -1.91
N PRO A 26 13.28 4.50 -3.08
CA PRO A 26 12.90 5.55 -4.01
C PRO A 26 11.54 5.31 -4.66
N LEU A 27 10.59 6.19 -4.38
CA LEU A 27 9.25 6.06 -4.93
C LEU A 27 9.17 6.73 -6.30
N ARG A 28 7.98 6.70 -6.89
CA ARG A 28 7.76 7.30 -8.20
C ARG A 28 7.30 8.74 -8.08
N THR A 29 6.26 8.95 -7.27
CA THR A 29 5.72 10.28 -7.06
C THR A 29 4.89 10.35 -5.78
N VAL A 30 4.61 11.57 -5.32
CA VAL A 30 3.83 11.76 -4.11
C VAL A 30 2.83 12.90 -4.27
N TRP A 31 1.66 12.74 -3.68
CA TRP A 31 0.62 13.76 -3.75
C TRP A 31 -0.31 13.69 -2.55
N ILE A 32 -0.44 14.82 -1.85
CA ILE A 32 -1.29 14.88 -0.67
C ILE A 32 -2.55 15.70 -0.95
N ALA A 33 -3.64 15.32 -0.30
CA ALA A 33 -4.92 16.01 -0.47
C ALA A 33 -5.25 16.87 0.74
N ARG A 34 -5.14 18.19 0.57
CA ARG A 34 -5.43 19.12 1.65
C ARG A 34 -6.94 19.29 1.84
N ASN A 35 -7.69 19.05 0.78
CA ASN A 35 -9.15 19.18 0.83
C ASN A 35 -9.71 18.46 2.04
N PRO A 36 -9.46 17.14 2.12
CA PRO A 36 -9.93 16.30 3.23
C PRO A 36 -9.22 16.63 4.54
N PRO A 37 -9.73 16.06 5.64
CA PRO A 37 -9.16 16.26 6.98
C PRO A 37 -7.80 15.59 7.14
N GLY A 38 -7.53 14.61 6.28
CA GLY A 38 -6.27 13.89 6.34
C GLY A 38 -6.22 12.71 5.41
N PHE A 39 -5.93 12.96 4.13
CA PHE A 39 -5.85 11.90 3.14
C PHE A 39 -4.81 12.23 2.07
N ALA A 40 -3.80 11.39 1.96
CA ALA A 40 -2.74 11.57 0.98
C ALA A 40 -2.48 10.31 0.19
N PHE A 41 -2.00 10.47 -1.04
CA PHE A 41 -1.72 9.33 -1.91
C PHE A 41 -0.27 9.36 -2.39
N VAL A 42 0.32 8.17 -2.55
CA VAL A 42 1.70 8.06 -3.00
C VAL A 42 1.87 6.92 -3.99
N GLU A 43 2.83 7.05 -4.88
CA GLU A 43 3.09 6.02 -5.89
C GLU A 43 4.56 5.58 -5.84
N PHE A 44 4.77 4.27 -5.77
CA PHE A 44 6.12 3.72 -5.72
C PHE A 44 6.54 3.20 -7.09
N GLU A 45 7.72 3.59 -7.54
CA GLU A 45 8.24 3.16 -8.83
C GLU A 45 8.24 1.64 -8.94
N ASP A 46 8.47 0.98 -7.81
CA ASP A 46 8.49 -0.48 -7.79
C ASP A 46 7.44 -1.02 -6.82
N PRO A 47 6.95 -2.24 -7.10
CA PRO A 47 5.94 -2.89 -6.26
C PRO A 47 6.50 -3.31 -4.90
N ARG A 48 7.64 -4.00 -4.92
CA ARG A 48 8.27 -4.45 -3.69
C ARG A 48 8.47 -3.31 -2.71
N ASP A 49 8.84 -2.14 -3.24
CA ASP A 49 9.06 -0.96 -2.42
C ASP A 49 7.76 -0.47 -1.81
N ALA A 50 6.67 -0.61 -2.56
CA ALA A 50 5.36 -0.18 -2.09
C ALA A 50 4.86 -1.07 -0.95
N GLU A 51 5.05 -2.38 -1.11
CA GLU A 51 4.63 -3.34 -0.10
C GLU A 51 5.44 -3.18 1.18
N ASP A 52 6.76 -3.09 1.02
CA ASP A 52 7.65 -2.93 2.17
C ASP A 52 7.39 -1.61 2.89
N ALA A 53 7.27 -0.54 2.10
CA ALA A 53 7.02 0.78 2.66
C ALA A 53 5.74 0.80 3.48
N VAL A 54 4.64 0.40 2.84
CA VAL A 54 3.33 0.38 3.51
C VAL A 54 3.38 -0.46 4.78
N ARG A 55 3.75 -1.73 4.62
CA ARG A 55 3.83 -2.65 5.75
C ARG A 55 4.69 -2.06 6.87
N GLY A 56 5.74 -1.35 6.48
CA GLY A 56 6.62 -0.74 7.46
C GLY A 56 5.96 0.39 8.21
N LEU A 57 5.58 1.44 7.49
CA LEU A 57 4.93 2.60 8.10
C LEU A 57 3.67 2.18 8.87
N ASP A 58 2.78 1.48 8.19
CA ASP A 58 1.54 1.01 8.80
C ASP A 58 1.83 0.04 9.93
N GLY A 59 2.89 -0.76 9.76
CA GLY A 59 3.25 -1.73 10.77
C GLY A 59 3.96 -1.11 11.95
N LYS A 60 4.44 0.12 11.77
CA LYS A 60 5.15 0.84 12.82
C LYS A 60 5.18 2.34 12.54
N VAL A 61 4.66 3.12 13.47
CA VAL A 61 4.63 4.57 13.32
C VAL A 61 5.99 5.10 12.86
N ILE A 62 5.97 6.22 12.14
CA ILE A 62 7.19 6.82 11.64
C ILE A 62 7.42 8.19 12.27
N CYS A 63 8.57 8.36 12.90
CA CYS A 63 8.91 9.64 13.54
C CYS A 63 7.75 10.15 14.39
N GLY A 64 7.11 9.24 15.12
CA GLY A 64 5.99 9.61 15.95
C GLY A 64 4.75 9.93 15.15
N SER A 65 4.58 9.25 14.02
CA SER A 65 3.43 9.47 13.16
C SER A 65 2.71 8.15 12.86
N ARG A 66 1.61 7.92 13.58
CA ARG A 66 0.83 6.70 13.40
C ARG A 66 -0.22 6.88 12.30
N VAL A 67 0.22 7.40 11.16
CA VAL A 67 -0.67 7.63 10.03
C VAL A 67 -1.28 6.32 9.54
N ARG A 68 -2.14 6.40 8.53
CA ARG A 68 -2.79 5.23 7.97
C ARG A 68 -2.24 4.92 6.58
N VAL A 69 -1.40 3.89 6.49
CA VAL A 69 -0.81 3.50 5.22
C VAL A 69 -1.37 2.16 4.75
N GLU A 70 -1.80 2.11 3.49
CA GLU A 70 -2.36 0.90 2.91
C GLU A 70 -2.31 0.94 1.39
N LEU A 71 -2.45 -0.23 0.77
CA LEU A 71 -2.42 -0.33 -0.68
C LEU A 71 -3.77 -0.77 -1.23
N SER A 72 -4.35 0.06 -2.10
CA SER A 72 -5.64 -0.24 -2.70
C SER A 72 -5.51 -1.33 -3.76
N THR A 73 -4.32 -1.44 -4.34
CA THR A 73 -4.07 -2.45 -5.37
C THR A 73 -2.60 -2.87 -5.37
N GLY A 74 -2.36 -4.10 -5.80
CA GLY A 74 -1.00 -4.62 -5.84
C GLY A 74 -0.65 -5.45 -4.62
N MET A 75 -1.67 -6.03 -4.00
CA MET A 75 -1.47 -6.85 -2.82
C MET A 75 -2.20 -8.18 -2.94
N PRO A 76 -1.54 -9.16 -3.58
CA PRO A 76 -2.09 -10.50 -3.78
C PRO A 76 -2.23 -11.28 -2.48
N ARG A 77 -3.45 -11.67 -2.14
CA ARG A 77 -3.71 -12.42 -0.92
C ARG A 77 -4.63 -13.60 -1.19
N ARG A 78 -4.47 -14.67 -0.42
CA ARG A 78 -5.29 -15.86 -0.57
C ARG A 78 -6.59 -15.74 0.21
N SER A 79 -6.68 -14.71 1.05
CA SER A 79 -7.87 -14.48 1.86
C SER A 79 -9.05 -14.07 0.99
N ARG A 80 -10.14 -13.65 1.62
CA ARG A 80 -11.34 -13.23 0.91
C ARG A 80 -11.18 -11.80 0.39
N PHE A 81 -10.09 -11.55 -0.33
CA PHE A 81 -9.82 -10.23 -0.88
C PHE A 81 -10.87 -9.87 -1.94
N ASP A 82 -11.43 -8.67 -1.82
CA ASP A 82 -12.43 -8.19 -2.76
C ASP A 82 -11.79 -7.43 -3.91
N ARG A 83 -10.85 -6.54 -3.57
CA ARG A 83 -10.16 -5.74 -4.57
C ARG A 83 -9.10 -6.56 -5.29
N PRO A 84 -9.20 -6.60 -6.64
CA PRO A 84 -8.25 -7.35 -7.47
C PRO A 84 -6.86 -6.72 -7.48
N PRO A 85 -5.86 -7.47 -7.03
CA PRO A 85 -4.48 -7.02 -6.99
C PRO A 85 -3.86 -6.87 -8.38
N ALA A 86 -2.85 -6.02 -8.49
CA ALA A 86 -2.18 -5.79 -9.77
C ALA A 86 -1.15 -6.87 -10.05
N ARG A 87 -1.58 -8.13 -10.01
CA ARG A 87 -0.70 -9.25 -10.25
C ARG A 87 -1.45 -10.58 -10.15
N ARG A 88 -2.72 -10.57 -10.59
CA ARG A 88 -3.55 -11.76 -10.54
C ARG A 88 -3.14 -12.75 -11.63
N LYS A 89 -3.55 -14.00 -11.48
CA LYS A 89 -3.23 -15.04 -12.45
C LYS A 89 -4.30 -16.13 -12.44
N LEU A 90 -4.23 -17.03 -13.41
CA LEU A 90 -5.18 -18.13 -13.52
C LEU A 90 -4.82 -19.05 -14.69
N LEU A 91 -4.10 -20.12 -14.39
CA LEU A 91 -3.70 -21.08 -15.42
C LEU A 91 -3.20 -22.38 -14.78
N GLU A 92 -2.16 -22.25 -13.96
CA GLU A 92 -1.58 -23.42 -13.29
C GLU A 92 -2.58 -24.02 -12.30
N VAL A 93 -3.47 -23.19 -11.78
CA VAL A 93 -4.47 -23.64 -10.83
C VAL A 93 -5.80 -23.91 -11.52
N LEU A 94 -6.57 -24.85 -10.95
CA LEU A 94 -7.87 -25.21 -11.51
C LEU A 94 -8.62 -26.16 -10.58
N PHE A 95 -9.90 -25.87 -10.36
CA PHE A 95 -10.72 -26.69 -9.49
C PHE A 95 -12.20 -26.48 -9.78
N ASN A 96 -12.80 -27.42 -10.51
CA ASN A 96 -14.21 -27.33 -10.86
C ASN A 96 -14.90 -28.69 -10.69
N GLY A 97 -14.37 -29.50 -9.79
CA GLY A 97 -14.94 -30.82 -9.55
C GLY A 97 -14.54 -31.84 -10.60
N PRO A 98 -13.25 -32.19 -10.61
CA PRO A 98 -12.71 -33.16 -11.57
C PRO A 98 -13.22 -34.58 -11.31
N LEU A 99 -13.52 -34.87 -10.05
CA LEU A 99 -14.01 -36.19 -9.66
C LEU A 99 -15.47 -36.37 -10.07
N GLU A 100 -15.84 -37.60 -10.42
CA GLU A 100 -17.20 -37.90 -10.84
C GLU A 100 -18.02 -38.41 -9.66
N HIS A 101 -17.44 -38.35 -8.46
CA HIS A 101 -18.12 -38.79 -7.25
C HIS A 101 -18.40 -40.30 -7.31
N MET A 1 1.07 -1.83 -6.98
CA MET A 1 -0.35 -1.59 -6.72
C MET A 1 -0.57 -0.17 -6.18
N LYS A 2 -1.78 0.09 -5.70
CA LYS A 2 -2.12 1.40 -5.16
C LYS A 2 -1.78 1.48 -3.68
N VAL A 3 -1.34 2.65 -3.23
CA VAL A 3 -0.98 2.86 -1.84
C VAL A 3 -1.66 4.11 -1.27
N TYR A 4 -2.13 4.01 -0.03
CA TYR A 4 -2.80 5.14 0.61
C TYR A 4 -2.11 5.49 1.94
N VAL A 5 -1.61 6.71 2.02
CA VAL A 5 -0.93 7.17 3.23
C VAL A 5 -1.51 8.50 3.71
N GLY A 6 -2.32 8.45 4.76
CA GLY A 6 -2.92 9.66 5.30
C GLY A 6 -2.50 9.92 6.73
N ASN A 7 -3.34 10.66 7.46
CA ASN A 7 -3.05 10.98 8.85
C ASN A 7 -1.78 11.82 8.96
N LEU A 8 -1.82 13.03 8.41
CA LEU A 8 -0.68 13.93 8.45
C LEU A 8 -0.83 14.96 9.56
N GLY A 9 -1.03 14.47 10.78
CA GLY A 9 -1.18 15.37 11.92
C GLY A 9 -0.12 15.15 12.97
N THR A 10 1.10 15.60 12.68
CA THR A 10 2.21 15.44 13.62
C THR A 10 3.50 16.01 13.03
N GLY A 11 3.63 15.92 11.70
CA GLY A 11 4.82 16.41 11.04
C GLY A 11 5.33 15.47 9.98
N ALA A 12 4.42 14.75 9.33
CA ALA A 12 4.79 13.79 8.29
C ALA A 12 3.95 14.01 7.03
N GLY A 13 4.56 14.60 6.01
CA GLY A 13 3.85 14.85 4.77
C GLY A 13 4.52 14.19 3.58
N LYS A 14 4.76 14.98 2.53
CA LYS A 14 5.40 14.47 1.33
C LYS A 14 6.83 14.05 1.60
N GLY A 15 7.57 14.89 2.31
CA GLY A 15 8.96 14.59 2.64
C GLY A 15 9.09 13.35 3.50
N GLU A 16 8.24 13.26 4.52
CA GLU A 16 8.27 12.12 5.43
C GLU A 16 7.96 10.82 4.69
N LEU A 17 6.80 10.79 4.03
CA LEU A 17 6.38 9.61 3.29
C LEU A 17 7.37 9.29 2.16
N GLU A 18 8.03 10.33 1.66
CA GLU A 18 9.01 10.18 0.59
C GLU A 18 10.24 9.41 1.08
N ARG A 19 10.78 9.85 2.21
CA ARG A 19 11.96 9.21 2.79
C ARG A 19 11.66 7.77 3.20
N ALA A 20 10.47 7.55 3.74
CA ALA A 20 10.06 6.23 4.18
C ALA A 20 9.90 5.29 2.99
N PHE A 21 8.94 5.61 2.12
CA PHE A 21 8.68 4.79 0.94
C PHE A 21 9.97 4.53 0.16
N SER A 22 10.75 5.59 -0.05
CA SER A 22 12.00 5.48 -0.79
C SER A 22 12.97 4.55 -0.06
N TYR A 23 13.06 4.69 1.25
CA TYR A 23 13.95 3.87 2.07
C TYR A 23 13.64 2.39 1.87
N TYR A 24 12.35 2.06 1.85
CA TYR A 24 11.91 0.68 1.68
C TYR A 24 12.15 0.21 0.25
N GLY A 25 11.95 1.11 -0.71
CA GLY A 25 12.14 0.77 -2.11
C GLY A 25 11.60 1.84 -3.04
N PRO A 26 12.10 1.84 -4.28
CA PRO A 26 11.68 2.82 -5.30
C PRO A 26 10.25 2.58 -5.77
N LEU A 27 9.37 3.52 -5.44
CA LEU A 27 7.97 3.42 -5.83
C LEU A 27 7.75 4.00 -7.22
N ARG A 28 6.49 3.99 -7.67
CA ARG A 28 6.15 4.53 -8.98
C ARG A 28 6.04 6.04 -8.94
N THR A 29 5.24 6.55 -8.00
CA THR A 29 5.06 7.99 -7.85
C THR A 29 4.42 8.32 -6.51
N VAL A 30 4.47 9.60 -6.13
CA VAL A 30 3.90 10.05 -4.87
C VAL A 30 3.02 11.28 -5.08
N TRP A 31 1.95 11.36 -4.30
CA TRP A 31 1.03 12.49 -4.39
C TRP A 31 0.38 12.79 -3.03
N ILE A 32 0.03 14.05 -2.82
CA ILE A 32 -0.60 14.46 -1.57
C ILE A 32 -1.94 15.14 -1.82
N ALA A 33 -2.85 15.00 -0.87
CA ALA A 33 -4.17 15.59 -0.98
C ALA A 33 -4.32 16.81 -0.06
N ARG A 34 -4.28 18.00 -0.64
CA ARG A 34 -4.39 19.23 0.12
C ARG A 34 -5.84 19.48 0.55
N ASN A 35 -6.78 18.98 -0.27
CA ASN A 35 -8.20 19.15 0.01
C ASN A 35 -8.51 18.76 1.45
N PRO A 36 -8.24 17.48 1.79
CA PRO A 36 -8.49 16.96 3.14
C PRO A 36 -7.54 17.54 4.18
N PRO A 37 -7.82 17.28 5.46
CA PRO A 37 -7.01 17.77 6.58
C PRO A 37 -5.65 17.09 6.63
N GLY A 38 -5.60 15.82 6.26
CA GLY A 38 -4.37 15.07 6.29
C GLY A 38 -4.48 13.72 5.60
N PHE A 39 -4.36 13.73 4.27
CA PHE A 39 -4.46 12.49 3.50
C PHE A 39 -3.57 12.56 2.26
N ALA A 40 -2.78 11.51 2.06
CA ALA A 40 -1.87 11.44 0.91
C ALA A 40 -1.98 10.09 0.21
N PHE A 41 -1.69 10.09 -1.09
CA PHE A 41 -1.75 8.86 -1.88
C PHE A 41 -0.40 8.57 -2.52
N VAL A 42 -0.09 7.28 -2.65
CA VAL A 42 1.17 6.86 -3.25
C VAL A 42 0.97 5.67 -4.18
N GLU A 43 1.76 5.61 -5.24
CA GLU A 43 1.67 4.52 -6.21
C GLU A 43 2.95 3.71 -6.24
N PHE A 44 2.83 2.41 -5.98
CA PHE A 44 3.99 1.52 -5.97
C PHE A 44 4.03 0.68 -7.24
N GLU A 45 5.13 0.81 -8.00
CA GLU A 45 5.29 0.06 -9.24
C GLU A 45 5.01 -1.42 -9.01
N ASP A 46 5.36 -1.92 -7.84
CA ASP A 46 5.14 -3.32 -7.51
C ASP A 46 4.36 -3.46 -6.20
N PRO A 47 3.58 -4.53 -6.09
CA PRO A 47 2.76 -4.81 -4.90
C PRO A 47 3.61 -5.19 -3.69
N ARG A 48 4.60 -6.05 -3.92
CA ARG A 48 5.49 -6.50 -2.84
C ARG A 48 6.04 -5.30 -2.07
N ASP A 49 6.55 -4.32 -2.81
CA ASP A 49 7.12 -3.13 -2.20
C ASP A 49 6.09 -2.41 -1.35
N ALA A 50 4.84 -2.43 -1.80
CA ALA A 50 3.75 -1.77 -1.08
C ALA A 50 3.36 -2.57 0.15
N GLU A 51 3.34 -3.89 0.02
CA GLU A 51 2.97 -4.77 1.13
C GLU A 51 3.94 -4.59 2.30
N ASP A 52 5.23 -4.55 1.99
CA ASP A 52 6.25 -4.39 3.01
C ASP A 52 6.27 -2.97 3.55
N ALA A 53 6.29 -1.99 2.65
CA ALA A 53 6.31 -0.59 3.03
C ALA A 53 5.10 -0.25 3.91
N VAL A 54 3.92 -0.69 3.48
CA VAL A 54 2.69 -0.44 4.21
C VAL A 54 2.68 -1.19 5.54
N ARG A 55 3.05 -2.47 5.50
CA ARG A 55 3.08 -3.29 6.71
C ARG A 55 3.93 -2.64 7.78
N GLY A 56 5.06 -2.07 7.38
CA GLY A 56 5.95 -1.42 8.34
C GLY A 56 5.48 -0.02 8.70
N LEU A 57 5.32 0.82 7.68
CA LEU A 57 4.87 2.21 7.90
C LEU A 57 3.62 2.23 8.77
N ASP A 58 2.68 1.35 8.48
CA ASP A 58 1.44 1.28 9.25
C ASP A 58 1.62 0.43 10.50
N GLY A 59 2.44 -0.61 10.39
CA GLY A 59 2.69 -1.48 11.52
C GLY A 59 3.12 -0.72 12.76
N LYS A 60 3.99 0.27 12.57
CA LYS A 60 4.48 1.08 13.68
C LYS A 60 4.80 2.49 13.22
N VAL A 61 5.52 3.24 14.05
CA VAL A 61 5.89 4.62 13.73
C VAL A 61 7.25 4.67 13.05
N ILE A 62 7.35 5.46 12.00
CA ILE A 62 8.60 5.61 11.26
C ILE A 62 9.17 7.02 11.41
N CYS A 63 10.40 7.11 11.89
CA CYS A 63 11.06 8.40 12.09
C CYS A 63 10.16 9.36 12.85
N GLY A 64 9.55 8.86 13.92
CA GLY A 64 8.66 9.68 14.72
C GLY A 64 7.39 10.08 13.99
N SER A 65 7.05 9.30 12.95
CA SER A 65 5.86 9.58 12.16
C SER A 65 4.97 8.34 12.07
N ARG A 66 4.00 8.26 12.97
CA ARG A 66 3.07 7.13 13.00
C ARG A 66 1.88 7.39 12.08
N VAL A 67 2.15 7.83 10.87
CA VAL A 67 1.10 8.12 9.90
C VAL A 67 0.22 6.89 9.68
N ARG A 68 -0.81 7.06 8.85
CA ARG A 68 -1.73 5.97 8.55
C ARG A 68 -1.54 5.46 7.13
N VAL A 69 -0.91 4.30 7.00
CA VAL A 69 -0.66 3.70 5.69
C VAL A 69 -1.49 2.44 5.50
N GLU A 70 -1.96 2.24 4.27
CA GLU A 70 -2.77 1.07 3.95
C GLU A 70 -2.91 0.90 2.44
N LEU A 71 -3.37 -0.27 2.01
CA LEU A 71 -3.56 -0.56 0.60
C LEU A 71 -5.04 -0.59 0.24
N SER A 72 -5.50 0.42 -0.51
CA SER A 72 -6.89 0.50 -0.92
C SER A 72 -7.19 -0.51 -2.02
N THR A 73 -6.16 -0.88 -2.78
CA THR A 73 -6.32 -1.83 -3.86
C THR A 73 -5.08 -2.73 -4.00
N GLY A 74 -5.31 -4.00 -4.31
CA GLY A 74 -4.20 -4.93 -4.46
C GLY A 74 -3.95 -5.74 -3.21
N MET A 75 -4.99 -5.88 -2.38
CA MET A 75 -4.87 -6.64 -1.14
C MET A 75 -5.85 -7.81 -1.13
N PRO A 76 -5.41 -8.96 -1.67
CA PRO A 76 -6.24 -10.17 -1.73
C PRO A 76 -6.46 -10.80 -0.36
N ARG A 77 -7.72 -10.89 0.04
CA ARG A 77 -8.06 -11.47 1.34
C ARG A 77 -9.36 -12.28 1.26
N ARG A 78 -9.74 -12.87 2.37
CA ARG A 78 -10.96 -13.68 2.42
C ARG A 78 -12.21 -12.78 2.40
N SER A 79 -12.00 -11.49 2.53
CA SER A 79 -13.09 -10.52 2.53
C SER A 79 -13.79 -10.49 1.17
N ARG A 80 -15.08 -10.79 1.16
CA ARG A 80 -15.85 -10.79 -0.08
C ARG A 80 -16.41 -9.39 -0.37
N PHE A 81 -15.51 -8.42 -0.48
CA PHE A 81 -15.91 -7.04 -0.75
C PHE A 81 -16.59 -6.94 -2.12
N ASP A 82 -17.32 -5.86 -2.33
CA ASP A 82 -18.02 -5.64 -3.59
C ASP A 82 -17.04 -5.57 -4.75
N ARG A 83 -15.94 -4.83 -4.55
CA ARG A 83 -14.92 -4.68 -5.58
C ARG A 83 -13.71 -5.55 -5.27
N PRO A 84 -13.32 -6.40 -6.24
CA PRO A 84 -12.18 -7.30 -6.11
C PRO A 84 -10.85 -6.55 -6.09
N PRO A 85 -9.82 -7.17 -5.51
CA PRO A 85 -8.48 -6.59 -5.42
C PRO A 85 -7.79 -6.51 -6.78
N ALA A 86 -6.85 -5.59 -6.91
CA ALA A 86 -6.10 -5.42 -8.15
C ALA A 86 -4.77 -6.16 -8.11
N ARG A 87 -4.78 -7.43 -8.49
CA ARG A 87 -3.57 -8.23 -8.49
C ARG A 87 -3.61 -9.28 -9.60
N ARG A 88 -4.42 -9.01 -10.62
CA ARG A 88 -4.55 -9.93 -11.75
C ARG A 88 -3.18 -10.30 -12.31
N LYS A 89 -2.89 -11.60 -12.34
CA LYS A 89 -1.61 -12.08 -12.86
C LYS A 89 -1.70 -13.56 -13.21
N LEU A 90 -0.55 -14.16 -13.50
CA LEU A 90 -0.50 -15.58 -13.86
C LEU A 90 0.31 -16.37 -12.83
N LEU A 91 0.23 -15.94 -11.58
CA LEU A 91 0.96 -16.61 -10.50
C LEU A 91 -0.01 -17.08 -9.41
N GLU A 92 -1.04 -16.27 -9.15
CA GLU A 92 -2.03 -16.60 -8.14
C GLU A 92 -2.79 -17.87 -8.51
N VAL A 93 -2.86 -18.16 -9.80
CA VAL A 93 -3.56 -19.34 -10.29
C VAL A 93 -2.58 -20.51 -10.48
N LEU A 94 -3.10 -21.72 -10.33
CA LEU A 94 -2.28 -22.92 -10.49
C LEU A 94 -3.16 -24.17 -10.65
N PHE A 95 -2.54 -25.26 -11.07
CA PHE A 95 -3.26 -26.52 -11.26
C PHE A 95 -2.72 -27.61 -10.34
N ASN A 96 -3.57 -28.12 -9.46
CA ASN A 96 -3.17 -29.16 -8.52
C ASN A 96 -4.04 -30.40 -8.70
N GLY A 97 -4.53 -30.62 -9.92
CA GLY A 97 -5.37 -31.77 -10.19
C GLY A 97 -6.71 -31.69 -9.48
N PRO A 98 -7.55 -30.74 -9.90
CA PRO A 98 -8.88 -30.54 -9.32
C PRO A 98 -9.84 -31.67 -9.66
N LEU A 99 -9.53 -32.40 -10.73
CA LEU A 99 -10.37 -33.51 -11.16
C LEU A 99 -10.22 -34.70 -10.21
N GLU A 100 -11.29 -35.47 -10.07
CA GLU A 100 -11.28 -36.64 -9.18
C GLU A 100 -10.91 -37.90 -9.96
N HIS A 101 -10.50 -37.71 -11.22
CA HIS A 101 -10.10 -38.83 -12.07
C HIS A 101 -11.28 -39.76 -12.31
N MET A 1 0.98 -0.87 -8.54
CA MET A 1 0.64 -0.91 -7.13
C MET A 1 0.08 0.44 -6.67
N LYS A 2 -0.96 0.38 -5.84
CA LYS A 2 -1.59 1.59 -5.33
C LYS A 2 -1.42 1.70 -3.82
N VAL A 3 -0.92 2.85 -3.36
CA VAL A 3 -0.71 3.08 -1.94
C VAL A 3 -1.47 4.31 -1.46
N TYR A 4 -1.96 4.25 -0.23
CA TYR A 4 -2.71 5.36 0.35
C TYR A 4 -2.15 5.75 1.70
N VAL A 5 -1.69 7.00 1.82
CA VAL A 5 -1.13 7.49 3.07
C VAL A 5 -1.90 8.72 3.56
N GLY A 6 -2.72 8.52 4.58
CA GLY A 6 -3.50 9.62 5.13
C GLY A 6 -3.22 9.84 6.60
N ASN A 7 -4.17 10.47 7.29
CA ASN A 7 -4.02 10.75 8.72
C ASN A 7 -2.81 11.64 8.97
N LEU A 8 -2.84 12.83 8.39
CA LEU A 8 -1.74 13.78 8.56
C LEU A 8 -2.27 15.20 8.80
N GLY A 9 -1.86 15.79 9.92
CA GLY A 9 -2.31 17.13 10.26
C GLY A 9 -1.60 18.19 9.44
N THR A 10 -0.47 18.67 9.94
CA THR A 10 0.29 19.70 9.26
C THR A 10 1.79 19.53 9.51
N GLY A 11 2.19 18.31 9.86
CA GLY A 11 3.60 18.03 10.12
C GLY A 11 4.15 16.97 9.21
N ALA A 12 3.26 16.20 8.57
CA ALA A 12 3.68 15.14 7.66
C ALA A 12 2.95 15.25 6.33
N GLY A 13 3.66 15.70 5.31
CA GLY A 13 3.06 15.84 3.99
C GLY A 13 3.86 15.13 2.91
N LYS A 14 4.21 15.87 1.86
CA LYS A 14 4.98 15.30 0.77
C LYS A 14 6.40 14.94 1.21
N GLY A 15 7.07 15.90 1.85
CA GLY A 15 8.43 15.68 2.32
C GLY A 15 8.51 14.53 3.31
N GLU A 16 7.52 14.45 4.20
CA GLU A 16 7.48 13.40 5.21
C GLU A 16 7.27 12.03 4.56
N LEU A 17 6.18 11.90 3.82
CA LEU A 17 5.86 10.64 3.15
C LEU A 17 6.95 10.27 2.15
N GLU A 18 7.62 11.28 1.60
CA GLU A 18 8.70 11.06 0.64
C GLU A 18 9.93 10.47 1.32
N ARG A 19 10.34 11.08 2.41
CA ARG A 19 11.51 10.62 3.15
C ARG A 19 11.29 9.21 3.68
N ALA A 20 10.09 8.93 4.16
CA ALA A 20 9.76 7.62 4.69
C ALA A 20 9.75 6.57 3.60
N PHE A 21 8.86 6.74 2.62
CA PHE A 21 8.76 5.80 1.51
C PHE A 21 10.12 5.55 0.87
N SER A 22 10.84 6.64 0.60
CA SER A 22 12.17 6.54 -0.01
C SER A 22 13.13 5.78 0.90
N TYR A 23 13.08 6.08 2.19
CA TYR A 23 13.95 5.43 3.17
C TYR A 23 13.79 3.92 3.11
N TYR A 24 12.54 3.46 3.01
CA TYR A 24 12.25 2.03 2.95
C TYR A 24 12.63 1.45 1.60
N GLY A 25 12.47 2.25 0.55
CA GLY A 25 12.81 1.80 -0.79
C GLY A 25 12.33 2.76 -1.86
N PRO A 26 12.90 2.64 -3.07
CA PRO A 26 12.56 3.49 -4.21
C PRO A 26 11.16 3.20 -4.73
N LEU A 27 10.23 4.13 -4.51
CA LEU A 27 8.86 3.97 -4.97
C LEU A 27 8.70 4.46 -6.40
N ARG A 28 7.46 4.57 -6.85
CA ARG A 28 7.17 5.02 -8.20
C ARG A 28 6.88 6.52 -8.23
N THR A 29 5.96 6.95 -7.38
CA THR A 29 5.59 8.36 -7.30
C THR A 29 4.81 8.66 -6.03
N VAL A 30 4.77 9.93 -5.64
CA VAL A 30 4.06 10.35 -4.45
C VAL A 30 3.01 11.40 -4.77
N TRP A 31 2.00 11.51 -3.91
CA TRP A 31 0.92 12.48 -4.10
C TRP A 31 0.24 12.79 -2.78
N ILE A 32 -0.39 13.96 -2.71
CA ILE A 32 -1.09 14.38 -1.50
C ILE A 32 -2.36 15.14 -1.85
N ALA A 33 -3.40 14.97 -1.02
CA ALA A 33 -4.67 15.63 -1.23
C ALA A 33 -4.88 16.76 -0.22
N ARG A 34 -4.74 18.00 -0.68
CA ARG A 34 -4.92 19.16 0.18
C ARG A 34 -6.38 19.38 0.52
N ASN A 35 -7.27 18.86 -0.33
CA ASN A 35 -8.70 19.01 -0.12
C ASN A 35 -9.08 18.56 1.30
N PRO A 36 -8.83 17.28 1.61
CA PRO A 36 -9.14 16.71 2.91
C PRO A 36 -8.24 17.25 4.01
N PRO A 37 -8.60 16.98 5.28
CA PRO A 37 -7.83 17.44 6.44
C PRO A 37 -6.50 16.71 6.56
N GLY A 38 -6.40 15.54 5.97
CA GLY A 38 -5.18 14.76 6.02
C GLY A 38 -5.27 13.45 5.26
N PHE A 39 -5.21 13.54 3.94
CA PHE A 39 -5.29 12.36 3.08
C PHE A 39 -4.35 12.47 1.90
N ALA A 40 -3.42 11.54 1.80
CA ALA A 40 -2.45 11.53 0.70
C ALA A 40 -2.40 10.17 0.02
N PHE A 41 -1.88 10.15 -1.21
CA PHE A 41 -1.78 8.92 -1.97
C PHE A 41 -0.36 8.72 -2.51
N VAL A 42 0.07 7.47 -2.60
CA VAL A 42 1.39 7.14 -3.10
C VAL A 42 1.35 5.93 -4.02
N GLU A 43 2.29 5.88 -4.96
CA GLU A 43 2.36 4.78 -5.90
C GLU A 43 3.70 4.04 -5.78
N PHE A 44 3.63 2.72 -5.59
CA PHE A 44 4.83 1.91 -5.45
C PHE A 44 5.05 1.06 -6.69
N GLU A 45 6.22 1.20 -7.30
CA GLU A 45 6.55 0.44 -8.50
C GLU A 45 6.53 -1.07 -8.22
N ASP A 46 6.78 -1.43 -6.97
CA ASP A 46 6.79 -2.83 -6.57
C ASP A 46 5.93 -3.05 -5.34
N PRO A 47 5.34 -4.26 -5.22
CA PRO A 47 4.47 -4.62 -4.10
C PRO A 47 5.25 -4.75 -2.79
N ARG A 48 6.36 -5.51 -2.85
CA ARG A 48 7.19 -5.73 -1.68
C ARG A 48 7.51 -4.41 -0.98
N ASP A 49 7.88 -3.41 -1.77
CA ASP A 49 8.21 -2.10 -1.22
C ASP A 49 7.03 -1.50 -0.46
N ALA A 50 5.82 -1.77 -0.95
CA ALA A 50 4.62 -1.26 -0.32
C ALA A 50 4.30 -2.05 0.96
N GLU A 51 4.47 -3.36 0.89
CA GLU A 51 4.19 -4.23 2.04
C GLU A 51 5.05 -3.83 3.23
N ASP A 52 6.34 -3.63 2.98
CA ASP A 52 7.28 -3.25 4.02
C ASP A 52 7.06 -1.80 4.45
N ALA A 53 7.01 -0.90 3.48
CA ALA A 53 6.80 0.52 3.75
C ALA A 53 5.53 0.73 4.57
N VAL A 54 4.44 0.10 4.15
CA VAL A 54 3.16 0.23 4.84
C VAL A 54 3.21 -0.43 6.21
N ARG A 55 3.76 -1.65 6.26
CA ARG A 55 3.87 -2.39 7.51
C ARG A 55 4.57 -1.55 8.58
N GLY A 56 5.64 -0.86 8.18
CA GLY A 56 6.36 -0.04 9.12
C GLY A 56 5.69 1.29 9.38
N LEU A 57 5.46 2.06 8.31
CA LEU A 57 4.81 3.36 8.43
C LEU A 57 3.53 3.26 9.24
N ASP A 58 2.77 2.20 8.99
CA ASP A 58 1.51 1.98 9.71
C ASP A 58 1.76 1.35 11.07
N GLY A 59 2.70 0.40 11.12
CA GLY A 59 3.02 -0.26 12.38
C GLY A 59 3.29 0.71 13.50
N LYS A 60 4.11 1.72 13.22
CA LYS A 60 4.45 2.73 14.22
C LYS A 60 4.56 4.11 13.59
N VAL A 61 5.34 4.99 14.22
CA VAL A 61 5.54 6.34 13.71
C VAL A 61 6.90 6.49 13.07
N ILE A 62 7.00 7.38 12.08
CA ILE A 62 8.26 7.63 11.39
C ILE A 62 8.70 9.08 11.54
N CYS A 63 9.91 9.27 12.05
CA CYS A 63 10.45 10.61 12.24
C CYS A 63 9.42 11.52 12.92
N GLY A 64 8.72 10.97 13.91
CA GLY A 64 7.72 11.75 14.62
C GLY A 64 6.47 11.97 13.80
N SER A 65 6.14 10.98 12.96
CA SER A 65 4.96 11.07 12.11
C SER A 65 4.07 9.84 12.28
N ARG A 66 3.03 9.97 13.10
CA ARG A 66 2.12 8.86 13.34
C ARG A 66 1.01 8.83 12.29
N VAL A 67 1.41 8.86 11.02
CA VAL A 67 0.45 8.84 9.93
C VAL A 67 -0.15 7.45 9.75
N ARG A 68 -1.18 7.35 8.92
CA ARG A 68 -1.84 6.08 8.66
C ARG A 68 -1.81 5.73 7.17
N VAL A 69 -1.12 4.64 6.84
CA VAL A 69 -1.01 4.21 5.45
C VAL A 69 -1.64 2.83 5.26
N GLU A 70 -2.31 2.64 4.13
CA GLU A 70 -2.95 1.37 3.82
C GLU A 70 -2.84 1.04 2.34
N LEU A 71 -3.12 -0.21 1.99
CA LEU A 71 -3.05 -0.65 0.60
C LEU A 71 -4.45 -0.88 0.03
N SER A 72 -4.86 0.00 -0.88
CA SER A 72 -6.17 -0.09 -1.50
C SER A 72 -6.19 -1.23 -2.52
N THR A 73 -5.04 -1.52 -3.11
CA THR A 73 -4.94 -2.58 -4.11
C THR A 73 -3.54 -3.21 -4.09
N GLY A 74 -3.50 -4.53 -4.16
CA GLY A 74 -2.22 -5.23 -4.15
C GLY A 74 -1.83 -5.72 -2.77
N MET A 75 -2.83 -5.93 -1.91
CA MET A 75 -2.58 -6.40 -0.56
C MET A 75 -3.49 -7.58 -0.22
N PRO A 76 -3.03 -8.79 -0.56
CA PRO A 76 -3.79 -10.02 -0.30
C PRO A 76 -3.85 -10.36 1.19
N ARG A 77 -5.06 -10.42 1.72
CA ARG A 77 -5.27 -10.74 3.13
C ARG A 77 -6.08 -12.02 3.29
N ARG A 78 -6.26 -12.44 4.54
CA ARG A 78 -7.02 -13.65 4.83
C ARG A 78 -8.50 -13.33 5.04
N SER A 79 -8.81 -12.03 5.14
CA SER A 79 -10.19 -11.60 5.34
C SER A 79 -11.04 -11.89 4.11
N ARG A 80 -12.34 -11.60 4.21
CA ARG A 80 -13.26 -11.84 3.12
C ARG A 80 -13.23 -10.68 2.12
N PHE A 81 -12.02 -10.29 1.71
CA PHE A 81 -11.85 -9.20 0.76
C PHE A 81 -12.44 -9.57 -0.60
N ASP A 82 -13.46 -8.83 -1.01
CA ASP A 82 -14.11 -9.06 -2.29
C ASP A 82 -13.36 -8.38 -3.43
N ARG A 83 -12.66 -7.30 -3.10
CA ARG A 83 -11.90 -6.54 -4.08
C ARG A 83 -10.66 -7.32 -4.52
N PRO A 84 -10.52 -7.51 -5.84
CA PRO A 84 -9.38 -8.23 -6.42
C PRO A 84 -8.07 -7.46 -6.29
N PRO A 85 -7.16 -7.98 -5.46
CA PRO A 85 -5.86 -7.36 -5.22
C PRO A 85 -4.94 -7.45 -6.44
N ALA A 86 -4.04 -6.49 -6.57
CA ALA A 86 -3.11 -6.47 -7.69
C ALA A 86 -1.98 -7.48 -7.49
N ARG A 87 -2.35 -8.75 -7.39
CA ARG A 87 -1.37 -9.82 -7.19
C ARG A 87 -1.35 -10.76 -8.39
N ARG A 88 -2.53 -11.15 -8.85
CA ARG A 88 -2.65 -12.04 -9.99
C ARG A 88 -1.93 -13.37 -9.72
N LYS A 89 -2.03 -14.30 -10.67
CA LYS A 89 -1.39 -15.60 -10.53
C LYS A 89 -1.65 -16.47 -11.74
N LEU A 90 -1.30 -17.74 -11.66
CA LEU A 90 -1.51 -18.68 -12.76
C LEU A 90 -1.45 -20.12 -12.27
N LEU A 91 -1.78 -20.32 -11.00
CA LEU A 91 -1.76 -21.65 -10.40
C LEU A 91 -3.16 -22.07 -9.98
N GLU A 92 -3.97 -21.11 -9.56
CA GLU A 92 -5.34 -21.38 -9.13
C GLU A 92 -6.18 -21.90 -10.30
N VAL A 93 -5.77 -21.55 -11.51
CA VAL A 93 -6.49 -21.98 -12.71
C VAL A 93 -5.86 -23.24 -13.29
N LEU A 94 -6.69 -24.05 -13.96
CA LEU A 94 -6.21 -25.29 -14.56
C LEU A 94 -7.35 -26.02 -15.28
N PHE A 95 -7.00 -26.75 -16.33
CA PHE A 95 -7.99 -27.49 -17.10
C PHE A 95 -7.34 -28.62 -17.89
N ASN A 96 -7.33 -29.81 -17.31
CA ASN A 96 -6.74 -30.97 -17.96
C ASN A 96 -7.72 -32.15 -17.99
N GLY A 97 -9.01 -31.83 -17.97
CA GLY A 97 -10.03 -32.86 -18.00
C GLY A 97 -10.10 -33.64 -16.70
N PRO A 98 -10.59 -32.99 -15.63
CA PRO A 98 -10.72 -33.62 -14.31
C PRO A 98 -11.80 -34.69 -14.28
N LEU A 99 -12.68 -34.66 -15.28
CA LEU A 99 -13.77 -35.64 -15.36
C LEU A 99 -13.24 -37.00 -15.76
N GLU A 100 -13.74 -38.04 -15.10
CA GLU A 100 -13.31 -39.42 -15.38
C GLU A 100 -14.28 -40.09 -16.36
N HIS A 101 -15.21 -39.30 -16.89
CA HIS A 101 -16.19 -39.82 -17.84
C HIS A 101 -17.08 -40.86 -17.17
N MET A 1 2.00 -1.25 -6.96
CA MET A 1 0.56 -0.97 -6.92
C MET A 1 0.29 0.41 -6.35
N LYS A 2 -0.98 0.69 -6.05
CA LYS A 2 -1.37 1.97 -5.50
C LYS A 2 -1.29 1.95 -3.97
N VAL A 3 -0.91 3.09 -3.39
CA VAL A 3 -0.78 3.20 -1.95
C VAL A 3 -1.47 4.47 -1.43
N TYR A 4 -2.02 4.39 -0.22
CA TYR A 4 -2.71 5.52 0.37
C TYR A 4 -2.22 5.76 1.80
N VAL A 5 -1.69 6.95 2.05
CA VAL A 5 -1.19 7.31 3.37
C VAL A 5 -1.90 8.53 3.92
N GLY A 6 -2.82 8.31 4.85
CA GLY A 6 -3.56 9.41 5.43
C GLY A 6 -3.17 9.68 6.88
N ASN A 7 -3.97 10.48 7.57
CA ASN A 7 -3.70 10.80 8.96
C ASN A 7 -2.36 11.53 9.11
N LEU A 8 -2.31 12.77 8.62
CA LEU A 8 -1.09 13.56 8.69
C LEU A 8 -1.35 14.89 9.39
N GLY A 9 -0.88 15.00 10.63
CA GLY A 9 -1.08 16.22 11.39
C GLY A 9 -0.21 17.36 10.89
N THR A 10 0.85 17.68 11.62
CA THR A 10 1.75 18.75 11.25
C THR A 10 3.21 18.36 11.50
N GLY A 11 3.45 17.08 11.74
CA GLY A 11 4.79 16.61 12.00
C GLY A 11 5.24 15.56 11.00
N ALA A 12 4.27 14.91 10.35
CA ALA A 12 4.57 13.88 9.37
C ALA A 12 3.81 14.11 8.07
N GLY A 13 4.51 14.59 7.05
CA GLY A 13 3.89 14.86 5.77
C GLY A 13 4.68 14.31 4.60
N LYS A 14 5.01 15.18 3.65
CA LYS A 14 5.78 14.77 2.48
C LYS A 14 7.14 14.21 2.88
N GLY A 15 7.86 14.98 3.71
CA GLY A 15 9.17 14.55 4.15
C GLY A 15 9.12 13.23 4.91
N GLU A 16 8.11 13.08 5.76
CA GLU A 16 7.97 11.85 6.54
C GLU A 16 7.65 10.66 5.64
N LEU A 17 6.57 10.77 4.88
CA LEU A 17 6.17 9.71 3.97
C LEU A 17 7.25 9.42 2.95
N GLU A 18 8.02 10.44 2.59
CA GLU A 18 9.10 10.29 1.62
C GLU A 18 10.25 9.47 2.21
N ARG A 19 10.65 9.82 3.43
CA ARG A 19 11.74 9.12 4.10
C ARG A 19 11.39 7.66 4.32
N ALA A 20 10.15 7.41 4.72
CA ALA A 20 9.69 6.04 4.97
C ALA A 20 9.63 5.24 3.67
N PHE A 21 8.79 5.67 2.75
CA PHE A 21 8.64 4.99 1.47
C PHE A 21 10.00 4.77 0.81
N SER A 22 10.82 5.81 0.78
CA SER A 22 12.14 5.73 0.17
C SER A 22 13.01 4.71 0.92
N TYR A 23 12.95 4.75 2.24
CA TYR A 23 13.73 3.83 3.06
C TYR A 23 13.42 2.38 2.70
N TYR A 24 12.15 2.09 2.47
CA TYR A 24 11.72 0.74 2.13
C TYR A 24 12.10 0.40 0.68
N GLY A 25 11.97 1.40 -0.19
CA GLY A 25 12.31 1.19 -1.59
C GLY A 25 11.82 2.33 -2.48
N PRO A 26 12.43 2.45 -3.67
CA PRO A 26 12.07 3.50 -4.63
C PRO A 26 10.69 3.30 -5.23
N LEU A 27 9.77 4.21 -4.93
CA LEU A 27 8.41 4.13 -5.44
C LEU A 27 8.31 4.81 -6.81
N ARG A 28 7.09 4.83 -7.36
CA ARG A 28 6.86 5.44 -8.67
C ARG A 28 6.63 6.93 -8.52
N THR A 29 5.69 7.30 -7.65
CA THR A 29 5.36 8.70 -7.43
C THR A 29 4.71 8.91 -6.06
N VAL A 30 4.65 10.16 -5.62
CA VAL A 30 4.05 10.49 -4.33
C VAL A 30 3.42 11.88 -4.36
N TRP A 31 2.27 12.00 -3.70
CA TRP A 31 1.56 13.28 -3.64
C TRP A 31 0.64 13.34 -2.43
N ILE A 32 0.67 14.46 -1.72
CA ILE A 32 -0.17 14.64 -0.54
C ILE A 32 -1.29 15.62 -0.81
N ALA A 33 -2.41 15.45 -0.10
CA ALA A 33 -3.56 16.33 -0.27
C ALA A 33 -3.69 17.28 0.91
N ARG A 34 -3.39 18.56 0.67
CA ARG A 34 -3.49 19.57 1.72
C ARG A 34 -4.94 19.96 1.98
N ASN A 35 -5.78 19.78 0.98
CA ASN A 35 -7.19 20.11 1.09
C ASN A 35 -7.79 19.53 2.36
N PRO A 36 -7.72 18.20 2.49
CA PRO A 36 -8.25 17.49 3.66
C PRO A 36 -7.42 17.74 4.91
N PRO A 37 -7.94 17.30 6.07
CA PRO A 37 -7.27 17.48 7.36
C PRO A 37 -6.02 16.60 7.48
N GLY A 38 -5.94 15.57 6.65
CA GLY A 38 -4.79 14.68 6.67
C GLY A 38 -4.99 13.46 5.79
N PHE A 39 -4.73 13.62 4.50
CA PHE A 39 -4.89 12.52 3.54
C PHE A 39 -3.88 12.65 2.41
N ALA A 40 -3.04 11.63 2.26
CA ALA A 40 -2.04 11.62 1.20
C ALA A 40 -2.09 10.33 0.39
N PHE A 41 -1.67 10.41 -0.86
CA PHE A 41 -1.68 9.26 -1.75
C PHE A 41 -0.29 9.01 -2.34
N VAL A 42 0.04 7.73 -2.55
CA VAL A 42 1.32 7.37 -3.12
C VAL A 42 1.18 6.24 -4.14
N GLU A 43 2.10 6.20 -5.09
CA GLU A 43 2.07 5.18 -6.13
C GLU A 43 3.39 4.40 -6.17
N PHE A 44 3.29 3.08 -6.11
CA PHE A 44 4.47 2.22 -6.15
C PHE A 44 4.57 1.47 -7.47
N GLU A 45 5.73 1.60 -8.12
CA GLU A 45 5.95 0.93 -9.40
C GLU A 45 5.57 -0.54 -9.32
N ASP A 46 5.86 -1.16 -8.18
CA ASP A 46 5.55 -2.57 -7.97
C ASP A 46 4.66 -2.76 -6.74
N PRO A 47 3.81 -3.79 -6.78
CA PRO A 47 2.90 -4.10 -5.68
C PRO A 47 3.63 -4.62 -4.44
N ARG A 48 4.59 -5.51 -4.66
CA ARG A 48 5.37 -6.08 -3.56
C ARG A 48 5.96 -4.97 -2.69
N ASP A 49 6.62 -4.02 -3.32
CA ASP A 49 7.25 -2.91 -2.61
C ASP A 49 6.20 -2.12 -1.82
N ALA A 50 5.02 -1.94 -2.42
CA ALA A 50 3.94 -1.22 -1.77
C ALA A 50 3.39 -1.98 -0.58
N GLU A 51 3.24 -3.30 -0.74
CA GLU A 51 2.73 -4.15 0.33
C GLU A 51 3.64 -4.11 1.54
N ASP A 52 4.95 -4.18 1.30
CA ASP A 52 5.93 -4.16 2.38
C ASP A 52 5.95 -2.80 3.06
N ALA A 53 5.97 -1.73 2.26
CA ALA A 53 5.99 -0.38 2.79
C ALA A 53 4.78 -0.11 3.67
N VAL A 54 3.62 -0.57 3.22
CA VAL A 54 2.38 -0.39 3.97
C VAL A 54 2.41 -1.18 5.27
N ARG A 55 2.60 -2.48 5.16
CA ARG A 55 2.65 -3.35 6.33
C ARG A 55 3.63 -2.82 7.36
N GLY A 56 4.73 -2.24 6.88
CA GLY A 56 5.73 -1.70 7.78
C GLY A 56 5.29 -0.41 8.43
N LEU A 57 5.15 0.63 7.63
CA LEU A 57 4.72 1.93 8.14
C LEU A 57 3.47 1.80 9.01
N ASP A 58 2.47 1.10 8.49
CA ASP A 58 1.23 0.89 9.23
C ASP A 58 1.44 -0.06 10.41
N GLY A 59 2.30 -1.05 10.21
CA GLY A 59 2.58 -2.01 11.26
C GLY A 59 3.38 -1.41 12.40
N LYS A 60 4.00 -0.26 12.15
CA LYS A 60 4.80 0.41 13.16
C LYS A 60 5.10 1.85 12.75
N VAL A 61 4.76 2.80 13.62
CA VAL A 61 5.00 4.21 13.35
C VAL A 61 6.42 4.44 12.84
N ILE A 62 6.59 5.51 12.07
CA ILE A 62 7.90 5.85 11.52
C ILE A 62 8.40 7.18 12.08
N CYS A 63 9.60 7.16 12.66
CA CYS A 63 10.19 8.36 13.23
C CYS A 63 9.20 9.10 14.11
N GLY A 64 8.41 8.35 14.86
CA GLY A 64 7.41 8.95 15.74
C GLY A 64 6.22 9.47 14.97
N SER A 65 5.88 8.81 13.87
CA SER A 65 4.76 9.22 13.04
C SER A 65 3.80 8.06 12.80
N ARG A 66 2.72 8.00 13.59
CA ARG A 66 1.74 6.93 13.46
C ARG A 66 0.80 7.19 12.28
N VAL A 67 1.39 7.30 11.08
CA VAL A 67 0.60 7.55 9.87
C VAL A 67 -0.28 6.35 9.54
N ARG A 68 -1.32 6.60 8.75
CA ARG A 68 -2.24 5.54 8.35
C ARG A 68 -2.03 5.14 6.90
N VAL A 69 -1.41 4.00 6.69
CA VAL A 69 -1.15 3.50 5.34
C VAL A 69 -2.04 2.32 5.00
N GLU A 70 -2.46 2.23 3.74
CA GLU A 70 -3.31 1.16 3.29
C GLU A 70 -3.22 0.98 1.77
N LEU A 71 -3.72 -0.15 1.29
CA LEU A 71 -3.69 -0.44 -0.15
C LEU A 71 -5.09 -0.34 -0.75
N SER A 72 -5.35 0.73 -1.49
CA SER A 72 -6.64 0.95 -2.11
C SER A 72 -6.82 0.02 -3.32
N THR A 73 -5.71 -0.40 -3.91
CA THR A 73 -5.74 -1.28 -5.06
C THR A 73 -4.53 -2.21 -5.09
N GLY A 74 -4.78 -3.48 -5.36
CA GLY A 74 -3.70 -4.45 -5.39
C GLY A 74 -3.55 -5.20 -4.09
N MET A 75 -4.62 -5.25 -3.31
CA MET A 75 -4.60 -5.94 -2.02
C MET A 75 -5.79 -6.90 -1.91
N PRO A 76 -5.62 -8.13 -2.41
CA PRO A 76 -6.66 -9.15 -2.38
C PRO A 76 -6.92 -9.67 -0.96
N ARG A 77 -8.15 -9.50 -0.49
CA ARG A 77 -8.52 -9.96 0.85
C ARG A 77 -9.72 -10.90 0.78
N ARG A 78 -10.10 -11.43 1.95
CA ARG A 78 -11.23 -12.35 2.02
C ARG A 78 -12.54 -11.59 2.23
N SER A 79 -12.43 -10.29 2.49
CA SER A 79 -13.61 -9.46 2.70
C SER A 79 -14.41 -9.31 1.41
N ARG A 80 -15.64 -8.82 1.54
CA ARG A 80 -16.50 -8.62 0.39
C ARG A 80 -16.15 -7.35 -0.36
N PHE A 81 -14.88 -7.21 -0.73
CA PHE A 81 -14.41 -6.03 -1.44
C PHE A 81 -15.07 -5.92 -2.81
N ASP A 82 -15.51 -4.73 -3.15
CA ASP A 82 -16.16 -4.49 -4.44
C ASP A 82 -15.15 -4.05 -5.49
N ARG A 83 -14.20 -3.23 -5.08
CA ARG A 83 -13.16 -2.73 -5.99
C ARG A 83 -12.19 -3.85 -6.35
N PRO A 84 -12.00 -4.06 -7.67
CA PRO A 84 -11.10 -5.09 -8.18
C PRO A 84 -9.63 -4.76 -7.94
N PRO A 85 -8.99 -5.54 -7.06
CA PRO A 85 -7.58 -5.35 -6.72
C PRO A 85 -6.65 -5.70 -7.87
N ALA A 86 -5.54 -4.96 -7.98
CA ALA A 86 -4.57 -5.19 -9.04
C ALA A 86 -3.82 -6.50 -8.82
N ARG A 87 -4.43 -7.60 -9.24
CA ARG A 87 -3.81 -8.91 -9.08
C ARG A 87 -4.09 -9.80 -10.30
N ARG A 88 -4.17 -9.17 -11.47
CA ARG A 88 -4.44 -9.88 -12.71
C ARG A 88 -3.47 -11.05 -12.88
N LYS A 89 -3.99 -12.26 -12.98
CA LYS A 89 -3.17 -13.45 -13.15
C LYS A 89 -3.84 -14.45 -14.08
N LEU A 90 -3.16 -15.55 -14.34
CA LEU A 90 -3.69 -16.60 -15.22
C LEU A 90 -5.04 -17.09 -14.71
N LEU A 91 -5.02 -17.90 -13.66
CA LEU A 91 -6.26 -18.42 -13.08
C LEU A 91 -6.81 -19.57 -13.93
N GLU A 92 -6.18 -19.79 -15.08
CA GLU A 92 -6.61 -20.85 -15.99
C GLU A 92 -5.77 -22.10 -15.79
N VAL A 93 -4.47 -21.92 -15.58
CA VAL A 93 -3.55 -23.03 -15.38
C VAL A 93 -3.36 -23.32 -13.90
N LEU A 94 -3.07 -24.57 -13.58
CA LEU A 94 -2.86 -24.98 -12.19
C LEU A 94 -2.31 -26.40 -12.12
N PHE A 95 -1.64 -26.71 -11.01
CA PHE A 95 -1.06 -28.04 -10.82
C PHE A 95 -0.78 -28.31 -9.34
N ASN A 96 -1.62 -29.13 -8.73
CA ASN A 96 -1.47 -29.46 -7.32
C ASN A 96 -2.39 -30.61 -6.93
N GLY A 97 -2.56 -31.56 -7.85
CA GLY A 97 -3.41 -32.71 -7.59
C GLY A 97 -4.89 -32.36 -7.64
N PRO A 98 -5.40 -32.10 -8.84
CA PRO A 98 -6.81 -31.75 -9.05
C PRO A 98 -7.75 -32.92 -8.81
N LEU A 99 -7.27 -34.13 -9.09
CA LEU A 99 -8.06 -35.33 -8.89
C LEU A 99 -7.68 -36.03 -7.59
N GLU A 100 -8.68 -36.23 -6.72
CA GLU A 100 -8.44 -36.89 -5.44
C GLU A 100 -8.67 -38.39 -5.55
N HIS A 101 -8.86 -38.87 -6.77
CA HIS A 101 -9.08 -40.29 -7.02
C HIS A 101 -10.37 -40.76 -6.36
N MET A 1 1.29 0.29 -9.99
CA MET A 1 0.40 0.01 -8.87
C MET A 1 -0.01 1.31 -8.17
N LYS A 2 -1.23 1.33 -7.65
CA LYS A 2 -1.73 2.51 -6.95
C LYS A 2 -1.66 2.33 -5.44
N VAL A 3 -1.24 3.38 -4.74
CA VAL A 3 -1.11 3.34 -3.29
C VAL A 3 -1.69 4.60 -2.66
N TYR A 4 -2.25 4.44 -1.46
CA TYR A 4 -2.83 5.58 -0.75
C TYR A 4 -2.43 5.55 0.73
N VAL A 5 -1.76 6.60 1.17
CA VAL A 5 -1.32 6.71 2.54
C VAL A 5 -2.02 7.87 3.26
N GLY A 6 -3.01 7.53 4.09
CA GLY A 6 -3.74 8.54 4.82
C GLY A 6 -3.42 8.53 6.31
N ASN A 7 -4.16 9.33 7.07
CA ASN A 7 -3.95 9.41 8.51
C ASN A 7 -2.54 9.92 8.83
N LEU A 8 -2.31 11.19 8.54
CA LEU A 8 -1.00 11.80 8.80
C LEU A 8 -1.16 13.16 9.47
N GLY A 9 -0.63 13.28 10.67
CA GLY A 9 -0.72 14.54 11.40
C GLY A 9 -0.11 14.46 12.79
N THR A 10 1.20 14.21 12.84
CA THR A 10 1.90 14.10 14.11
C THR A 10 3.40 13.91 13.89
N GLY A 11 3.95 14.64 12.94
CA GLY A 11 5.37 14.53 12.64
C GLY A 11 5.68 13.44 11.64
N ALA A 12 4.63 12.89 11.02
CA ALA A 12 4.79 11.84 10.03
C ALA A 12 4.04 12.17 8.75
N GLY A 13 4.79 12.56 7.72
CA GLY A 13 4.17 12.89 6.44
C GLY A 13 5.04 12.51 5.26
N LYS A 14 5.37 13.50 4.42
CA LYS A 14 6.19 13.26 3.25
C LYS A 14 7.47 12.51 3.63
N GLY A 15 8.20 13.05 4.58
CA GLY A 15 9.44 12.43 5.02
C GLY A 15 9.21 11.05 5.59
N GLU A 16 8.15 10.90 6.38
CA GLU A 16 7.82 9.61 6.99
C GLU A 16 7.54 8.56 5.93
N LEU A 17 6.56 8.84 5.08
CA LEU A 17 6.19 7.91 4.01
C LEU A 17 7.34 7.72 3.03
N GLU A 18 8.17 8.75 2.89
CA GLU A 18 9.31 8.71 1.98
C GLU A 18 10.32 7.66 2.44
N ARG A 19 10.76 7.77 3.68
CA ARG A 19 11.73 6.84 4.24
C ARG A 19 11.15 5.43 4.31
N ALA A 20 9.87 5.33 4.67
CA ALA A 20 9.21 4.04 4.77
C ALA A 20 9.13 3.35 3.41
N PHE A 21 8.38 3.94 2.49
CA PHE A 21 8.22 3.39 1.15
C PHE A 21 9.58 3.08 0.54
N SER A 22 10.50 4.05 0.62
CA SER A 22 11.83 3.89 0.06
C SER A 22 12.55 2.70 0.70
N TYR A 23 12.40 2.57 2.01
CA TYR A 23 13.04 1.48 2.74
C TYR A 23 12.57 0.12 2.22
N TYR A 24 11.27 0.01 1.98
CA TYR A 24 10.69 -1.23 1.48
C TYR A 24 11.07 -1.47 0.03
N GLY A 25 11.16 -0.38 -0.74
CA GLY A 25 11.52 -0.49 -2.14
C GLY A 25 11.28 0.80 -2.90
N PRO A 26 11.97 0.95 -4.04
CA PRO A 26 11.85 2.14 -4.89
C PRO A 26 10.50 2.22 -5.59
N LEU A 27 9.68 3.20 -5.19
CA LEU A 27 8.36 3.39 -5.78
C LEU A 27 8.45 4.25 -7.04
N ARG A 28 7.29 4.51 -7.65
CA ARG A 28 7.23 5.33 -8.86
C ARG A 28 7.24 6.80 -8.52
N THR A 29 6.38 7.20 -7.59
CA THR A 29 6.28 8.60 -7.18
C THR A 29 5.52 8.74 -5.87
N VAL A 30 5.63 9.90 -5.24
CA VAL A 30 4.95 10.16 -3.98
C VAL A 30 4.14 11.45 -4.04
N TRP A 31 3.01 11.47 -3.36
CA TRP A 31 2.15 12.65 -3.33
C TRP A 31 1.44 12.78 -1.99
N ILE A 32 1.13 14.01 -1.61
CA ILE A 32 0.44 14.26 -0.35
C ILE A 32 -0.61 15.35 -0.51
N ALA A 33 -1.75 15.16 0.17
CA ALA A 33 -2.84 16.12 0.10
C ALA A 33 -2.93 16.94 1.39
N ARG A 34 -2.49 18.20 1.32
CA ARG A 34 -2.51 19.08 2.48
C ARG A 34 -3.94 19.56 2.76
N ASN A 35 -4.78 19.56 1.73
CA ASN A 35 -6.17 19.98 1.87
C ASN A 35 -6.83 19.31 3.07
N PRO A 36 -6.89 17.97 3.04
CA PRO A 36 -7.50 17.18 4.12
C PRO A 36 -6.66 17.21 5.39
N PRO A 37 -7.25 16.72 6.49
CA PRO A 37 -6.58 16.67 7.79
C PRO A 37 -5.44 15.66 7.82
N GLY A 38 -5.45 14.74 6.86
CA GLY A 38 -4.41 13.72 6.79
C GLY A 38 -4.69 12.69 5.73
N PHE A 39 -4.39 13.02 4.48
CA PHE A 39 -4.60 12.11 3.36
C PHE A 39 -3.53 12.30 2.29
N ALA A 40 -2.81 11.22 1.99
CA ALA A 40 -1.76 11.27 0.99
C ALA A 40 -1.88 10.09 0.02
N PHE A 41 -1.25 10.23 -1.15
CA PHE A 41 -1.29 9.18 -2.16
C PHE A 41 0.11 8.86 -2.67
N VAL A 42 0.33 7.59 -3.00
CA VAL A 42 1.63 7.16 -3.49
C VAL A 42 1.47 6.17 -4.65
N GLU A 43 2.43 6.20 -5.57
CA GLU A 43 2.40 5.31 -6.73
C GLU A 43 3.59 4.37 -6.73
N PHE A 44 3.32 3.06 -6.71
CA PHE A 44 4.39 2.07 -6.71
C PHE A 44 4.55 1.45 -8.10
N GLU A 45 5.76 1.58 -8.65
CA GLU A 45 6.05 1.05 -9.97
C GLU A 45 5.63 -0.42 -10.07
N ASP A 46 5.75 -1.14 -8.96
CA ASP A 46 5.38 -2.55 -8.91
C ASP A 46 4.39 -2.82 -7.78
N PRO A 47 3.51 -3.80 -8.00
CA PRO A 47 2.49 -4.18 -7.01
C PRO A 47 3.09 -4.85 -5.79
N ARG A 48 4.02 -5.78 -6.02
CA ARG A 48 4.67 -6.50 -4.94
C ARG A 48 5.19 -5.53 -3.88
N ASP A 49 5.88 -4.49 -4.32
CA ASP A 49 6.42 -3.49 -3.40
C ASP A 49 5.31 -2.79 -2.63
N ALA A 50 4.17 -2.59 -3.30
CA ALA A 50 3.03 -1.93 -2.66
C ALA A 50 2.37 -2.83 -1.63
N GLU A 51 2.30 -4.12 -1.93
CA GLU A 51 1.70 -5.09 -1.03
C GLU A 51 2.54 -5.23 0.24
N ASP A 52 3.84 -5.38 0.07
CA ASP A 52 4.76 -5.52 1.20
C ASP A 52 4.87 -4.21 1.99
N ALA A 53 4.82 -3.09 1.27
CA ALA A 53 4.91 -1.78 1.89
C ALA A 53 3.64 -1.45 2.67
N VAL A 54 2.50 -1.56 2.00
CA VAL A 54 1.21 -1.28 2.63
C VAL A 54 0.96 -2.20 3.81
N ARG A 55 1.26 -3.50 3.62
CA ARG A 55 1.06 -4.49 4.67
C ARG A 55 2.03 -4.24 5.83
N GLY A 56 3.24 -3.82 5.51
CA GLY A 56 4.25 -3.56 6.53
C GLY A 56 3.96 -2.29 7.31
N LEU A 57 3.59 -1.23 6.59
CA LEU A 57 3.29 0.04 7.22
C LEU A 57 1.97 -0.01 7.98
N ASP A 58 0.95 -0.56 7.33
CA ASP A 58 -0.37 -0.68 7.94
C ASP A 58 -0.37 -1.77 9.01
N GLY A 59 0.45 -2.80 8.81
CA GLY A 59 0.52 -3.90 9.76
C GLY A 59 1.51 -3.62 10.88
N LYS A 60 2.42 -2.67 10.64
CA LYS A 60 3.43 -2.33 11.63
C LYS A 60 3.87 -0.87 11.47
N VAL A 61 3.63 -0.07 12.49
CA VAL A 61 4.01 1.34 12.46
C VAL A 61 5.45 1.52 11.99
N ILE A 62 5.73 2.65 11.35
CA ILE A 62 7.07 2.93 10.85
C ILE A 62 7.65 4.17 11.52
N CYS A 63 8.82 4.02 12.12
CA CYS A 63 9.49 5.14 12.79
C CYS A 63 8.52 5.87 13.70
N GLY A 64 7.69 5.10 14.41
CA GLY A 64 6.72 5.71 15.32
C GLY A 64 5.58 6.38 14.58
N SER A 65 5.22 5.84 13.43
CA SER A 65 4.14 6.40 12.62
C SER A 65 3.11 5.34 12.28
N ARG A 66 2.00 5.34 13.02
CA ARG A 66 0.93 4.38 12.80
C ARG A 66 -0.05 4.89 11.76
N VAL A 67 0.47 5.35 10.62
CA VAL A 67 -0.36 5.86 9.54
C VAL A 67 -1.26 4.77 8.98
N ARG A 68 -2.21 5.17 8.13
CA ARG A 68 -3.14 4.23 7.53
C ARG A 68 -2.98 4.21 6.01
N VAL A 69 -2.34 3.17 5.50
CA VAL A 69 -2.12 3.02 4.06
C VAL A 69 -2.97 1.89 3.49
N GLU A 70 -3.48 2.10 2.27
CA GLU A 70 -4.30 1.09 1.62
C GLU A 70 -4.04 1.07 0.11
N LEU A 71 -4.50 0.02 -0.55
CA LEU A 71 -4.31 -0.12 -1.99
C LEU A 71 -5.63 0.08 -2.73
N SER A 72 -5.74 1.19 -3.46
CA SER A 72 -6.95 1.49 -4.21
C SER A 72 -7.16 0.48 -5.34
N THR A 73 -6.06 -0.12 -5.79
CA THR A 73 -6.14 -1.11 -6.87
C THR A 73 -5.04 -2.15 -6.72
N GLY A 74 -5.40 -3.41 -6.90
CA GLY A 74 -4.44 -4.49 -6.78
C GLY A 74 -4.45 -5.14 -5.41
N MET A 75 -5.58 -5.03 -4.72
CA MET A 75 -5.72 -5.60 -3.39
C MET A 75 -7.01 -6.42 -3.29
N PRO A 76 -6.94 -7.70 -3.67
CA PRO A 76 -8.09 -8.61 -3.63
C PRO A 76 -8.49 -8.96 -2.20
N ARG A 77 -9.72 -8.61 -1.84
CA ARG A 77 -10.24 -8.89 -0.51
C ARG A 77 -11.71 -9.25 -0.56
N ARG A 78 -12.26 -9.66 0.59
CA ARG A 78 -13.66 -10.04 0.68
C ARG A 78 -14.53 -8.84 1.07
N SER A 79 -14.07 -8.09 2.07
CA SER A 79 -14.80 -6.92 2.54
C SER A 79 -13.90 -5.69 2.58
N ARG A 80 -14.39 -4.62 3.19
CA ARG A 80 -13.63 -3.38 3.30
C ARG A 80 -13.10 -2.94 1.93
N PHE A 81 -13.83 -3.30 0.88
CA PHE A 81 -13.43 -2.95 -0.48
C PHE A 81 -14.48 -2.06 -1.13
N ASP A 82 -14.03 -0.95 -1.70
CA ASP A 82 -14.93 -0.01 -2.36
C ASP A 82 -15.04 -0.33 -3.85
N ARG A 83 -13.91 -0.60 -4.48
CA ARG A 83 -13.88 -0.91 -5.91
C ARG A 83 -13.14 -2.21 -6.16
N PRO A 84 -13.37 -2.81 -7.35
CA PRO A 84 -12.73 -4.06 -7.73
C PRO A 84 -11.24 -3.89 -8.00
N PRO A 85 -10.44 -4.87 -7.55
CA PRO A 85 -8.98 -4.85 -7.75
C PRO A 85 -8.58 -5.06 -9.19
N ALA A 86 -7.39 -4.59 -9.55
CA ALA A 86 -6.88 -4.73 -10.91
C ALA A 86 -6.12 -6.03 -11.08
N ARG A 87 -6.71 -7.13 -10.63
CA ARG A 87 -6.09 -8.44 -10.72
C ARG A 87 -6.63 -9.21 -11.93
N ARG A 88 -7.95 -9.39 -11.95
CA ARG A 88 -8.60 -10.12 -13.05
C ARG A 88 -8.01 -11.52 -13.19
N LYS A 89 -8.49 -12.25 -14.19
CA LYS A 89 -8.01 -13.60 -14.44
C LYS A 89 -6.52 -13.61 -14.73
N LEU A 90 -5.98 -14.78 -15.03
CA LEU A 90 -4.56 -14.93 -15.33
C LEU A 90 -3.71 -14.41 -14.18
N LEU A 91 -4.16 -14.65 -12.96
CA LEU A 91 -3.44 -14.20 -11.77
C LEU A 91 -4.14 -14.65 -10.50
N GLU A 92 -5.47 -14.54 -10.49
CA GLU A 92 -6.26 -14.94 -9.33
C GLU A 92 -6.24 -16.46 -9.17
N VAL A 93 -6.04 -17.17 -10.27
CA VAL A 93 -6.00 -18.63 -10.24
C VAL A 93 -4.57 -19.14 -10.13
N LEU A 94 -4.42 -20.31 -9.53
CA LEU A 94 -3.10 -20.91 -9.36
C LEU A 94 -3.22 -22.35 -8.88
N PHE A 95 -2.09 -23.05 -8.83
CA PHE A 95 -2.07 -24.45 -8.40
C PHE A 95 -2.69 -24.59 -7.01
N ASN A 96 -2.70 -25.82 -6.50
CA ASN A 96 -3.27 -26.09 -5.19
C ASN A 96 -2.53 -27.24 -4.51
N GLY A 97 -1.28 -27.45 -4.90
CA GLY A 97 -0.49 -28.52 -4.31
C GLY A 97 -0.92 -29.89 -4.81
N PRO A 98 -0.62 -30.19 -6.08
CA PRO A 98 -0.97 -31.47 -6.69
C PRO A 98 -0.16 -32.63 -6.13
N LEU A 99 0.95 -32.30 -5.48
CA LEU A 99 1.81 -33.31 -4.89
C LEU A 99 1.37 -33.66 -3.47
N GLU A 100 0.87 -34.88 -3.29
CA GLU A 100 0.41 -35.33 -1.99
C GLU A 100 1.51 -36.07 -1.24
N HIS A 101 2.72 -36.04 -1.81
CA HIS A 101 3.87 -36.71 -1.20
C HIS A 101 3.60 -38.20 -1.05
N MET A 1 -0.57 -0.98 -8.06
CA MET A 1 -1.87 -0.70 -7.48
C MET A 1 -1.90 0.68 -6.84
N LYS A 2 -2.96 0.98 -6.09
CA LYS A 2 -3.11 2.26 -5.42
C LYS A 2 -2.71 2.17 -3.96
N VAL A 3 -2.10 3.24 -3.45
CA VAL A 3 -1.67 3.28 -2.06
C VAL A 3 -2.25 4.49 -1.34
N TYR A 4 -2.66 4.28 -0.08
CA TYR A 4 -3.24 5.36 0.71
C TYR A 4 -2.51 5.51 2.04
N VAL A 5 -1.65 6.52 2.13
CA VAL A 5 -0.89 6.78 3.35
C VAL A 5 -1.40 8.02 4.07
N GLY A 6 -2.13 7.82 5.15
CA GLY A 6 -2.65 8.94 5.92
C GLY A 6 -2.20 8.93 7.35
N ASN A 7 -2.93 9.62 8.21
CA ASN A 7 -2.59 9.70 9.64
C ASN A 7 -1.24 10.38 9.83
N LEU A 8 -1.17 11.66 9.50
CA LEU A 8 0.06 12.42 9.64
C LEU A 8 0.00 13.34 10.86
N GLY A 9 -0.26 12.75 12.03
CA GLY A 9 -0.34 13.52 13.25
C GLY A 9 0.76 13.16 14.24
N THR A 10 1.99 13.57 13.92
CA THR A 10 3.13 13.28 14.78
C THR A 10 4.43 13.81 14.18
N GLY A 11 4.49 13.79 12.85
CA GLY A 11 5.68 14.28 12.16
C GLY A 11 6.06 13.40 10.99
N ALA A 12 5.06 12.86 10.30
CA ALA A 12 5.30 12.00 9.14
C ALA A 12 4.45 12.44 7.95
N GLY A 13 5.10 13.08 6.98
CA GLY A 13 4.40 13.54 5.80
C GLY A 13 4.99 12.99 4.52
N LYS A 14 5.28 13.88 3.57
CA LYS A 14 5.85 13.48 2.29
C LYS A 14 7.25 12.90 2.48
N GLY A 15 8.09 13.61 3.22
CA GLY A 15 9.44 13.15 3.47
C GLY A 15 9.48 11.81 4.18
N GLU A 16 8.63 11.66 5.20
CA GLU A 16 8.58 10.42 5.97
C GLU A 16 8.13 9.26 5.09
N LEU A 17 6.95 9.40 4.50
CA LEU A 17 6.41 8.36 3.63
C LEU A 17 7.34 8.08 2.45
N GLU A 18 8.05 9.12 2.02
CA GLU A 18 8.98 8.99 0.91
C GLU A 18 10.15 8.09 1.28
N ARG A 19 10.76 8.36 2.43
CA ARG A 19 11.89 7.57 2.89
C ARG A 19 11.49 6.11 3.11
N ALA A 20 10.34 5.90 3.73
CA ALA A 20 9.84 4.55 3.99
C ALA A 20 9.58 3.81 2.69
N PHE A 21 8.63 4.32 1.90
CA PHE A 21 8.29 3.70 0.63
C PHE A 21 9.53 3.46 -0.22
N SER A 22 10.30 4.51 -0.45
CA SER A 22 11.52 4.41 -1.25
C SER A 22 12.43 3.30 -0.71
N TYR A 23 12.58 3.26 0.60
CA TYR A 23 13.43 2.25 1.24
C TYR A 23 12.98 0.84 0.86
N TYR A 24 11.68 0.61 0.96
CA TYR A 24 11.11 -0.71 0.62
C TYR A 24 11.16 -0.95 -0.89
N GLY A 25 11.11 0.13 -1.66
CA GLY A 25 11.15 0.01 -3.11
C GLY A 25 10.71 1.28 -3.81
N PRO A 26 11.14 1.44 -5.07
CA PRO A 26 10.80 2.61 -5.88
C PRO A 26 9.33 2.65 -6.27
N LEU A 27 8.61 3.64 -5.73
CA LEU A 27 7.19 3.79 -6.01
C LEU A 27 6.98 4.59 -7.30
N ARG A 28 5.75 4.54 -7.82
CA ARG A 28 5.42 5.25 -9.05
C ARG A 28 5.44 6.76 -8.82
N THR A 29 4.69 7.21 -7.81
CA THR A 29 4.63 8.63 -7.48
C THR A 29 4.00 8.85 -6.12
N VAL A 30 4.38 9.95 -5.46
CA VAL A 30 3.85 10.28 -4.14
C VAL A 30 2.96 11.52 -4.20
N TRP A 31 1.93 11.54 -3.37
CA TRP A 31 1.01 12.66 -3.32
C TRP A 31 0.53 12.93 -1.90
N ILE A 32 0.40 14.20 -1.55
CA ILE A 32 -0.04 14.58 -0.21
C ILE A 32 -1.35 15.36 -0.27
N ALA A 33 -2.22 15.13 0.71
CA ALA A 33 -3.50 15.80 0.77
C ALA A 33 -3.52 16.87 1.87
N ARG A 34 -3.43 18.13 1.47
CA ARG A 34 -3.43 19.23 2.43
C ARG A 34 -4.83 19.52 2.93
N ASN A 35 -5.82 19.26 2.08
CA ASN A 35 -7.22 19.49 2.43
C ASN A 35 -7.53 18.93 3.81
N PRO A 36 -7.36 17.60 3.96
CA PRO A 36 -7.63 16.91 5.23
C PRO A 36 -6.61 17.27 6.30
N PRO A 37 -6.88 16.84 7.55
CA PRO A 37 -6.00 17.10 8.68
C PRO A 37 -4.69 16.32 8.60
N GLY A 38 -4.76 15.13 8.00
CA GLY A 38 -3.57 14.31 7.86
C GLY A 38 -3.81 13.08 7.00
N PHE A 39 -3.77 13.28 5.69
CA PHE A 39 -3.99 12.18 4.74
C PHE A 39 -3.16 12.39 3.47
N ALA A 40 -2.63 11.29 2.95
CA ALA A 40 -1.82 11.35 1.73
C ALA A 40 -2.03 10.10 0.87
N PHE A 41 -1.81 10.24 -0.42
CA PHE A 41 -1.98 9.14 -1.36
C PHE A 41 -0.70 8.88 -2.13
N VAL A 42 -0.45 7.61 -2.44
CA VAL A 42 0.75 7.22 -3.18
C VAL A 42 0.42 6.16 -4.23
N GLU A 43 1.13 6.22 -5.36
CA GLU A 43 0.91 5.26 -6.44
C GLU A 43 2.13 4.36 -6.60
N PHE A 44 1.89 3.04 -6.56
CA PHE A 44 2.96 2.07 -6.70
C PHE A 44 2.91 1.40 -8.08
N GLU A 45 3.97 1.56 -8.84
CA GLU A 45 4.04 0.97 -10.17
C GLU A 45 3.68 -0.51 -10.14
N ASP A 46 4.03 -1.17 -9.05
CA ASP A 46 3.74 -2.59 -8.90
C ASP A 46 3.00 -2.85 -7.58
N PRO A 47 2.15 -3.88 -7.58
CA PRO A 47 1.37 -4.26 -6.40
C PRO A 47 2.24 -4.85 -5.29
N ARG A 48 3.12 -5.76 -5.66
CA ARG A 48 4.02 -6.39 -4.70
C ARG A 48 4.71 -5.36 -3.83
N ASP A 49 5.25 -4.32 -4.47
CA ASP A 49 5.94 -3.26 -3.75
C ASP A 49 5.01 -2.58 -2.75
N ALA A 50 3.74 -2.46 -3.12
CA ALA A 50 2.74 -1.83 -2.25
C ALA A 50 2.36 -2.75 -1.10
N GLU A 51 2.23 -4.04 -1.39
CA GLU A 51 1.87 -5.02 -0.38
C GLU A 51 2.92 -5.07 0.73
N ASP A 52 4.19 -5.10 0.34
CA ASP A 52 5.29 -5.14 1.29
C ASP A 52 5.47 -3.80 1.99
N ALA A 53 5.39 -2.72 1.22
CA ALA A 53 5.53 -1.38 1.76
C ALA A 53 4.45 -1.09 2.80
N VAL A 54 3.20 -1.38 2.45
CA VAL A 54 2.08 -1.15 3.35
C VAL A 54 2.15 -2.08 4.55
N ARG A 55 2.23 -3.38 4.29
CA ARG A 55 2.30 -4.38 5.36
C ARG A 55 3.40 -4.03 6.36
N GLY A 56 4.52 -3.52 5.83
CA GLY A 56 5.63 -3.16 6.69
C GLY A 56 5.37 -1.88 7.47
N LEU A 57 5.04 -0.81 6.76
CA LEU A 57 4.77 0.47 7.39
C LEU A 57 3.66 0.35 8.43
N ASP A 58 2.51 -0.19 8.00
CA ASP A 58 1.39 -0.37 8.90
C ASP A 58 1.67 -1.45 9.94
N GLY A 59 2.32 -2.52 9.50
CA GLY A 59 2.65 -3.60 10.40
C GLY A 59 3.70 -3.22 11.42
N LYS A 60 4.40 -2.13 11.16
CA LYS A 60 5.44 -1.65 12.06
C LYS A 60 5.80 -0.20 11.76
N VAL A 61 5.70 0.65 12.78
CA VAL A 61 6.01 2.07 12.63
C VAL A 61 7.35 2.26 11.91
N ILE A 62 7.47 3.38 11.21
CA ILE A 62 8.70 3.69 10.48
C ILE A 62 9.38 4.94 11.04
N CYS A 63 10.65 4.79 11.42
CA CYS A 63 11.41 5.91 11.98
C CYS A 63 10.59 6.65 13.03
N GLY A 64 9.89 5.91 13.87
CA GLY A 64 9.09 6.51 14.91
C GLY A 64 7.84 7.18 14.36
N SER A 65 7.27 6.58 13.32
CA SER A 65 6.06 7.13 12.68
C SER A 65 4.98 6.07 12.58
N ARG A 66 3.99 6.15 13.48
CA ARG A 66 2.89 5.19 13.49
C ARG A 66 1.78 5.63 12.54
N VAL A 67 2.16 6.04 11.34
CA VAL A 67 1.20 6.48 10.33
C VAL A 67 0.22 5.37 9.98
N ARG A 68 -0.75 5.69 9.13
CA ARG A 68 -1.76 4.72 8.72
C ARG A 68 -1.76 4.56 7.20
N VAL A 69 -1.21 3.45 6.73
CA VAL A 69 -1.14 3.17 5.30
C VAL A 69 -2.00 1.97 4.93
N GLU A 70 -2.80 2.11 3.87
CA GLU A 70 -3.66 1.03 3.42
C GLU A 70 -3.80 1.04 1.90
N LEU A 71 -4.30 -0.05 1.36
CA LEU A 71 -4.48 -0.17 -0.10
C LEU A 71 -5.96 -0.20 -0.46
N SER A 72 -6.36 0.70 -1.34
CA SER A 72 -7.75 0.78 -1.78
C SER A 72 -8.08 -0.36 -2.74
N THR A 73 -7.11 -0.72 -3.57
CA THR A 73 -7.31 -1.80 -4.54
C THR A 73 -6.00 -2.53 -4.80
N GLY A 74 -6.09 -3.67 -5.50
CA GLY A 74 -4.91 -4.44 -5.82
C GLY A 74 -4.69 -5.58 -4.83
N MET A 75 -5.76 -6.02 -4.18
CA MET A 75 -5.68 -7.10 -3.21
C MET A 75 -6.70 -8.19 -3.52
N PRO A 76 -6.33 -9.13 -4.40
CA PRO A 76 -7.21 -10.24 -4.79
C PRO A 76 -7.42 -11.24 -3.67
N ARG A 77 -8.67 -11.41 -3.26
CA ARG A 77 -9.00 -12.34 -2.19
C ARG A 77 -10.14 -13.27 -2.62
N ARG A 78 -10.49 -14.20 -1.73
CA ARG A 78 -11.57 -15.15 -2.01
C ARG A 78 -12.94 -14.51 -1.79
N SER A 79 -12.93 -13.31 -1.21
CA SER A 79 -14.18 -12.59 -0.95
C SER A 79 -14.84 -12.15 -2.25
N ARG A 80 -16.15 -11.96 -2.19
CA ARG A 80 -16.91 -11.54 -3.37
C ARG A 80 -16.83 -10.03 -3.56
N PHE A 81 -15.61 -9.50 -3.55
CA PHE A 81 -15.40 -8.06 -3.72
C PHE A 81 -15.83 -7.60 -5.10
N ASP A 82 -16.88 -6.79 -5.14
CA ASP A 82 -17.40 -6.27 -6.41
C ASP A 82 -16.35 -5.43 -7.13
N ARG A 83 -15.53 -4.73 -6.35
CA ARG A 83 -14.48 -3.88 -6.91
C ARG A 83 -13.36 -4.72 -7.51
N PRO A 84 -13.05 -4.47 -8.79
CA PRO A 84 -12.01 -5.20 -9.51
C PRO A 84 -10.61 -4.85 -9.01
N PRO A 85 -9.94 -5.83 -8.37
CA PRO A 85 -8.59 -5.65 -7.83
C PRO A 85 -7.54 -5.52 -8.93
N ALA A 86 -6.55 -4.67 -8.68
CA ALA A 86 -5.48 -4.46 -9.65
C ALA A 86 -4.39 -5.51 -9.50
N ARG A 87 -4.37 -6.47 -10.42
CA ARG A 87 -3.38 -7.54 -10.39
C ARG A 87 -3.38 -8.32 -11.71
N ARG A 88 -3.75 -7.64 -12.79
CA ARG A 88 -3.79 -8.28 -14.10
C ARG A 88 -2.40 -8.67 -14.57
N LYS A 89 -2.06 -9.94 -14.38
CA LYS A 89 -0.75 -10.45 -14.78
C LYS A 89 -0.81 -11.96 -15.04
N LEU A 90 -0.88 -12.73 -13.97
CA LEU A 90 -0.94 -14.19 -14.08
C LEU A 90 0.33 -14.73 -14.73
N LEU A 91 1.39 -14.85 -13.93
CA LEU A 91 2.66 -15.36 -14.43
C LEU A 91 3.49 -15.95 -13.29
N GLU A 92 3.62 -15.20 -12.21
CA GLU A 92 4.39 -15.64 -11.05
C GLU A 92 3.50 -16.42 -10.08
N VAL A 93 2.21 -16.12 -10.09
CA VAL A 93 1.26 -16.79 -9.21
C VAL A 93 0.59 -17.96 -9.93
N LEU A 94 0.20 -18.97 -9.15
CA LEU A 94 -0.44 -20.15 -9.71
C LEU A 94 -1.15 -20.96 -8.62
N PHE A 95 -1.95 -21.93 -9.02
CA PHE A 95 -2.68 -22.77 -8.08
C PHE A 95 -2.55 -24.24 -8.45
N ASN A 96 -2.53 -25.11 -7.45
CA ASN A 96 -2.40 -26.54 -7.67
C ASN A 96 -2.91 -27.33 -6.46
N GLY A 97 -3.81 -26.72 -5.71
CA GLY A 97 -4.36 -27.37 -4.52
C GLY A 97 -3.37 -27.41 -3.38
N PRO A 98 -3.07 -26.23 -2.82
CA PRO A 98 -2.12 -26.11 -1.70
C PRO A 98 -2.69 -26.69 -0.40
N LEU A 99 -4.01 -26.70 -0.30
CA LEU A 99 -4.68 -27.22 0.89
C LEU A 99 -5.21 -28.64 0.64
N GLU A 100 -5.30 -29.42 1.71
CA GLU A 100 -5.80 -30.79 1.61
C GLU A 100 -7.31 -30.84 1.80
N HIS A 101 -7.94 -29.67 1.86
CA HIS A 101 -9.38 -29.58 2.04
C HIS A 101 -9.81 -30.26 3.34
N MET A 1 -0.84 0.47 -9.04
CA MET A 1 -1.37 0.26 -7.70
C MET A 1 -1.73 1.59 -7.04
N LYS A 2 -2.67 1.55 -6.10
CA LYS A 2 -3.10 2.74 -5.40
C LYS A 2 -2.80 2.63 -3.91
N VAL A 3 -2.14 3.64 -3.36
CA VAL A 3 -1.79 3.65 -1.94
C VAL A 3 -2.28 4.94 -1.27
N TYR A 4 -2.78 4.81 -0.05
CA TYR A 4 -3.28 5.95 0.71
C TYR A 4 -2.58 6.07 2.05
N VAL A 5 -1.71 7.06 2.17
CA VAL A 5 -0.97 7.29 3.41
C VAL A 5 -1.48 8.54 4.14
N GLY A 6 -2.24 8.31 5.21
CA GLY A 6 -2.79 9.41 5.98
C GLY A 6 -2.12 9.56 7.33
N ASN A 7 -2.64 10.47 8.15
CA ASN A 7 -2.09 10.71 9.48
C ASN A 7 -0.67 11.27 9.38
N LEU A 8 -0.57 12.53 9.00
CA LEU A 8 0.72 13.19 8.86
C LEU A 8 0.78 14.45 9.72
N GLY A 9 1.18 14.29 10.98
CA GLY A 9 1.28 15.42 11.88
C GLY A 9 2.19 15.15 13.06
N THR A 10 3.46 14.90 12.79
CA THR A 10 4.43 14.63 13.84
C THR A 10 5.84 14.55 13.26
N GLY A 11 6.10 15.32 12.21
CA GLY A 11 7.41 15.32 11.60
C GLY A 11 7.56 14.26 10.53
N ALA A 12 6.44 13.70 10.09
CA ALA A 12 6.45 12.67 9.07
C ALA A 12 5.48 13.00 7.93
N GLY A 13 6.04 13.42 6.79
CA GLY A 13 5.22 13.76 5.65
C GLY A 13 5.72 13.14 4.37
N LYS A 14 5.92 13.97 3.34
CA LYS A 14 6.40 13.49 2.05
C LYS A 14 7.75 12.80 2.20
N GLY A 15 8.66 13.44 2.93
CA GLY A 15 9.98 12.87 3.14
C GLY A 15 9.93 11.54 3.87
N GLU A 16 9.12 11.48 4.92
CA GLU A 16 8.99 10.26 5.72
C GLU A 16 8.48 9.11 4.86
N LEU A 17 7.32 9.30 4.26
CA LEU A 17 6.73 8.27 3.41
C LEU A 17 7.63 7.96 2.21
N GLU A 18 8.35 8.97 1.75
CA GLU A 18 9.26 8.80 0.62
C GLU A 18 10.34 7.77 0.93
N ARG A 19 11.04 7.99 2.04
CA ARG A 19 12.11 7.09 2.46
C ARG A 19 11.56 5.70 2.78
N ALA A 20 10.40 5.66 3.43
CA ALA A 20 9.77 4.40 3.79
C ALA A 20 9.37 3.61 2.55
N PHE A 21 8.45 4.17 1.77
CA PHE A 21 7.98 3.52 0.55
C PHE A 21 9.16 3.11 -0.34
N SER A 22 10.13 4.00 -0.46
CA SER A 22 11.31 3.75 -1.28
C SER A 22 12.12 2.59 -0.71
N TYR A 23 12.19 2.52 0.61
CA TYR A 23 12.94 1.46 1.29
C TYR A 23 12.26 0.11 1.09
N TYR A 24 10.93 0.12 1.01
CA TYR A 24 10.17 -1.11 0.83
C TYR A 24 10.14 -1.50 -0.65
N GLY A 25 9.99 -0.52 -1.52
CA GLY A 25 9.95 -0.79 -2.94
C GLY A 25 10.10 0.47 -3.78
N PRO A 26 10.17 0.30 -5.11
CA PRO A 26 10.32 1.42 -6.04
C PRO A 26 9.06 2.28 -6.12
N LEU A 27 9.18 3.53 -5.70
CA LEU A 27 8.05 4.46 -5.72
C LEU A 27 7.78 4.95 -7.14
N ARG A 28 6.51 4.87 -7.56
CA ARG A 28 6.12 5.31 -8.88
C ARG A 28 5.71 6.78 -8.87
N THR A 29 4.89 7.15 -7.89
CA THR A 29 4.43 8.53 -7.77
C THR A 29 4.02 8.84 -6.33
N VAL A 30 4.17 10.10 -5.94
CA VAL A 30 3.81 10.53 -4.59
C VAL A 30 2.95 11.78 -4.63
N TRP A 31 2.03 11.88 -3.67
CA TRP A 31 1.13 13.03 -3.59
C TRP A 31 0.72 13.31 -2.15
N ILE A 32 0.68 14.59 -1.79
CA ILE A 32 0.30 14.99 -0.44
C ILE A 32 -0.88 15.94 -0.45
N ALA A 33 -1.78 15.78 0.50
CA ALA A 33 -2.96 16.63 0.60
C ALA A 33 -2.83 17.61 1.76
N ARG A 34 -2.57 18.86 1.45
CA ARG A 34 -2.42 19.89 2.47
C ARG A 34 -3.77 20.35 2.98
N ASN A 35 -4.79 20.26 2.12
CA ASN A 35 -6.14 20.67 2.48
C ASN A 35 -6.53 20.09 3.84
N PRO A 36 -6.52 18.76 3.94
CA PRO A 36 -6.87 18.05 5.17
C PRO A 36 -5.84 18.24 6.27
N PRO A 37 -6.17 17.79 7.48
CA PRO A 37 -5.27 17.91 8.64
C PRO A 37 -4.07 16.98 8.53
N GLY A 38 -4.24 15.87 7.82
CA GLY A 38 -3.16 14.92 7.64
C GLY A 38 -3.55 13.75 6.76
N PHE A 39 -3.48 13.96 5.45
CA PHE A 39 -3.83 12.92 4.49
C PHE A 39 -2.97 13.03 3.22
N ALA A 40 -2.40 11.91 2.81
CA ALA A 40 -1.56 11.88 1.62
C ALA A 40 -1.82 10.63 0.79
N PHE A 41 -1.52 10.71 -0.50
CA PHE A 41 -1.73 9.57 -1.40
C PHE A 41 -0.42 9.20 -2.11
N VAL A 42 -0.24 7.91 -2.36
CA VAL A 42 0.95 7.42 -3.04
C VAL A 42 0.61 6.36 -4.08
N GLU A 43 1.36 6.36 -5.18
CA GLU A 43 1.13 5.38 -6.25
C GLU A 43 2.32 4.44 -6.39
N PHE A 44 2.05 3.14 -6.28
CA PHE A 44 3.10 2.13 -6.40
C PHE A 44 3.02 1.42 -7.74
N GLU A 45 4.12 1.48 -8.48
CA GLU A 45 4.19 0.83 -9.80
C GLU A 45 3.75 -0.62 -9.72
N ASP A 46 4.05 -1.27 -8.60
CA ASP A 46 3.69 -2.66 -8.39
C ASP A 46 2.84 -2.82 -7.13
N PRO A 47 1.93 -3.81 -7.15
CA PRO A 47 1.05 -4.09 -6.02
C PRO A 47 1.79 -4.68 -4.83
N ARG A 48 2.67 -5.63 -5.10
CA ARG A 48 3.45 -6.28 -4.05
C ARG A 48 4.17 -5.25 -3.19
N ASP A 49 4.78 -4.26 -3.85
CA ASP A 49 5.50 -3.21 -3.14
C ASP A 49 4.56 -2.42 -2.23
N ALA A 50 3.33 -2.23 -2.67
CA ALA A 50 2.34 -1.51 -1.90
C ALA A 50 1.81 -2.36 -0.75
N GLU A 51 1.58 -3.64 -1.02
CA GLU A 51 1.07 -4.56 -0.01
C GLU A 51 2.04 -4.65 1.17
N ASP A 52 3.32 -4.83 0.86
CA ASP A 52 4.35 -4.94 1.90
C ASP A 52 4.58 -3.60 2.57
N ALA A 53 4.78 -2.56 1.75
CA ALA A 53 5.01 -1.22 2.27
C ALA A 53 3.87 -0.75 3.16
N VAL A 54 2.65 -1.14 2.80
CA VAL A 54 1.47 -0.78 3.56
C VAL A 54 1.38 -1.57 4.86
N ARG A 55 1.34 -2.89 4.75
CA ARG A 55 1.26 -3.76 5.91
C ARG A 55 2.34 -3.41 6.93
N GLY A 56 3.49 -2.97 6.44
CA GLY A 56 4.58 -2.60 7.32
C GLY A 56 4.38 -1.24 7.97
N LEU A 57 4.23 -0.22 7.13
CA LEU A 57 4.04 1.15 7.62
C LEU A 57 2.80 1.23 8.51
N ASP A 58 1.80 0.41 8.21
CA ASP A 58 0.56 0.39 8.97
C ASP A 58 0.70 -0.53 10.19
N GLY A 59 1.42 -1.63 10.01
CA GLY A 59 1.62 -2.57 11.10
C GLY A 59 2.32 -1.95 12.29
N LYS A 60 3.34 -1.15 12.02
CA LYS A 60 4.10 -0.48 13.07
C LYS A 60 4.43 0.95 12.69
N VAL A 61 5.35 1.56 13.43
CA VAL A 61 5.76 2.94 13.15
C VAL A 61 7.11 2.97 12.44
N ILE A 62 7.28 3.98 11.58
CA ILE A 62 8.53 4.14 10.83
C ILE A 62 9.25 5.42 11.23
N CYS A 63 10.50 5.28 11.64
CA CYS A 63 11.30 6.43 12.05
C CYS A 63 10.51 7.34 12.99
N GLY A 64 9.80 6.74 13.92
CA GLY A 64 9.00 7.51 14.86
C GLY A 64 7.78 8.13 14.22
N SER A 65 7.22 7.43 13.25
CA SER A 65 6.03 7.92 12.54
C SER A 65 4.93 6.88 12.55
N ARG A 66 3.97 7.03 13.45
CA ARG A 66 2.86 6.10 13.56
C ARG A 66 1.72 6.51 12.63
N VAL A 67 2.05 6.78 11.38
CA VAL A 67 1.06 7.18 10.39
C VAL A 67 0.09 6.05 10.09
N ARG A 68 -0.88 6.31 9.22
CA ARG A 68 -1.87 5.30 8.84
C ARG A 68 -1.94 5.15 7.33
N VAL A 69 -1.36 4.06 6.82
CA VAL A 69 -1.36 3.80 5.39
C VAL A 69 -2.26 2.61 5.05
N GLU A 70 -2.95 2.72 3.92
CA GLU A 70 -3.84 1.65 3.48
C GLU A 70 -3.91 1.58 1.95
N LEU A 71 -4.45 0.48 1.44
CA LEU A 71 -4.56 0.30 -0.01
C LEU A 71 -6.02 0.36 -0.45
N SER A 72 -6.32 1.28 -1.36
CA SER A 72 -7.68 1.45 -1.87
C SER A 72 -8.04 0.32 -2.83
N THR A 73 -7.04 -0.22 -3.51
CA THR A 73 -7.25 -1.31 -4.45
C THR A 73 -6.06 -2.25 -4.49
N GLY A 74 -6.31 -3.51 -4.84
CA GLY A 74 -5.25 -4.49 -4.92
C GLY A 74 -5.14 -5.33 -3.65
N MET A 75 -6.24 -5.44 -2.93
CA MET A 75 -6.28 -6.22 -1.69
C MET A 75 -7.44 -7.20 -1.69
N PRO A 76 -7.21 -8.39 -2.28
CA PRO A 76 -8.23 -9.44 -2.37
C PRO A 76 -8.53 -10.06 -1.01
N ARG A 77 -9.79 -9.95 -0.58
CA ARG A 77 -10.21 -10.50 0.70
C ARG A 77 -11.42 -11.42 0.53
N ARG A 78 -11.86 -12.02 1.63
CA ARG A 78 -13.00 -12.92 1.60
C ARG A 78 -14.31 -12.14 1.59
N SER A 79 -14.21 -10.83 1.82
CA SER A 79 -15.38 -9.97 1.83
C SER A 79 -16.00 -9.86 0.45
N ARG A 80 -17.29 -9.53 0.40
CA ARG A 80 -18.00 -9.39 -0.87
C ARG A 80 -17.78 -8.00 -1.47
N PHE A 81 -16.50 -7.60 -1.56
CA PHE A 81 -16.15 -6.30 -2.11
C PHE A 81 -16.53 -6.23 -3.60
N ASP A 82 -17.48 -5.36 -3.92
CA ASP A 82 -17.92 -5.19 -5.30
C ASP A 82 -16.81 -4.62 -6.15
N ARG A 83 -15.93 -3.84 -5.54
CA ARG A 83 -14.81 -3.22 -6.25
C ARG A 83 -13.77 -4.27 -6.62
N PRO A 84 -13.44 -4.33 -7.92
CA PRO A 84 -12.45 -5.29 -8.44
C PRO A 84 -11.03 -4.94 -7.99
N PRO A 85 -10.46 -5.81 -7.14
CA PRO A 85 -9.10 -5.62 -6.61
C PRO A 85 -8.03 -5.83 -7.68
N ALA A 86 -6.97 -5.03 -7.61
CA ALA A 86 -5.88 -5.13 -8.58
C ALA A 86 -4.84 -6.15 -8.13
N ARG A 87 -4.98 -7.38 -8.62
CA ARG A 87 -4.04 -8.44 -8.27
C ARG A 87 -4.04 -9.54 -9.33
N ARG A 88 -4.44 -9.17 -10.55
CA ARG A 88 -4.49 -10.12 -11.66
C ARG A 88 -3.12 -10.76 -11.88
N LYS A 89 -3.09 -11.83 -12.66
CA LYS A 89 -1.85 -12.54 -12.95
C LYS A 89 -2.08 -13.65 -13.97
N LEU A 90 -1.08 -14.51 -14.15
CA LEU A 90 -1.17 -15.61 -15.08
C LEU A 90 -0.03 -16.59 -14.89
N LEU A 91 0.21 -16.97 -13.65
CA LEU A 91 1.28 -17.90 -13.32
C LEU A 91 1.08 -18.50 -11.94
N GLU A 92 0.66 -17.66 -10.99
CA GLU A 92 0.43 -18.11 -9.62
C GLU A 92 -0.70 -19.13 -9.56
N VAL A 93 -1.59 -19.06 -10.54
CA VAL A 93 -2.72 -19.99 -10.60
C VAL A 93 -2.42 -21.17 -11.50
N LEU A 94 -3.04 -22.31 -11.20
CA LEU A 94 -2.83 -23.53 -11.98
C LEU A 94 -4.02 -24.46 -11.87
N PHE A 95 -4.11 -25.42 -12.78
CA PHE A 95 -5.22 -26.37 -12.80
C PHE A 95 -4.78 -27.69 -13.42
N ASN A 96 -4.00 -28.47 -12.67
CA ASN A 96 -3.51 -29.76 -13.15
C ASN A 96 -2.75 -30.49 -12.05
N GLY A 97 -3.24 -30.36 -10.82
CA GLY A 97 -2.60 -31.03 -9.70
C GLY A 97 -1.49 -30.20 -9.09
N PRO A 98 -1.88 -29.11 -8.39
CA PRO A 98 -0.92 -28.21 -7.75
C PRO A 98 -0.24 -28.85 -6.55
N LEU A 99 -0.97 -29.72 -5.85
CA LEU A 99 -0.43 -30.40 -4.68
C LEU A 99 -0.41 -31.91 -4.89
N GLU A 100 0.43 -32.60 -4.13
CA GLU A 100 0.55 -34.05 -4.23
C GLU A 100 -0.34 -34.74 -3.19
N HIS A 101 -1.16 -33.96 -2.51
CA HIS A 101 -2.06 -34.49 -1.49
C HIS A 101 -1.26 -35.10 -0.34
N MET A 1 -0.52 -1.12 -8.20
CA MET A 1 -1.21 -1.13 -6.90
C MET A 1 -1.47 0.28 -6.41
N LYS A 2 -2.55 0.46 -5.66
CA LYS A 2 -2.91 1.77 -5.13
C LYS A 2 -2.64 1.83 -3.62
N VAL A 3 -2.04 2.93 -3.19
CA VAL A 3 -1.72 3.12 -1.77
C VAL A 3 -2.19 4.49 -1.29
N TYR A 4 -2.58 4.55 -0.02
CA TYR A 4 -3.04 5.81 0.56
C TYR A 4 -2.38 6.06 1.92
N VAL A 5 -1.63 7.15 2.01
CA VAL A 5 -0.93 7.50 3.24
C VAL A 5 -1.53 8.76 3.86
N GLY A 6 -2.33 8.58 4.90
CA GLY A 6 -2.94 9.72 5.56
C GLY A 6 -2.42 9.92 6.98
N ASN A 7 -3.07 10.80 7.73
CA ASN A 7 -2.66 11.08 9.10
C ASN A 7 -1.26 11.70 9.13
N LEU A 8 -1.11 12.86 8.50
CA LEU A 8 0.16 13.55 8.45
C LEU A 8 0.12 14.83 9.29
N GLY A 9 0.64 14.74 10.51
CA GLY A 9 0.66 15.90 11.39
C GLY A 9 1.26 17.13 10.72
N THR A 10 2.55 17.05 10.42
CA THR A 10 3.25 18.16 9.77
C THR A 10 4.72 17.82 9.56
N GLY A 11 5.29 17.04 10.47
CA GLY A 11 6.69 16.66 10.35
C GLY A 11 6.89 15.48 9.42
N ALA A 12 5.79 14.92 8.93
CA ALA A 12 5.86 13.79 8.02
C ALA A 12 5.02 14.02 6.78
N GLY A 13 5.68 14.30 5.66
CA GLY A 13 4.98 14.55 4.42
C GLY A 13 5.54 13.74 3.26
N LYS A 14 5.85 14.42 2.16
CA LYS A 14 6.40 13.76 0.98
C LYS A 14 7.74 13.10 1.30
N GLY A 15 8.61 13.83 1.99
CA GLY A 15 9.91 13.30 2.35
C GLY A 15 9.81 12.09 3.26
N GLU A 16 8.93 12.18 4.25
CA GLU A 16 8.75 11.08 5.20
C GLU A 16 8.24 9.83 4.48
N LEU A 17 7.10 9.94 3.83
CA LEU A 17 6.51 8.81 3.11
C LEU A 17 7.46 8.31 2.03
N GLU A 18 8.26 9.22 1.47
CA GLU A 18 9.22 8.86 0.43
C GLU A 18 10.30 7.93 0.98
N ARG A 19 10.94 8.36 2.06
CA ARG A 19 12.00 7.58 2.69
C ARG A 19 11.48 6.22 3.11
N ALA A 20 10.31 6.20 3.75
CA ALA A 20 9.71 4.95 4.21
C ALA A 20 9.42 4.03 3.04
N PHE A 21 8.50 4.44 2.17
CA PHE A 21 8.13 3.64 1.02
C PHE A 21 9.37 3.19 0.25
N SER A 22 10.26 4.13 -0.04
CA SER A 22 11.48 3.83 -0.78
C SER A 22 12.33 2.80 -0.04
N TYR A 23 12.41 2.96 1.29
CA TYR A 23 13.18 2.05 2.12
C TYR A 23 12.69 0.61 1.96
N TYR A 24 11.37 0.44 1.94
CA TYR A 24 10.76 -0.88 1.80
C TYR A 24 10.89 -1.38 0.36
N GLY A 25 10.88 -0.44 -0.59
CA GLY A 25 10.99 -0.82 -1.99
C GLY A 25 10.62 0.33 -2.92
N PRO A 26 11.12 0.27 -4.16
CA PRO A 26 10.87 1.30 -5.17
C PRO A 26 9.42 1.27 -5.66
N LEU A 27 8.66 2.31 -5.30
CA LEU A 27 7.27 2.41 -5.69
C LEU A 27 7.14 3.08 -7.05
N ARG A 28 5.90 3.28 -7.49
CA ARG A 28 5.64 3.91 -8.79
C ARG A 28 5.77 5.43 -8.68
N THR A 29 5.06 6.02 -7.73
CA THR A 29 5.09 7.46 -7.52
C THR A 29 4.40 7.85 -6.22
N VAL A 30 4.77 9.01 -5.69
CA VAL A 30 4.19 9.50 -4.45
C VAL A 30 3.38 10.77 -4.67
N TRP A 31 2.39 11.00 -3.82
CA TRP A 31 1.54 12.18 -3.92
C TRP A 31 0.99 12.58 -2.55
N ILE A 32 0.69 13.86 -2.40
CA ILE A 32 0.14 14.37 -1.15
C ILE A 32 -0.96 15.39 -1.40
N ALA A 33 -1.98 15.37 -0.54
CA ALA A 33 -3.11 16.29 -0.67
C ALA A 33 -3.04 17.38 0.40
N ARG A 34 -2.75 18.60 -0.03
CA ARG A 34 -2.65 19.73 0.89
C ARG A 34 -4.04 20.18 1.34
N ASN A 35 -5.05 19.91 0.50
CA ASN A 35 -6.42 20.29 0.82
C ASN A 35 -6.80 19.86 2.23
N PRO A 36 -6.75 18.55 2.49
CA PRO A 36 -7.07 17.99 3.80
C PRO A 36 -6.04 18.33 4.86
N PRO A 37 -6.36 18.05 6.13
CA PRO A 37 -5.47 18.32 7.26
C PRO A 37 -4.25 17.41 7.27
N GLY A 38 -4.36 16.28 6.58
CA GLY A 38 -3.25 15.34 6.52
C GLY A 38 -3.61 14.07 5.77
N PHE A 39 -3.79 14.19 4.45
CA PHE A 39 -4.14 13.05 3.63
C PHE A 39 -3.28 13.01 2.37
N ALA A 40 -2.54 11.91 2.20
CA ALA A 40 -1.68 11.74 1.04
C ALA A 40 -1.95 10.42 0.33
N PHE A 41 -1.53 10.33 -0.92
CA PHE A 41 -1.73 9.11 -1.70
C PHE A 41 -0.43 8.67 -2.37
N VAL A 42 -0.26 7.36 -2.50
CA VAL A 42 0.95 6.80 -3.12
C VAL A 42 0.60 5.66 -4.06
N GLU A 43 1.37 5.53 -5.13
CA GLU A 43 1.15 4.47 -6.11
C GLU A 43 2.32 3.50 -6.14
N PHE A 44 2.04 2.23 -5.91
CA PHE A 44 3.07 1.19 -5.91
C PHE A 44 3.01 0.36 -7.18
N GLU A 45 4.12 0.33 -7.92
CA GLU A 45 4.19 -0.43 -9.16
C GLU A 45 3.71 -1.87 -8.95
N ASP A 46 3.99 -2.40 -7.77
CA ASP A 46 3.60 -3.77 -7.44
C ASP A 46 2.79 -3.80 -6.15
N PRO A 47 1.86 -4.77 -6.05
CA PRO A 47 1.02 -4.93 -4.87
C PRO A 47 1.79 -5.42 -3.65
N ARG A 48 2.59 -6.45 -3.85
CA ARG A 48 3.39 -7.02 -2.76
C ARG A 48 4.17 -5.92 -2.04
N ASP A 49 4.83 -5.06 -2.82
CA ASP A 49 5.62 -3.97 -2.26
C ASP A 49 4.75 -3.05 -1.41
N ALA A 50 3.50 -2.86 -1.84
CA ALA A 50 2.57 -2.00 -1.12
C ALA A 50 2.06 -2.69 0.14
N GLU A 51 1.78 -3.98 0.04
CA GLU A 51 1.28 -4.76 1.17
C GLU A 51 2.27 -4.74 2.32
N ASP A 52 3.54 -4.96 2.00
CA ASP A 52 4.60 -4.97 3.02
C ASP A 52 4.90 -3.55 3.50
N ALA A 53 5.08 -2.63 2.55
CA ALA A 53 5.37 -1.24 2.88
C ALA A 53 4.27 -0.65 3.76
N VAL A 54 3.04 -1.06 3.51
CA VAL A 54 1.90 -0.57 4.28
C VAL A 54 1.85 -1.21 5.66
N ARG A 55 1.79 -2.53 5.68
CA ARG A 55 1.74 -3.27 6.94
C ARG A 55 2.84 -2.81 7.88
N GLY A 56 3.98 -2.43 7.32
CA GLY A 56 5.09 -1.97 8.12
C GLY A 56 4.93 -0.54 8.58
N LEU A 57 4.79 0.38 7.63
CA LEU A 57 4.62 1.79 7.95
C LEU A 57 3.43 2.00 8.89
N ASP A 58 2.37 1.25 8.67
CA ASP A 58 1.18 1.35 9.49
C ASP A 58 1.30 0.49 10.75
N GLY A 59 1.94 -0.66 10.61
CA GLY A 59 2.12 -1.55 11.73
C GLY A 59 2.85 -0.89 12.89
N LYS A 60 3.87 -0.11 12.58
CA LYS A 60 4.64 0.58 13.59
C LYS A 60 5.01 1.99 13.14
N VAL A 61 5.96 2.61 13.84
CA VAL A 61 6.40 3.95 13.51
C VAL A 61 7.68 3.93 12.70
N ILE A 62 7.79 4.83 11.72
CA ILE A 62 8.97 4.91 10.88
C ILE A 62 9.69 6.24 11.06
N CYS A 63 10.86 6.19 11.68
CA CYS A 63 11.65 7.40 11.93
C CYS A 63 10.82 8.46 12.63
N GLY A 64 10.20 8.07 13.74
CA GLY A 64 9.38 9.01 14.49
C GLY A 64 8.17 9.49 13.70
N SER A 65 7.71 8.66 12.77
CA SER A 65 6.56 9.01 11.94
C SER A 65 5.51 7.90 11.98
N ARG A 66 4.52 8.08 12.84
CA ARG A 66 3.44 7.10 12.99
C ARG A 66 2.31 7.38 12.01
N VAL A 67 2.68 7.58 10.74
CA VAL A 67 1.69 7.86 9.70
C VAL A 67 0.72 6.71 9.54
N ARG A 68 -0.47 7.01 9.03
CA ARG A 68 -1.50 5.99 8.83
C ARG A 68 -1.70 5.71 7.34
N VAL A 69 -1.17 4.57 6.89
CA VAL A 69 -1.28 4.17 5.50
C VAL A 69 -2.22 2.97 5.33
N GLU A 70 -2.97 2.96 4.24
CA GLU A 70 -3.91 1.87 3.97
C GLU A 70 -3.92 1.51 2.49
N LEU A 71 -4.49 0.37 2.17
CA LEU A 71 -4.58 -0.09 0.79
C LEU A 71 -6.01 0.02 0.26
N SER A 72 -6.21 0.90 -0.71
CA SER A 72 -7.52 1.11 -1.30
C SER A 72 -7.93 -0.09 -2.16
N THR A 73 -6.94 -0.71 -2.80
CA THR A 73 -7.19 -1.86 -3.65
C THR A 73 -6.15 -2.95 -3.41
N GLY A 74 -6.40 -4.14 -3.97
CA GLY A 74 -5.48 -5.24 -3.81
C GLY A 74 -5.56 -5.87 -2.43
N MET A 75 -6.72 -5.74 -1.80
CA MET A 75 -6.94 -6.31 -0.47
C MET A 75 -8.01 -7.38 -0.50
N PRO A 76 -7.60 -8.63 -0.78
CA PRO A 76 -8.51 -9.77 -0.85
C PRO A 76 -9.05 -10.16 0.53
N ARG A 77 -10.37 -10.10 0.67
CA ARG A 77 -11.01 -10.45 1.93
C ARG A 77 -12.33 -11.16 1.69
N ARG A 78 -12.98 -11.58 2.77
CA ARG A 78 -14.26 -12.28 2.68
C ARG A 78 -15.42 -11.29 2.71
N SER A 79 -15.34 -10.31 3.61
CA SER A 79 -16.39 -9.31 3.74
C SER A 79 -15.80 -7.91 3.66
N ARG A 80 -16.65 -6.90 3.85
CA ARG A 80 -16.22 -5.51 3.79
C ARG A 80 -15.73 -5.15 2.40
N PHE A 81 -16.05 -5.99 1.42
CA PHE A 81 -15.63 -5.76 0.05
C PHE A 81 -16.78 -6.04 -0.92
N ASP A 82 -17.18 -5.02 -1.67
CA ASP A 82 -18.26 -5.16 -2.64
C ASP A 82 -17.72 -5.57 -4.00
N ARG A 83 -16.64 -4.92 -4.41
CA ARG A 83 -16.03 -5.22 -5.71
C ARG A 83 -14.78 -6.09 -5.53
N PRO A 84 -14.37 -6.75 -6.62
CA PRO A 84 -13.19 -7.63 -6.61
C PRO A 84 -11.90 -6.86 -6.48
N PRO A 85 -10.97 -7.39 -5.66
CA PRO A 85 -9.66 -6.75 -5.43
C PRO A 85 -8.77 -6.82 -6.66
N ALA A 86 -7.81 -5.90 -6.73
CA ALA A 86 -6.87 -5.85 -7.85
C ALA A 86 -5.79 -6.93 -7.71
N ARG A 87 -6.22 -8.18 -7.66
CA ARG A 87 -5.30 -9.30 -7.53
C ARG A 87 -5.36 -10.21 -8.75
N ARG A 88 -5.84 -9.67 -9.87
CA ARG A 88 -5.96 -10.43 -11.10
C ARG A 88 -4.65 -11.13 -11.44
N LYS A 89 -4.59 -12.43 -11.19
CA LYS A 89 -3.39 -13.21 -11.47
C LYS A 89 -3.71 -14.70 -11.51
N LEU A 90 -2.72 -15.50 -11.90
CA LEU A 90 -2.89 -16.95 -11.96
C LEU A 90 -1.69 -17.67 -11.37
N LEU A 91 -1.73 -17.89 -10.06
CA LEU A 91 -0.65 -18.57 -9.37
C LEU A 91 -1.02 -20.02 -9.06
N GLU A 92 -2.20 -20.20 -8.47
CA GLU A 92 -2.68 -21.54 -8.12
C GLU A 92 -2.88 -22.39 -9.38
N VAL A 93 -3.37 -21.76 -10.44
CA VAL A 93 -3.60 -22.45 -11.70
C VAL A 93 -2.41 -22.32 -12.65
N LEU A 94 -2.22 -23.30 -13.50
CA LEU A 94 -1.12 -23.29 -14.46
C LEU A 94 -1.22 -24.47 -15.42
N PHE A 95 -0.87 -24.23 -16.68
CA PHE A 95 -0.92 -25.26 -17.70
C PHE A 95 0.35 -26.10 -17.69
N ASN A 96 0.68 -26.65 -16.53
CA ASN A 96 1.88 -27.48 -16.38
C ASN A 96 1.77 -28.39 -15.16
N GLY A 97 0.71 -29.19 -15.12
CA GLY A 97 0.50 -30.11 -14.01
C GLY A 97 -0.07 -29.41 -12.79
N PRO A 98 -1.31 -28.93 -12.90
CA PRO A 98 -2.00 -28.23 -11.80
C PRO A 98 -2.34 -29.17 -10.64
N LEU A 99 -2.55 -30.44 -10.96
CA LEU A 99 -2.89 -31.42 -9.95
C LEU A 99 -1.68 -32.31 -9.62
N GLU A 100 -1.72 -32.94 -8.45
CA GLU A 100 -0.62 -33.81 -8.02
C GLU A 100 -0.90 -35.25 -8.40
N HIS A 101 -1.96 -35.46 -9.19
CA HIS A 101 -2.33 -36.80 -9.64
C HIS A 101 -2.72 -37.68 -8.45
N MET A 1 3.12 0.79 -9.46
CA MET A 1 2.32 0.32 -8.34
C MET A 1 1.55 1.46 -7.70
N LYS A 2 0.38 1.14 -7.14
CA LYS A 2 -0.45 2.15 -6.49
C LYS A 2 -0.35 2.05 -4.97
N VAL A 3 -0.23 3.21 -4.31
CA VAL A 3 -0.13 3.24 -2.87
C VAL A 3 -1.05 4.30 -2.27
N TYR A 4 -1.58 4.03 -1.09
CA TYR A 4 -2.49 4.95 -0.42
C TYR A 4 -2.13 5.09 1.06
N VAL A 5 -1.74 6.29 1.45
CA VAL A 5 -1.37 6.56 2.84
C VAL A 5 -2.37 7.51 3.50
N GLY A 6 -3.25 6.96 4.33
CA GLY A 6 -4.23 7.77 5.01
C GLY A 6 -3.95 7.91 6.49
N ASN A 7 -4.91 8.47 7.23
CA ASN A 7 -4.75 8.65 8.66
C ASN A 7 -3.60 9.61 8.97
N LEU A 8 -3.82 10.90 8.70
CA LEU A 8 -2.81 11.92 8.94
C LEU A 8 -3.42 13.17 9.55
N GLY A 9 -2.66 14.25 9.58
CA GLY A 9 -3.15 15.50 10.14
C GLY A 9 -2.82 15.64 11.61
N THR A 10 -1.53 15.54 11.95
CA THR A 10 -1.09 15.65 13.33
C THR A 10 0.43 15.56 13.43
N GLY A 11 1.12 16.42 12.68
CA GLY A 11 2.57 16.42 12.70
C GLY A 11 3.17 15.36 11.77
N ALA A 12 2.30 14.57 11.16
CA ALA A 12 2.74 13.51 10.25
C ALA A 12 1.99 13.58 8.92
N GLY A 13 2.66 14.07 7.90
CA GLY A 13 2.04 14.19 6.59
C GLY A 13 3.03 14.01 5.46
N LYS A 14 3.12 15.01 4.59
CA LYS A 14 4.03 14.96 3.46
C LYS A 14 5.44 14.59 3.91
N GLY A 15 5.97 15.34 4.87
CA GLY A 15 7.30 15.07 5.37
C GLY A 15 7.42 13.70 5.99
N GLU A 16 6.38 13.28 6.72
CA GLU A 16 6.37 11.98 7.38
C GLU A 16 6.42 10.86 6.34
N LEU A 17 5.44 10.85 5.44
CA LEU A 17 5.37 9.83 4.41
C LEU A 17 6.57 9.91 3.47
N GLU A 18 7.12 11.11 3.33
CA GLU A 18 8.28 11.33 2.47
C GLU A 18 9.51 10.64 3.04
N ARG A 19 9.78 10.88 4.32
CA ARG A 19 10.93 10.29 4.98
C ARG A 19 10.80 8.76 5.04
N ALA A 20 9.60 8.28 5.33
CA ALA A 20 9.34 6.85 5.42
C ALA A 20 9.55 6.18 4.06
N PHE A 21 8.72 6.54 3.09
CA PHE A 21 8.81 5.98 1.75
C PHE A 21 10.24 6.07 1.21
N SER A 22 10.82 7.26 1.29
CA SER A 22 12.17 7.48 0.82
C SER A 22 13.16 6.55 1.51
N TYR A 23 13.01 6.43 2.83
CA TYR A 23 13.89 5.56 3.61
C TYR A 23 13.87 4.13 3.08
N TYR A 24 12.67 3.64 2.78
CA TYR A 24 12.51 2.29 2.27
C TYR A 24 13.00 2.18 0.83
N GLY A 25 12.77 3.23 0.05
CA GLY A 25 13.19 3.25 -1.34
C GLY A 25 12.57 4.39 -2.13
N PRO A 26 13.20 4.74 -3.26
CA PRO A 26 12.73 5.81 -4.13
C PRO A 26 11.43 5.45 -4.84
N LEU A 27 10.36 6.18 -4.52
CA LEU A 27 9.06 5.93 -5.14
C LEU A 27 8.93 6.71 -6.44
N ARG A 28 7.75 6.60 -7.07
CA ARG A 28 7.49 7.30 -8.32
C ARG A 28 7.05 8.73 -8.06
N THR A 29 6.10 8.90 -7.14
CA THR A 29 5.59 10.23 -6.80
C THR A 29 4.76 10.18 -5.52
N VAL A 30 4.63 11.33 -4.87
CA VAL A 30 3.86 11.42 -3.63
C VAL A 30 2.75 12.46 -3.76
N TRP A 31 1.62 12.18 -3.12
CA TRP A 31 0.47 13.08 -3.16
C TRP A 31 -0.31 13.03 -1.85
N ILE A 32 -0.96 14.14 -1.51
CA ILE A 32 -1.75 14.21 -0.28
C ILE A 32 -3.06 14.96 -0.51
N ALA A 33 -4.13 14.50 0.13
CA ALA A 33 -5.43 15.13 0.01
C ALA A 33 -5.78 15.93 1.26
N ARG A 34 -5.75 17.25 1.14
CA ARG A 34 -6.06 18.12 2.26
C ARG A 34 -7.57 18.19 2.49
N ASN A 35 -8.34 17.96 1.43
CA ASN A 35 -9.79 18.00 1.52
C ASN A 35 -10.28 17.18 2.71
N PRO A 36 -9.95 15.88 2.71
CA PRO A 36 -10.36 14.96 3.78
C PRO A 36 -9.63 15.25 5.10
N PRO A 37 -10.08 14.60 6.18
CA PRO A 37 -9.48 14.76 7.50
C PRO A 37 -8.09 14.16 7.59
N GLY A 38 -7.81 13.20 6.72
CA GLY A 38 -6.50 12.55 6.72
C GLY A 38 -6.42 11.43 5.70
N PHE A 39 -6.18 11.79 4.45
CA PHE A 39 -6.08 10.80 3.38
C PHE A 39 -5.09 11.25 2.32
N ALA A 40 -4.05 10.44 2.09
CA ALA A 40 -3.03 10.76 1.11
C ALA A 40 -2.80 9.59 0.16
N PHE A 41 -2.23 9.87 -1.00
CA PHE A 41 -1.96 8.83 -2.00
C PHE A 41 -0.51 8.90 -2.47
N VAL A 42 0.07 7.74 -2.76
CA VAL A 42 1.45 7.67 -3.22
C VAL A 42 1.60 6.66 -4.34
N GLU A 43 2.52 6.92 -5.26
CA GLU A 43 2.77 6.03 -6.38
C GLU A 43 4.18 5.44 -6.33
N PHE A 44 4.26 4.12 -6.30
CA PHE A 44 5.55 3.44 -6.25
C PHE A 44 5.91 2.85 -7.61
N GLU A 45 7.04 3.28 -8.16
CA GLU A 45 7.50 2.80 -9.46
C GLU A 45 7.52 1.28 -9.49
N ASP A 46 7.83 0.67 -8.35
CA ASP A 46 7.89 -0.78 -8.24
C ASP A 46 6.97 -1.28 -7.14
N PRO A 47 6.41 -2.49 -7.34
CA PRO A 47 5.49 -3.11 -6.38
C PRO A 47 6.20 -3.53 -5.10
N ARG A 48 7.35 -4.18 -5.25
CA ARG A 48 8.13 -4.64 -4.10
C ARG A 48 8.35 -3.52 -3.10
N ASP A 49 8.73 -2.34 -3.61
CA ASP A 49 8.98 -1.18 -2.76
C ASP A 49 7.72 -0.80 -1.99
N ALA A 50 6.56 -0.96 -2.64
CA ALA A 50 5.28 -0.63 -2.01
C ALA A 50 4.89 -1.69 -0.99
N GLU A 51 5.10 -2.95 -1.33
CA GLU A 51 4.77 -4.06 -0.44
C GLU A 51 5.52 -3.94 0.88
N ASP A 52 6.82 -3.66 0.80
CA ASP A 52 7.65 -3.51 1.99
C ASP A 52 7.32 -2.22 2.72
N ALA A 53 7.31 -1.11 1.98
CA ALA A 53 7.02 0.20 2.55
C ALA A 53 5.67 0.18 3.29
N VAL A 54 4.65 -0.34 2.63
CA VAL A 54 3.32 -0.41 3.21
C VAL A 54 3.29 -1.37 4.40
N ARG A 55 3.86 -2.56 4.20
CA ARG A 55 3.89 -3.57 5.25
C ARG A 55 4.47 -2.99 6.54
N GLY A 56 5.51 -2.17 6.40
CA GLY A 56 6.14 -1.58 7.56
C GLY A 56 5.36 -0.38 8.09
N LEU A 57 5.15 0.61 7.23
CA LEU A 57 4.42 1.81 7.61
C LEU A 57 3.09 1.46 8.26
N ASP A 58 2.45 0.41 7.76
CA ASP A 58 1.17 -0.03 8.30
C ASP A 58 1.38 -0.98 9.48
N GLY A 59 2.37 -1.85 9.37
CA GLY A 59 2.66 -2.80 10.43
C GLY A 59 2.82 -2.12 11.78
N LYS A 60 3.51 -0.99 11.79
CA LYS A 60 3.74 -0.24 13.02
C LYS A 60 3.73 1.27 12.76
N VAL A 61 4.19 2.04 13.73
CA VAL A 61 4.24 3.49 13.61
C VAL A 61 5.59 3.96 13.07
N ILE A 62 5.60 5.12 12.44
CA ILE A 62 6.82 5.68 11.87
C ILE A 62 7.14 7.04 12.48
N CYS A 63 8.23 7.10 13.24
CA CYS A 63 8.64 8.35 13.87
C CYS A 63 7.48 8.98 14.64
N GLY A 64 6.76 8.16 15.39
CA GLY A 64 5.62 8.65 16.15
C GLY A 64 4.43 8.98 15.28
N SER A 65 4.32 8.27 14.15
CA SER A 65 3.21 8.48 13.23
C SER A 65 2.49 7.17 12.91
N ARG A 66 1.45 6.88 13.69
CA ARG A 66 0.68 5.66 13.50
C ARG A 66 -0.32 5.81 12.35
N VAL A 67 0.19 6.16 11.18
CA VAL A 67 -0.66 6.35 10.00
C VAL A 67 -1.19 5.01 9.49
N ARG A 68 -2.06 5.06 8.48
CA ARG A 68 -2.63 3.86 7.90
C ARG A 68 -2.42 3.83 6.40
N VAL A 69 -1.49 3.00 5.94
CA VAL A 69 -1.20 2.88 4.52
C VAL A 69 -1.67 1.54 3.97
N GLU A 70 -2.16 1.54 2.74
CA GLU A 70 -2.65 0.33 2.10
C GLU A 70 -2.32 0.33 0.60
N LEU A 71 -2.45 -0.83 -0.03
CA LEU A 71 -2.17 -0.97 -1.45
C LEU A 71 -3.46 -1.17 -2.24
N SER A 72 -3.85 -0.15 -3.00
CA SER A 72 -5.07 -0.21 -3.79
C SER A 72 -4.97 -1.31 -4.85
N THR A 73 -3.74 -1.64 -5.24
CA THR A 73 -3.51 -2.67 -6.25
C THR A 73 -2.17 -3.36 -6.03
N GLY A 74 -2.16 -4.68 -6.15
CA GLY A 74 -0.93 -5.44 -5.96
C GLY A 74 -0.82 -6.01 -4.56
N MET A 75 -1.95 -6.10 -3.86
CA MET A 75 -1.97 -6.62 -2.50
C MET A 75 -2.87 -7.85 -2.40
N PRO A 76 -2.30 -9.03 -2.67
CA PRO A 76 -3.04 -10.29 -2.63
C PRO A 76 -3.42 -10.69 -1.20
N ARG A 77 -4.72 -10.81 -0.95
CA ARG A 77 -5.21 -11.18 0.37
C ARG A 77 -6.41 -12.11 0.27
N ARG A 78 -6.91 -12.57 1.41
CA ARG A 78 -8.05 -13.48 1.45
C ARG A 78 -9.36 -12.70 1.44
N SER A 79 -9.41 -11.63 2.24
CA SER A 79 -10.60 -10.80 2.33
C SER A 79 -10.26 -9.32 2.11
N ARG A 80 -11.26 -8.47 2.23
CA ARG A 80 -11.07 -7.04 2.04
C ARG A 80 -10.68 -6.72 0.61
N PHE A 81 -10.86 -7.70 -0.28
CA PHE A 81 -10.53 -7.53 -1.68
C PHE A 81 -11.61 -8.13 -2.57
N ASP A 82 -12.25 -7.28 -3.36
CA ASP A 82 -13.31 -7.72 -4.27
C ASP A 82 -12.74 -8.09 -5.63
N ARG A 83 -11.85 -7.25 -6.14
CA ARG A 83 -11.23 -7.49 -7.44
C ARG A 83 -9.85 -8.10 -7.28
N PRO A 84 -9.35 -8.73 -8.35
CA PRO A 84 -8.02 -9.36 -8.36
C PRO A 84 -6.90 -8.35 -8.32
N PRO A 85 -5.87 -8.64 -7.50
CA PRO A 85 -4.71 -7.76 -7.35
C PRO A 85 -3.83 -7.74 -8.61
N ALA A 86 -3.07 -6.67 -8.77
CA ALA A 86 -2.18 -6.52 -9.92
C ALA A 86 -0.90 -7.32 -9.73
N ARG A 87 -1.05 -8.62 -9.51
CA ARG A 87 0.11 -9.49 -9.31
C ARG A 87 0.33 -10.37 -10.53
N ARG A 88 -0.65 -11.21 -10.86
CA ARG A 88 -0.57 -12.11 -11.99
C ARG A 88 -1.93 -12.28 -12.66
N LYS A 89 -1.92 -12.43 -13.98
CA LYS A 89 -3.16 -12.60 -14.73
C LYS A 89 -3.99 -13.74 -14.14
N LEU A 90 -3.33 -14.84 -13.78
CA LEU A 90 -4.01 -15.99 -13.21
C LEU A 90 -5.11 -16.50 -14.14
N LEU A 91 -4.73 -17.35 -15.08
CA LEU A 91 -5.68 -17.92 -16.03
C LEU A 91 -5.38 -19.39 -16.29
N GLU A 92 -4.11 -19.71 -16.49
CA GLU A 92 -3.69 -21.09 -16.73
C GLU A 92 -3.99 -21.98 -15.53
N VAL A 93 -3.99 -21.38 -14.35
CA VAL A 93 -4.26 -22.11 -13.12
C VAL A 93 -5.72 -22.00 -12.72
N LEU A 94 -6.22 -23.02 -12.04
CA LEU A 94 -7.61 -23.03 -11.59
C LEU A 94 -7.88 -24.22 -10.68
N PHE A 95 -9.04 -24.23 -10.04
CA PHE A 95 -9.42 -25.31 -9.14
C PHE A 95 -10.83 -25.09 -8.58
N ASN A 96 -11.80 -25.76 -9.19
CA ASN A 96 -13.19 -25.64 -8.76
C ASN A 96 -14.11 -26.54 -9.59
N GLY A 97 -13.67 -27.78 -9.79
CA GLY A 97 -14.45 -28.72 -10.57
C GLY A 97 -14.23 -30.15 -10.13
N PRO A 98 -13.07 -30.71 -10.47
CA PRO A 98 -12.71 -32.09 -10.12
C PRO A 98 -12.47 -32.27 -8.63
N LEU A 99 -12.04 -31.19 -7.97
CA LEU A 99 -11.78 -31.23 -6.55
C LEU A 99 -13.04 -30.92 -5.74
N GLU A 100 -13.37 -31.80 -4.81
CA GLU A 100 -14.56 -31.62 -3.98
C GLU A 100 -14.41 -30.38 -3.08
N HIS A 101 -13.27 -30.26 -2.44
CA HIS A 101 -13.00 -29.12 -1.56
C HIS A 101 -11.64 -29.26 -0.89
N MET A 1 0.30 -0.49 -9.15
CA MET A 1 -0.41 -0.72 -7.90
C MET A 1 -0.72 0.59 -7.20
N LYS A 2 -1.64 0.55 -6.24
CA LYS A 2 -2.03 1.73 -5.49
C LYS A 2 -1.70 1.57 -4.01
N VAL A 3 -1.28 2.67 -3.38
CA VAL A 3 -0.93 2.66 -1.96
C VAL A 3 -1.62 3.79 -1.21
N TYR A 4 -2.14 3.47 -0.03
CA TYR A 4 -2.82 4.46 0.79
C TYR A 4 -2.15 4.62 2.14
N VAL A 5 -1.60 5.82 2.39
CA VAL A 5 -0.92 6.10 3.65
C VAL A 5 -1.58 7.27 4.37
N GLY A 6 -2.34 6.96 5.41
CA GLY A 6 -3.01 7.99 6.18
C GLY A 6 -2.61 7.99 7.63
N ASN A 7 -3.43 8.60 8.48
CA ASN A 7 -3.15 8.67 9.91
C ASN A 7 -1.88 9.48 10.17
N LEU A 8 -1.92 10.76 9.82
CA LEU A 8 -0.78 11.65 10.02
C LEU A 8 -1.04 12.61 11.17
N GLY A 9 -0.61 12.23 12.37
CA GLY A 9 -0.81 13.07 13.54
C GLY A 9 -0.30 14.48 13.31
N THR A 10 0.99 14.61 13.02
CA THR A 10 1.60 15.91 12.79
C THR A 10 3.10 15.77 12.50
N GLY A 11 3.73 14.78 13.12
CA GLY A 11 5.15 14.56 12.92
C GLY A 11 5.43 13.44 11.93
N ALA A 12 4.37 12.76 11.50
CA ALA A 12 4.51 11.67 10.55
C ALA A 12 3.55 11.84 9.38
N GLY A 13 4.08 12.24 8.24
CA GLY A 13 3.25 12.43 7.06
C GLY A 13 4.02 12.27 5.76
N LYS A 14 4.04 13.31 4.95
CA LYS A 14 4.76 13.27 3.67
C LYS A 14 6.19 12.80 3.86
N GLY A 15 6.89 13.40 4.83
CA GLY A 15 8.27 13.02 5.09
C GLY A 15 8.38 11.60 5.60
N GLU A 16 7.48 11.21 6.50
CA GLU A 16 7.49 9.88 7.06
C GLU A 16 7.29 8.83 5.99
N LEU A 17 6.17 8.91 5.28
CA LEU A 17 5.86 7.97 4.21
C LEU A 17 6.92 8.01 3.12
N GLU A 18 7.48 9.19 2.89
CA GLU A 18 8.50 9.37 1.87
C GLU A 18 9.75 8.55 2.21
N ARG A 19 10.21 8.66 3.45
CA ARG A 19 11.39 7.94 3.91
C ARG A 19 11.15 6.43 3.86
N ALA A 20 9.99 6.00 4.36
CA ALA A 20 9.64 4.59 4.38
C ALA A 20 9.54 4.03 2.96
N PHE A 21 8.62 4.57 2.18
CA PHE A 21 8.41 4.12 0.81
C PHE A 21 9.73 4.12 0.04
N SER A 22 10.43 5.25 0.07
CA SER A 22 11.71 5.38 -0.62
C SER A 22 12.68 4.30 -0.18
N TYR A 23 12.72 4.04 1.13
CA TYR A 23 13.61 3.03 1.68
C TYR A 23 13.35 1.67 1.04
N TYR A 24 12.08 1.30 0.95
CA TYR A 24 11.70 0.02 0.37
C TYR A 24 11.90 0.03 -1.15
N GLY A 25 11.64 1.19 -1.76
CA GLY A 25 11.80 1.32 -3.20
C GLY A 25 11.07 2.52 -3.75
N PRO A 26 11.56 3.05 -4.88
CA PRO A 26 10.96 4.22 -5.53
C PRO A 26 9.61 3.90 -6.18
N LEU A 27 8.58 4.64 -5.78
CA LEU A 27 7.25 4.43 -6.31
C LEU A 27 7.04 5.24 -7.59
N ARG A 28 5.82 5.18 -8.13
CA ARG A 28 5.48 5.90 -9.35
C ARG A 28 5.27 7.39 -9.05
N THR A 29 4.38 7.67 -8.11
CA THR A 29 4.08 9.05 -7.73
C THR A 29 3.41 9.11 -6.35
N VAL A 30 3.78 10.11 -5.57
CA VAL A 30 3.21 10.29 -4.24
C VAL A 30 2.49 11.63 -4.12
N TRP A 31 1.51 11.69 -3.22
CA TRP A 31 0.74 12.91 -3.02
C TRP A 31 0.06 12.90 -1.65
N ILE A 32 0.00 14.06 -1.01
CA ILE A 32 -0.64 14.18 0.30
C ILE A 32 -1.96 14.93 0.21
N ALA A 33 -2.88 14.60 1.11
CA ALA A 33 -4.19 15.24 1.12
C ALA A 33 -4.30 16.20 2.31
N ARG A 34 -4.22 17.50 2.03
CA ARG A 34 -4.32 18.52 3.06
C ARG A 34 -5.76 18.68 3.55
N ASN A 35 -6.70 18.34 2.68
CA ASN A 35 -8.12 18.44 3.01
C ASN A 35 -8.41 17.77 4.35
N PRO A 36 -8.14 16.46 4.44
CA PRO A 36 -8.36 15.67 5.66
C PRO A 36 -7.38 16.05 6.77
N PRO A 37 -7.65 15.55 7.99
CA PRO A 37 -6.80 15.82 9.15
C PRO A 37 -5.46 15.12 9.06
N GLY A 38 -5.38 14.07 8.25
CA GLY A 38 -4.15 13.33 8.08
C GLY A 38 -4.30 12.13 7.17
N PHE A 39 -4.42 12.40 5.87
CA PHE A 39 -4.58 11.33 4.88
C PHE A 39 -3.69 11.60 3.66
N ALA A 40 -2.91 10.58 3.29
CA ALA A 40 -2.03 10.70 2.14
C ALA A 40 -2.18 9.50 1.21
N PHE A 41 -1.99 9.74 -0.09
CA PHE A 41 -2.11 8.69 -1.09
C PHE A 41 -0.83 8.53 -1.89
N VAL A 42 -0.51 7.31 -2.27
CA VAL A 42 0.69 7.03 -3.04
C VAL A 42 0.42 6.01 -4.14
N GLU A 43 1.20 6.09 -5.21
CA GLU A 43 1.04 5.17 -6.34
C GLU A 43 2.34 4.43 -6.63
N PHE A 44 2.33 3.12 -6.45
CA PHE A 44 3.50 2.29 -6.69
C PHE A 44 3.46 1.67 -8.08
N GLU A 45 4.47 1.98 -8.89
CA GLU A 45 4.55 1.44 -10.25
C GLU A 45 4.75 -0.07 -10.23
N ASP A 46 5.24 -0.58 -9.10
CA ASP A 46 5.48 -2.01 -8.96
C ASP A 46 4.54 -2.61 -7.93
N PRO A 47 4.03 -3.83 -8.23
CA PRO A 47 3.11 -4.54 -7.35
C PRO A 47 3.79 -5.03 -6.07
N ARG A 48 4.92 -5.71 -6.24
CA ARG A 48 5.68 -6.23 -5.10
C ARG A 48 6.14 -5.10 -4.19
N ASP A 49 6.41 -3.94 -4.79
CA ASP A 49 6.87 -2.78 -4.04
C ASP A 49 5.75 -2.23 -3.15
N ALA A 50 4.52 -2.31 -3.64
CA ALA A 50 3.37 -1.82 -2.89
C ALA A 50 3.01 -2.78 -1.75
N GLU A 51 2.99 -4.07 -2.06
CA GLU A 51 2.66 -5.07 -1.05
C GLU A 51 3.72 -5.13 0.04
N ASP A 52 4.98 -5.01 -0.37
CA ASP A 52 6.10 -5.04 0.58
C ASP A 52 6.12 -3.78 1.43
N ALA A 53 6.09 -2.62 0.76
CA ALA A 53 6.12 -1.34 1.45
C ALA A 53 5.00 -1.26 2.49
N VAL A 54 3.78 -1.61 2.08
CA VAL A 54 2.63 -1.57 2.98
C VAL A 54 2.79 -2.59 4.11
N ARG A 55 3.05 -3.84 3.74
CA ARG A 55 3.22 -4.89 4.73
C ARG A 55 4.23 -4.49 5.81
N GLY A 56 5.32 -3.84 5.37
CA GLY A 56 6.35 -3.41 6.30
C GLY A 56 5.89 -2.23 7.15
N LEU A 57 5.59 -1.12 6.51
CA LEU A 57 5.15 0.08 7.21
C LEU A 57 4.01 -0.25 8.18
N ASP A 58 2.96 -0.86 7.65
CA ASP A 58 1.79 -1.22 8.45
C ASP A 58 2.15 -2.35 9.43
N GLY A 59 3.06 -3.22 9.01
CA GLY A 59 3.47 -4.33 9.85
C GLY A 59 4.34 -3.88 11.02
N LYS A 60 4.88 -2.68 10.91
CA LYS A 60 5.74 -2.13 11.96
C LYS A 60 5.92 -0.63 11.79
N VAL A 61 5.61 0.13 12.84
CA VAL A 61 5.74 1.58 12.81
C VAL A 61 7.10 1.99 12.27
N ILE A 62 7.21 3.26 11.86
CA ILE A 62 8.45 3.78 11.32
C ILE A 62 8.97 4.94 12.16
N CYS A 63 10.20 4.81 12.65
CA CYS A 63 10.82 5.85 13.47
C CYS A 63 9.86 6.32 14.56
N GLY A 64 9.09 5.39 15.11
CA GLY A 64 8.15 5.72 16.16
C GLY A 64 6.89 6.37 15.61
N SER A 65 6.48 5.98 14.41
CA SER A 65 5.30 6.53 13.77
C SER A 65 4.36 5.42 13.33
N ARG A 66 3.30 5.20 14.11
CA ARG A 66 2.31 4.17 13.80
C ARG A 66 1.37 4.64 12.70
N VAL A 67 1.93 4.98 11.54
CA VAL A 67 1.14 5.44 10.41
C VAL A 67 0.22 4.34 9.90
N ARG A 68 -0.78 4.73 9.11
CA ARG A 68 -1.73 3.78 8.56
C ARG A 68 -1.48 3.56 7.07
N VAL A 69 -0.89 2.42 6.73
CA VAL A 69 -0.58 2.09 5.34
C VAL A 69 -1.37 0.86 4.88
N GLU A 70 -1.97 0.96 3.72
CA GLU A 70 -2.75 -0.14 3.16
C GLU A 70 -2.81 -0.06 1.64
N LEU A 71 -3.16 -1.18 1.00
CA LEU A 71 -3.26 -1.23 -0.44
C LEU A 71 -4.70 -1.40 -0.89
N SER A 72 -5.14 -0.57 -1.83
CA SER A 72 -6.50 -0.63 -2.34
C SER A 72 -6.69 -1.82 -3.27
N THR A 73 -5.72 -2.02 -4.17
CA THR A 73 -5.78 -3.12 -5.12
C THR A 73 -4.72 -4.16 -4.81
N GLY A 74 -4.80 -5.31 -5.48
CA GLY A 74 -3.83 -6.37 -5.26
C GLY A 74 -4.33 -7.41 -4.28
N MET A 75 -5.65 -7.53 -4.16
CA MET A 75 -6.25 -8.50 -3.24
C MET A 75 -7.12 -9.50 -4.00
N PRO A 76 -6.49 -10.59 -4.47
CA PRO A 76 -7.18 -11.64 -5.22
C PRO A 76 -8.13 -12.45 -4.34
N ARG A 77 -9.41 -12.42 -4.68
CA ARG A 77 -10.42 -13.15 -3.92
C ARG A 77 -11.49 -13.72 -4.84
N ARG A 78 -12.43 -14.48 -4.26
CA ARG A 78 -13.50 -15.08 -5.04
C ARG A 78 -14.72 -14.16 -5.09
N SER A 79 -15.05 -13.55 -3.95
CA SER A 79 -16.19 -12.66 -3.86
C SER A 79 -15.78 -11.31 -3.26
N ARG A 80 -16.77 -10.44 -3.06
CA ARG A 80 -16.51 -9.12 -2.50
C ARG A 80 -15.60 -8.30 -3.41
N PHE A 81 -15.49 -8.75 -4.66
CA PHE A 81 -14.65 -8.05 -5.63
C PHE A 81 -15.36 -7.94 -6.98
N ASP A 82 -15.55 -6.72 -7.45
CA ASP A 82 -16.21 -6.47 -8.72
C ASP A 82 -15.19 -6.44 -9.87
N ARG A 83 -14.09 -5.75 -9.64
CA ARG A 83 -13.04 -5.63 -10.66
C ARG A 83 -11.85 -6.53 -10.32
N PRO A 84 -11.03 -6.83 -11.33
CA PRO A 84 -9.84 -7.68 -11.16
C PRO A 84 -8.76 -7.01 -10.33
N PRO A 85 -8.07 -7.81 -9.50
CA PRO A 85 -6.99 -7.30 -8.64
C PRO A 85 -5.76 -6.90 -9.43
N ALA A 86 -4.94 -6.02 -8.86
CA ALA A 86 -3.73 -5.56 -9.51
C ALA A 86 -2.58 -6.54 -9.30
N ARG A 87 -2.81 -7.80 -9.67
CA ARG A 87 -1.79 -8.84 -9.51
C ARG A 87 -1.17 -9.19 -10.87
N ARG A 88 -1.92 -8.96 -11.94
CA ARG A 88 -1.43 -9.25 -13.28
C ARG A 88 -1.07 -10.73 -13.41
N LYS A 89 -2.02 -11.52 -13.91
CA LYS A 89 -1.80 -12.94 -14.09
C LYS A 89 -1.01 -13.22 -15.37
N LEU A 90 -0.45 -14.41 -15.46
CA LEU A 90 0.33 -14.80 -16.63
C LEU A 90 0.37 -16.32 -16.79
N LEU A 91 -0.64 -16.99 -16.26
CA LEU A 91 -0.73 -18.44 -16.34
C LEU A 91 0.23 -19.10 -15.35
N GLU A 92 1.01 -18.27 -14.66
CA GLU A 92 1.97 -18.78 -13.69
C GLU A 92 1.39 -18.71 -12.27
N VAL A 93 0.55 -17.71 -12.03
CA VAL A 93 -0.07 -17.53 -10.73
C VAL A 93 -1.47 -18.15 -10.69
N LEU A 94 -1.88 -18.58 -9.51
CA LEU A 94 -3.19 -19.18 -9.33
C LEU A 94 -3.55 -19.32 -7.86
N PHE A 95 -4.84 -19.33 -7.56
CA PHE A 95 -5.30 -19.44 -6.19
C PHE A 95 -6.30 -20.60 -6.05
N ASN A 96 -6.00 -21.53 -5.15
CA ASN A 96 -6.86 -22.68 -4.92
C ASN A 96 -7.03 -22.94 -3.43
N GLY A 97 -6.98 -21.88 -2.63
CA GLY A 97 -7.13 -22.01 -1.19
C GLY A 97 -5.92 -22.63 -0.55
N PRO A 98 -4.80 -21.89 -0.55
CA PRO A 98 -3.53 -22.36 0.05
C PRO A 98 -3.60 -22.42 1.57
N LEU A 99 -4.36 -21.50 2.16
CA LEU A 99 -4.51 -21.45 3.61
C LEU A 99 -5.43 -22.56 4.10
N GLU A 100 -5.14 -23.09 5.29
CA GLU A 100 -5.94 -24.16 5.86
C GLU A 100 -7.08 -23.58 6.71
N HIS A 101 -7.25 -22.26 6.64
CA HIS A 101 -8.31 -21.59 7.39
C HIS A 101 -8.08 -21.74 8.89
N MET A 1 0.70 -1.43 -6.84
CA MET A 1 -0.60 -1.08 -6.28
C MET A 1 -0.62 0.38 -5.84
N LYS A 2 -1.67 0.76 -5.11
CA LYS A 2 -1.81 2.12 -4.63
C LYS A 2 -1.63 2.19 -3.11
N VAL A 3 -1.04 3.28 -2.64
CA VAL A 3 -0.80 3.46 -1.21
C VAL A 3 -1.53 4.70 -0.70
N TYR A 4 -1.98 4.64 0.56
CA TYR A 4 -2.69 5.76 1.17
C TYR A 4 -2.09 6.10 2.53
N VAL A 5 -1.41 7.24 2.60
CA VAL A 5 -0.80 7.69 3.85
C VAL A 5 -1.56 8.86 4.45
N GLY A 6 -2.33 8.58 5.49
CA GLY A 6 -3.10 9.63 6.14
C GLY A 6 -2.59 9.95 7.52
N ASN A 7 -3.27 10.87 8.21
CA ASN A 7 -2.87 11.27 9.55
C ASN A 7 -1.50 11.94 9.54
N LEU A 8 -1.46 13.16 9.03
CA LEU A 8 -0.21 13.92 8.96
C LEU A 8 -0.29 15.19 9.80
N GLY A 9 -0.15 15.05 11.11
CA GLY A 9 -0.22 16.19 11.99
C GLY A 9 0.74 16.07 13.17
N THR A 10 1.96 15.64 12.89
CA THR A 10 2.97 15.47 13.94
C THR A 10 4.37 15.69 13.39
N GLY A 11 4.49 16.56 12.40
CA GLY A 11 5.78 16.84 11.80
C GLY A 11 6.14 15.84 10.72
N ALA A 12 5.14 15.16 10.18
CA ALA A 12 5.37 14.17 9.14
C ALA A 12 4.44 14.40 7.95
N GLY A 13 4.99 14.93 6.87
CA GLY A 13 4.20 15.20 5.68
C GLY A 13 4.78 14.56 4.44
N LYS A 14 4.92 15.36 3.38
CA LYS A 14 5.47 14.88 2.12
C LYS A 14 6.92 14.44 2.29
N GLY A 15 7.70 15.27 2.99
CA GLY A 15 9.10 14.96 3.21
C GLY A 15 9.29 13.70 4.06
N GLU A 16 8.53 13.60 5.14
CA GLU A 16 8.62 12.45 6.03
C GLU A 16 8.27 11.17 5.29
N LEU A 17 7.07 11.13 4.71
CA LEU A 17 6.62 9.96 3.98
C LEU A 17 7.54 9.66 2.81
N GLU A 18 8.10 10.70 2.21
CA GLU A 18 9.01 10.55 1.08
C GLU A 18 10.25 9.76 1.48
N ARG A 19 10.89 10.19 2.57
CA ARG A 19 12.09 9.52 3.06
C ARG A 19 11.78 8.09 3.48
N ALA A 20 10.66 7.90 4.17
CA ALA A 20 10.25 6.58 4.63
C ALA A 20 9.98 5.65 3.45
N PHE A 21 8.96 5.98 2.66
CA PHE A 21 8.60 5.18 1.50
C PHE A 21 9.82 4.89 0.64
N SER A 22 10.54 5.94 0.27
CA SER A 22 11.73 5.79 -0.56
C SER A 22 12.73 4.83 0.07
N TYR A 23 12.91 4.96 1.39
CA TYR A 23 13.83 4.11 2.11
C TYR A 23 13.47 2.63 1.94
N TYR A 24 12.19 2.33 2.07
CA TYR A 24 11.72 0.96 1.93
C TYR A 24 11.71 0.54 0.46
N GLY A 25 11.54 1.51 -0.43
CA GLY A 25 11.51 1.22 -1.85
C GLY A 25 10.97 2.37 -2.68
N PRO A 26 11.55 2.59 -3.86
CA PRO A 26 11.13 3.66 -4.77
C PRO A 26 9.76 3.41 -5.37
N LEU A 27 8.83 4.32 -5.11
CA LEU A 27 7.46 4.20 -5.63
C LEU A 27 7.35 4.84 -7.00
N ARG A 28 6.14 4.83 -7.56
CA ARG A 28 5.90 5.42 -8.88
C ARG A 28 5.74 6.94 -8.78
N THR A 29 4.83 7.37 -7.91
CA THR A 29 4.57 8.79 -7.73
C THR A 29 3.80 9.04 -6.44
N VAL A 30 4.23 10.04 -5.67
CA VAL A 30 3.58 10.39 -4.42
C VAL A 30 2.83 11.71 -4.54
N TRP A 31 1.89 11.93 -3.62
CA TRP A 31 1.10 13.17 -3.63
C TRP A 31 0.44 13.39 -2.27
N ILE A 32 0.06 14.63 -2.01
CA ILE A 32 -0.59 14.98 -0.75
C ILE A 32 -1.95 15.62 -0.98
N ALA A 33 -2.85 15.47 -0.01
CA ALA A 33 -4.18 16.03 -0.10
C ALA A 33 -4.34 17.24 0.81
N ARG A 34 -4.34 18.43 0.22
CA ARG A 34 -4.49 19.65 1.00
C ARG A 34 -5.92 19.83 1.49
N ASN A 35 -6.86 19.24 0.76
CA ASN A 35 -8.27 19.33 1.12
C ASN A 35 -8.48 18.96 2.58
N PRO A 36 -8.14 17.71 2.93
CA PRO A 36 -8.28 17.20 4.30
C PRO A 36 -7.29 17.84 5.26
N PRO A 37 -7.50 17.62 6.57
CA PRO A 37 -6.64 18.18 7.62
C PRO A 37 -5.27 17.53 7.64
N GLY A 38 -5.20 16.28 7.15
CA GLY A 38 -3.93 15.57 7.13
C GLY A 38 -4.04 14.23 6.43
N PHE A 39 -4.16 14.26 5.10
CA PHE A 39 -4.27 13.04 4.32
C PHE A 39 -3.40 13.12 3.06
N ALA A 40 -2.70 12.03 2.78
CA ALA A 40 -1.83 11.98 1.60
C ALA A 40 -2.00 10.65 0.86
N PHE A 41 -1.73 10.66 -0.44
CA PHE A 41 -1.85 9.47 -1.26
C PHE A 41 -0.55 9.19 -2.01
N VAL A 42 -0.24 7.91 -2.20
CA VAL A 42 0.97 7.51 -2.89
C VAL A 42 0.68 6.40 -3.91
N GLU A 43 1.49 6.35 -4.96
CA GLU A 43 1.32 5.34 -6.00
C GLU A 43 2.57 4.47 -6.13
N PHE A 44 2.42 3.19 -5.82
CA PHE A 44 3.54 2.25 -5.90
C PHE A 44 3.50 1.47 -7.21
N GLU A 45 4.56 1.60 -8.01
CA GLU A 45 4.64 0.91 -9.30
C GLU A 45 4.47 -0.59 -9.11
N ASP A 46 4.87 -1.09 -7.94
CA ASP A 46 4.76 -2.52 -7.64
C ASP A 46 4.06 -2.73 -6.31
N PRO A 47 3.32 -3.86 -6.20
CA PRO A 47 2.59 -4.21 -4.98
C PRO A 47 3.52 -4.58 -3.83
N ARG A 48 4.51 -5.42 -4.12
CA ARG A 48 5.46 -5.85 -3.11
C ARG A 48 6.03 -4.66 -2.35
N ASP A 49 6.43 -3.62 -3.08
CA ASP A 49 6.98 -2.42 -2.48
C ASP A 49 5.98 -1.77 -1.52
N ALA A 50 4.70 -1.84 -1.88
CA ALA A 50 3.65 -1.27 -1.06
C ALA A 50 3.40 -2.12 0.18
N GLU A 51 3.40 -3.44 0.01
CA GLU A 51 3.17 -4.36 1.10
C GLU A 51 4.23 -4.18 2.20
N ASP A 52 5.49 -4.07 1.78
CA ASP A 52 6.59 -3.90 2.72
C ASP A 52 6.56 -2.50 3.34
N ALA A 53 6.42 -1.49 2.49
CA ALA A 53 6.37 -0.10 2.95
C ALA A 53 5.23 0.10 3.95
N VAL A 54 4.03 -0.31 3.55
CA VAL A 54 2.85 -0.17 4.41
C VAL A 54 3.02 -0.95 5.71
N ARG A 55 3.42 -2.21 5.57
CA ARG A 55 3.63 -3.08 6.73
C ARG A 55 4.55 -2.42 7.75
N GLY A 56 5.62 -1.81 7.25
CA GLY A 56 6.57 -1.15 8.14
C GLY A 56 6.08 0.20 8.61
N LEU A 57 5.88 1.13 7.67
CA LEU A 57 5.41 2.46 8.00
C LEU A 57 4.24 2.40 8.99
N ASP A 58 3.27 1.56 8.69
CA ASP A 58 2.10 1.40 9.55
C ASP A 58 2.41 0.48 10.73
N GLY A 59 3.28 -0.49 10.50
CA GLY A 59 3.65 -1.42 11.54
C GLY A 59 4.07 -0.72 12.82
N LYS A 60 4.93 0.30 12.69
CA LYS A 60 5.41 1.05 13.84
C LYS A 60 5.63 2.51 13.47
N VAL A 61 6.32 3.23 14.34
CA VAL A 61 6.61 4.64 14.11
C VAL A 61 7.94 4.82 13.36
N ILE A 62 7.96 5.76 12.43
CA ILE A 62 9.16 6.02 11.65
C ILE A 62 9.68 7.43 11.91
N CYS A 63 10.92 7.51 12.39
CA CYS A 63 11.54 8.81 12.69
C CYS A 63 10.60 9.69 13.50
N GLY A 64 10.02 9.12 14.56
CA GLY A 64 9.11 9.86 15.40
C GLY A 64 7.85 10.28 14.66
N SER A 65 7.45 9.48 13.68
CA SER A 65 6.26 9.77 12.88
C SER A 65 5.32 8.56 12.87
N ARG A 66 4.30 8.60 13.71
CA ARG A 66 3.33 7.51 13.79
C ARG A 66 2.21 7.72 12.77
N VAL A 67 2.58 7.99 11.53
CA VAL A 67 1.61 8.21 10.47
C VAL A 67 0.79 6.94 10.21
N ARG A 68 -0.39 7.11 9.62
CA ARG A 68 -1.27 6.00 9.32
C ARG A 68 -1.30 5.72 7.82
N VAL A 69 -0.60 4.67 7.39
CA VAL A 69 -0.55 4.31 5.98
C VAL A 69 -1.24 2.96 5.75
N GLU A 70 -1.94 2.86 4.62
CA GLU A 70 -2.64 1.63 4.27
C GLU A 70 -2.68 1.43 2.76
N LEU A 71 -3.01 0.22 2.33
CA LEU A 71 -3.07 -0.10 0.91
C LEU A 71 -4.52 -0.30 0.47
N SER A 72 -4.89 0.38 -0.62
CA SER A 72 -6.25 0.28 -1.15
C SER A 72 -6.46 -1.05 -1.84
N THR A 73 -5.57 -1.37 -2.78
CA THR A 73 -5.66 -2.62 -3.53
C THR A 73 -4.54 -3.58 -3.14
N GLY A 74 -4.63 -4.81 -3.62
CA GLY A 74 -3.62 -5.81 -3.31
C GLY A 74 -3.99 -6.68 -2.14
N MET A 75 -5.29 -6.81 -1.89
CA MET A 75 -5.77 -7.63 -0.78
C MET A 75 -6.57 -8.83 -1.29
N PRO A 76 -5.86 -9.92 -1.58
CA PRO A 76 -6.47 -11.16 -2.08
C PRO A 76 -7.31 -11.86 -1.02
N ARG A 77 -8.60 -12.01 -1.30
CA ARG A 77 -9.51 -12.67 -0.36
C ARG A 77 -10.55 -13.51 -1.11
N ARG A 78 -11.37 -14.22 -0.36
CA ARG A 78 -12.41 -15.08 -0.95
C ARG A 78 -13.72 -14.31 -1.09
N SER A 79 -14.06 -13.54 -0.07
CA SER A 79 -15.30 -12.76 -0.08
C SER A 79 -15.01 -11.29 0.24
N ARG A 80 -16.07 -10.51 0.35
CA ARG A 80 -15.95 -9.09 0.65
C ARG A 80 -15.16 -8.37 -0.44
N PHE A 81 -15.05 -9.01 -1.60
CA PHE A 81 -14.32 -8.43 -2.73
C PHE A 81 -15.10 -8.64 -4.03
N ASP A 82 -15.42 -7.53 -4.69
CA ASP A 82 -16.16 -7.58 -5.95
C ASP A 82 -15.20 -7.66 -7.13
N ARG A 83 -14.15 -6.85 -7.09
CA ARG A 83 -13.16 -6.81 -8.17
C ARG A 83 -11.87 -7.52 -7.73
N PRO A 84 -11.06 -7.91 -8.73
CA PRO A 84 -9.79 -8.61 -8.48
C PRO A 84 -8.75 -7.70 -7.85
N PRO A 85 -7.94 -8.26 -6.93
CA PRO A 85 -6.90 -7.52 -6.23
C PRO A 85 -5.74 -7.15 -7.14
N ALA A 86 -5.00 -6.10 -6.78
CA ALA A 86 -3.87 -5.65 -7.57
C ALA A 86 -2.60 -6.43 -7.21
N ARG A 87 -2.70 -7.75 -7.24
CA ARG A 87 -1.56 -8.61 -6.91
C ARG A 87 -0.79 -9.01 -8.17
N ARG A 88 -1.48 -8.95 -9.30
CA ARG A 88 -0.86 -9.30 -10.58
C ARG A 88 -0.34 -10.74 -10.55
N LYS A 89 -1.22 -11.69 -10.22
CA LYS A 89 -0.84 -13.09 -10.16
C LYS A 89 -0.82 -13.71 -11.55
N LEU A 90 -0.68 -15.02 -11.61
CA LEU A 90 -0.63 -15.74 -12.88
C LEU A 90 -1.87 -15.45 -13.71
N LEU A 91 -2.98 -16.06 -13.33
CA LEU A 91 -4.25 -15.88 -14.04
C LEU A 91 -4.26 -16.64 -15.36
N GLU A 92 -3.12 -17.27 -15.68
CA GLU A 92 -3.00 -18.04 -16.91
C GLU A 92 -3.24 -19.52 -16.65
N VAL A 93 -2.99 -19.96 -15.42
CA VAL A 93 -3.18 -21.34 -15.04
C VAL A 93 -4.54 -21.55 -14.39
N LEU A 94 -5.08 -22.76 -14.55
CA LEU A 94 -6.38 -23.10 -13.97
C LEU A 94 -6.52 -24.61 -13.80
N PHE A 95 -6.96 -25.02 -12.61
CA PHE A 95 -7.14 -26.44 -12.31
C PHE A 95 -8.63 -26.79 -12.28
N ASN A 96 -9.03 -27.74 -13.12
CA ASN A 96 -10.42 -28.17 -13.18
C ASN A 96 -10.60 -29.52 -12.49
N GLY A 97 -9.76 -29.79 -11.50
CA GLY A 97 -9.84 -31.04 -10.77
C GLY A 97 -9.54 -32.24 -11.65
N PRO A 98 -8.28 -32.35 -12.10
CA PRO A 98 -7.84 -33.46 -12.95
C PRO A 98 -7.79 -34.78 -12.20
N LEU A 99 -7.72 -34.71 -10.88
CA LEU A 99 -7.67 -35.91 -10.06
C LEU A 99 -8.95 -36.07 -9.25
N GLU A 100 -9.14 -37.25 -8.67
CA GLU A 100 -10.34 -37.53 -7.88
C GLU A 100 -10.10 -37.20 -6.42
N HIS A 101 -8.96 -36.56 -6.14
CA HIS A 101 -8.61 -36.19 -4.76
C HIS A 101 -8.56 -37.41 -3.85
N MET A 1 2.24 0.67 -8.52
CA MET A 1 0.84 0.80 -8.11
C MET A 1 0.63 2.10 -7.34
N LYS A 2 -0.62 2.40 -7.02
CA LYS A 2 -0.96 3.60 -6.28
C LYS A 2 -0.88 3.36 -4.78
N VAL A 3 -0.44 4.38 -4.04
CA VAL A 3 -0.32 4.28 -2.59
C VAL A 3 -1.04 5.42 -1.90
N TYR A 4 -1.57 5.14 -0.70
CA TYR A 4 -2.29 6.14 0.07
C TYR A 4 -1.94 6.05 1.55
N VAL A 5 -1.30 7.10 2.07
CA VAL A 5 -0.91 7.13 3.47
C VAL A 5 -1.75 8.15 4.25
N GLY A 6 -2.70 7.65 5.04
CA GLY A 6 -3.55 8.52 5.82
C GLY A 6 -3.26 8.43 7.30
N ASN A 7 -4.14 9.04 8.10
CA ASN A 7 -3.97 9.02 9.56
C ASN A 7 -2.72 9.79 9.96
N LEU A 8 -2.81 11.12 9.90
CA LEU A 8 -1.69 11.98 10.28
C LEU A 8 -1.90 12.60 11.65
N GLY A 9 -1.11 13.62 11.96
CA GLY A 9 -1.23 14.29 13.25
C GLY A 9 -0.14 15.32 13.48
N THR A 10 -0.12 16.33 12.63
CA THR A 10 0.89 17.39 12.73
C THR A 10 2.23 16.83 13.19
N GLY A 11 2.84 16.01 12.34
CA GLY A 11 4.13 15.42 12.67
C GLY A 11 4.44 14.20 11.83
N ALA A 12 3.40 13.57 11.28
CA ALA A 12 3.56 12.38 10.45
C ALA A 12 2.82 12.53 9.14
N GLY A 13 3.57 12.79 8.07
CA GLY A 13 2.96 12.94 6.76
C GLY A 13 3.96 12.82 5.63
N LYS A 14 4.11 13.89 4.85
CA LYS A 14 5.05 13.90 3.73
C LYS A 14 6.43 13.45 4.18
N GLY A 15 6.92 14.06 5.27
CA GLY A 15 8.23 13.70 5.78
C GLY A 15 8.30 12.27 6.26
N GLU A 16 7.31 11.85 7.05
CA GLU A 16 7.26 10.50 7.57
C GLU A 16 7.22 9.48 6.45
N LEU A 17 6.19 9.57 5.61
CA LEU A 17 6.04 8.65 4.49
C LEU A 17 7.25 8.68 3.57
N GLU A 18 7.85 9.88 3.43
CA GLU A 18 9.02 10.04 2.59
C GLU A 18 10.16 9.15 3.06
N ARG A 19 10.56 9.32 4.32
CA ARG A 19 11.64 8.54 4.90
C ARG A 19 11.35 7.05 4.78
N ALA A 20 10.14 6.65 5.15
CA ALA A 20 9.73 5.25 5.09
C ALA A 20 9.76 4.73 3.66
N PHE A 21 8.89 5.28 2.82
CA PHE A 21 8.82 4.87 1.42
C PHE A 21 10.21 4.83 0.79
N SER A 22 10.97 5.91 0.98
CA SER A 22 12.31 6.00 0.43
C SER A 22 13.17 4.85 0.91
N TYR A 23 13.05 4.51 2.19
CA TYR A 23 13.82 3.43 2.78
C TYR A 23 13.51 2.10 2.08
N TYR A 24 12.23 1.89 1.78
CA TYR A 24 11.80 0.66 1.13
C TYR A 24 12.17 0.68 -0.35
N GLY A 25 12.12 1.86 -0.95
CA GLY A 25 12.44 2.00 -2.35
C GLY A 25 12.05 3.35 -2.92
N PRO A 26 12.71 3.75 -4.03
CA PRO A 26 12.44 5.03 -4.68
C PRO A 26 11.07 5.06 -5.36
N LEU A 27 10.20 5.96 -4.91
CA LEU A 27 8.87 6.08 -5.48
C LEU A 27 8.88 7.03 -6.68
N ARG A 28 7.70 7.25 -7.26
CA ARG A 28 7.57 8.13 -8.41
C ARG A 28 7.22 9.55 -7.97
N THR A 29 6.12 9.68 -7.25
CA THR A 29 5.68 10.99 -6.77
C THR A 29 4.98 10.87 -5.41
N VAL A 30 4.81 12.00 -4.74
CA VAL A 30 4.16 12.02 -3.44
C VAL A 30 3.47 13.36 -3.19
N TRP A 31 2.30 13.31 -2.57
CA TRP A 31 1.54 14.53 -2.26
C TRP A 31 0.63 14.31 -1.07
N ILE A 32 0.47 15.36 -0.25
CA ILE A 32 -0.37 15.28 0.93
C ILE A 32 -1.67 16.07 0.73
N ALA A 33 -2.71 15.68 1.45
CA ALA A 33 -4.00 16.37 1.36
C ALA A 33 -4.26 17.21 2.60
N ARG A 34 -4.11 18.53 2.44
CA ARG A 34 -4.33 19.45 3.56
C ARG A 34 -5.82 19.61 3.84
N ASN A 35 -6.64 19.44 2.81
CA ASN A 35 -8.09 19.57 2.95
C ASN A 35 -8.59 18.76 4.13
N PRO A 36 -8.37 17.44 4.09
CA PRO A 36 -8.79 16.53 5.16
C PRO A 36 -7.99 16.72 6.44
N PRO A 37 -8.44 16.08 7.53
CA PRO A 37 -7.78 16.17 8.83
C PRO A 37 -6.44 15.43 8.85
N GLY A 38 -6.36 14.34 8.10
CA GLY A 38 -5.14 13.57 8.04
C GLY A 38 -5.18 12.50 6.97
N PHE A 39 -4.91 12.90 5.73
CA PHE A 39 -4.92 11.98 4.60
C PHE A 39 -3.88 12.37 3.57
N ALA A 40 -3.01 11.43 3.21
CA ALA A 40 -1.97 11.68 2.21
C ALA A 40 -1.95 10.59 1.15
N PHE A 41 -1.43 10.93 -0.02
CA PHE A 41 -1.35 9.98 -1.13
C PHE A 41 0.06 9.91 -1.69
N VAL A 42 0.47 8.73 -2.14
CA VAL A 42 1.80 8.54 -2.70
C VAL A 42 1.75 7.62 -3.92
N GLU A 43 2.70 7.81 -4.84
CA GLU A 43 2.76 7.00 -6.04
C GLU A 43 4.13 6.34 -6.19
N PHE A 44 4.13 5.02 -6.22
CA PHE A 44 5.38 4.26 -6.35
C PHE A 44 5.62 3.87 -7.81
N GLU A 45 6.77 4.29 -8.34
CA GLU A 45 7.13 3.99 -9.72
C GLU A 45 7.00 2.49 -10.00
N ASP A 46 7.28 1.68 -8.98
CA ASP A 46 7.20 0.24 -9.11
C ASP A 46 6.04 -0.32 -8.28
N PRO A 47 5.39 -1.37 -8.80
CA PRO A 47 4.27 -2.03 -8.12
C PRO A 47 4.71 -2.78 -6.87
N ARG A 48 5.74 -3.60 -7.01
CA ARG A 48 6.25 -4.39 -5.90
C ARG A 48 6.72 -3.48 -4.77
N ASP A 49 7.27 -2.33 -5.13
CA ASP A 49 7.77 -1.37 -4.15
C ASP A 49 6.61 -0.78 -3.35
N ALA A 50 5.48 -0.57 -4.01
CA ALA A 50 4.30 -0.01 -3.36
C ALA A 50 3.66 -1.01 -2.42
N GLU A 51 3.51 -2.25 -2.89
CA GLU A 51 2.91 -3.30 -2.08
C GLU A 51 3.74 -3.56 -0.82
N ASP A 52 5.05 -3.71 -1.00
CA ASP A 52 5.96 -3.96 0.11
C ASP A 52 6.02 -2.75 1.04
N ALA A 53 6.07 -1.56 0.46
CA ALA A 53 6.14 -0.33 1.23
C ALA A 53 4.97 -0.23 2.21
N VAL A 54 3.77 -0.46 1.71
CA VAL A 54 2.56 -0.41 2.53
C VAL A 54 2.56 -1.52 3.58
N ARG A 55 2.84 -2.74 3.13
CA ARG A 55 2.86 -3.89 4.03
C ARG A 55 3.73 -3.60 5.26
N GLY A 56 4.89 -3.01 5.03
CA GLY A 56 5.79 -2.70 6.13
C GLY A 56 5.38 -1.43 6.87
N LEU A 57 5.09 -0.38 6.11
CA LEU A 57 4.68 0.88 6.70
C LEU A 57 3.56 0.68 7.72
N ASP A 58 2.53 -0.04 7.31
CA ASP A 58 1.40 -0.31 8.19
C ASP A 58 1.66 -1.55 9.05
N GLY A 59 2.52 -2.44 8.55
CA GLY A 59 2.84 -3.65 9.27
C GLY A 59 3.72 -3.40 10.48
N LYS A 60 4.34 -2.22 10.52
CA LYS A 60 5.21 -1.84 11.62
C LYS A 60 5.41 -0.33 11.67
N VAL A 61 5.16 0.25 12.83
CA VAL A 61 5.31 1.69 13.01
C VAL A 61 6.66 2.18 12.46
N ILE A 62 6.65 3.36 11.87
CA ILE A 62 7.87 3.94 11.31
C ILE A 62 8.27 5.21 12.05
N CYS A 63 9.41 5.16 12.72
CA CYS A 63 9.90 6.31 13.46
C CYS A 63 8.82 6.89 14.36
N GLY A 64 8.20 6.03 15.16
CA GLY A 64 7.14 6.47 16.05
C GLY A 64 5.94 7.02 15.30
N SER A 65 5.73 6.52 14.09
CA SER A 65 4.60 6.96 13.26
C SER A 65 3.77 5.77 12.79
N ARG A 66 2.71 5.47 13.53
CA ARG A 66 1.83 4.36 13.19
C ARG A 66 0.75 4.80 12.22
N VAL A 67 1.15 5.47 11.14
CA VAL A 67 0.22 5.95 10.14
C VAL A 67 -0.51 4.80 9.47
N ARG A 68 -1.61 5.10 8.79
CA ARG A 68 -2.40 4.08 8.11
C ARG A 68 -2.26 4.21 6.60
N VAL A 69 -1.48 3.30 6.01
CA VAL A 69 -1.25 3.30 4.58
C VAL A 69 -1.97 2.13 3.90
N GLU A 70 -2.48 2.37 2.69
CA GLU A 70 -3.18 1.34 1.95
C GLU A 70 -2.84 1.41 0.46
N LEU A 71 -3.19 0.36 -0.27
CA LEU A 71 -2.91 0.30 -1.70
C LEU A 71 -4.20 0.45 -2.50
N SER A 72 -4.30 1.54 -3.25
CA SER A 72 -5.48 1.80 -4.07
C SER A 72 -5.69 0.70 -5.10
N THR A 73 -4.60 0.05 -5.49
CA THR A 73 -4.66 -1.03 -6.47
C THR A 73 -3.65 -2.13 -6.14
N GLY A 74 -4.09 -3.38 -6.22
CA GLY A 74 -3.21 -4.49 -5.92
C GLY A 74 -3.35 -4.98 -4.50
N MET A 75 -4.49 -4.71 -3.88
CA MET A 75 -4.74 -5.12 -2.51
C MET A 75 -6.10 -5.82 -2.40
N PRO A 76 -6.11 -7.14 -2.65
CA PRO A 76 -7.33 -7.95 -2.58
C PRO A 76 -7.83 -8.13 -1.15
N ARG A 77 -9.05 -7.67 -0.89
CA ARG A 77 -9.63 -7.78 0.44
C ARG A 77 -10.96 -8.51 0.38
N ARG A 78 -11.56 -8.73 1.55
CA ARG A 78 -12.84 -9.43 1.64
C ARG A 78 -14.01 -8.44 1.51
N SER A 79 -13.69 -7.16 1.54
CA SER A 79 -14.71 -6.12 1.43
C SER A 79 -15.33 -6.11 0.04
N ARG A 80 -16.45 -5.40 -0.09
CA ARG A 80 -17.15 -5.32 -1.37
C ARG A 80 -16.48 -4.29 -2.29
N PHE A 81 -15.18 -4.44 -2.48
CA PHE A 81 -14.43 -3.52 -3.33
C PHE A 81 -14.90 -3.60 -4.78
N ASP A 82 -15.08 -2.45 -5.41
CA ASP A 82 -15.53 -2.38 -6.78
C ASP A 82 -14.35 -2.35 -7.75
N ARG A 83 -13.31 -1.60 -7.38
CA ARG A 83 -12.12 -1.49 -8.21
C ARG A 83 -11.32 -2.79 -8.20
N PRO A 84 -11.04 -3.32 -9.40
CA PRO A 84 -10.28 -4.57 -9.56
C PRO A 84 -8.82 -4.42 -9.18
N PRO A 85 -8.42 -5.07 -8.07
CA PRO A 85 -7.03 -5.01 -7.58
C PRO A 85 -6.07 -5.75 -8.49
N ALA A 86 -4.85 -5.22 -8.60
CA ALA A 86 -3.82 -5.83 -9.44
C ALA A 86 -3.37 -7.17 -8.87
N ARG A 87 -4.08 -8.24 -9.20
CA ARG A 87 -3.76 -9.57 -8.73
C ARG A 87 -4.00 -10.61 -9.81
N ARG A 88 -3.93 -10.18 -11.06
CA ARG A 88 -4.14 -11.09 -12.19
C ARG A 88 -3.24 -12.31 -12.09
N LYS A 89 -3.84 -13.49 -12.06
CA LYS A 89 -3.09 -14.74 -11.98
C LYS A 89 -3.71 -15.81 -12.85
N LEU A 90 -3.17 -17.02 -12.77
CA LEU A 90 -3.67 -18.15 -13.56
C LEU A 90 -5.15 -18.40 -13.27
N LEU A 91 -5.43 -18.99 -12.11
CA LEU A 91 -6.80 -19.29 -11.71
C LEU A 91 -7.36 -20.47 -12.49
N GLU A 92 -6.55 -20.99 -13.41
CA GLU A 92 -6.96 -22.13 -14.22
C GLU A 92 -6.44 -23.43 -13.64
N VAL A 93 -5.31 -23.35 -12.95
CA VAL A 93 -4.70 -24.52 -12.33
C VAL A 93 -5.12 -24.66 -10.87
N LEU A 94 -5.15 -25.90 -10.38
CA LEU A 94 -5.53 -26.17 -9.00
C LEU A 94 -5.36 -27.64 -8.66
N PHE A 95 -4.75 -27.92 -7.51
CA PHE A 95 -4.53 -29.29 -7.07
C PHE A 95 -5.41 -29.63 -5.88
N ASN A 96 -6.49 -30.37 -6.15
CA ASN A 96 -7.43 -30.76 -5.10
C ASN A 96 -7.37 -32.27 -4.86
N GLY A 97 -6.22 -32.87 -5.16
CA GLY A 97 -6.06 -34.30 -4.98
C GLY A 97 -6.93 -35.11 -5.93
N PRO A 98 -6.61 -35.04 -7.23
CA PRO A 98 -7.35 -35.76 -8.26
C PRO A 98 -7.13 -37.27 -8.18
N LEU A 99 -5.93 -37.67 -7.76
CA LEU A 99 -5.59 -39.08 -7.64
C LEU A 99 -5.98 -39.62 -6.27
N GLU A 100 -6.78 -40.69 -6.27
CA GLU A 100 -7.22 -41.31 -5.02
C GLU A 100 -6.29 -42.44 -4.61
N HIS A 101 -5.17 -42.57 -5.32
CA HIS A 101 -4.19 -43.61 -5.03
C HIS A 101 -4.79 -44.99 -5.24
#